data_1WEO
#
_entry.id   1WEO
#
_cell.length_a   1.000
_cell.length_b   1.000
_cell.length_c   1.000
_cell.angle_alpha   90.00
_cell.angle_beta   90.00
_cell.angle_gamma   90.00
#
_symmetry.space_group_name_H-M   'P 1'
#
loop_
_entity.id
_entity.type
_entity.pdbx_description
1 polymer 'cellulose synthase, catalytic subunit (IRX3)'
2 non-polymer 'ZINC ION'
#
_entity_poly.entity_id   1
_entity_poly.type   'polypeptide(L)'
_entity_poly.pdbx_seq_one_letter_code
;GSSGSSGPKPLKNLDGQFCEICGDQIGLTVEGDLFVACNECGFPACRPCYEYERREGTQNCPQCKTRYKRLRGSPRVEGD
EDEEDIDSGPSSG
;
_entity_poly.pdbx_strand_id   A
#
loop_
_chem_comp.id
_chem_comp.type
_chem_comp.name
_chem_comp.formula
ZN non-polymer 'ZINC ION' 'Zn 2'
#
# COMPACT_ATOMS: atom_id res chain seq x y z
N GLY A 1 -17.68 -22.16 -17.57
CA GLY A 1 -16.33 -22.59 -17.88
C GLY A 1 -15.52 -21.50 -18.56
N SER A 2 -14.32 -21.24 -18.04
CA SER A 2 -13.46 -20.21 -18.61
C SER A 2 -11.99 -20.62 -18.51
N SER A 3 -11.13 -19.88 -19.19
CA SER A 3 -9.70 -20.17 -19.18
C SER A 3 -8.91 -18.97 -18.65
N GLY A 4 -9.23 -17.79 -19.17
CA GLY A 4 -8.54 -16.58 -18.74
C GLY A 4 -8.65 -15.46 -19.76
N SER A 5 -7.85 -15.56 -20.83
CA SER A 5 -7.86 -14.55 -21.87
C SER A 5 -8.24 -15.16 -23.22
N SER A 6 -8.68 -14.31 -24.14
CA SER A 6 -9.09 -14.76 -25.47
C SER A 6 -7.87 -15.08 -26.34
N GLY A 7 -8.06 -15.98 -27.29
CA GLY A 7 -6.96 -16.36 -28.17
C GLY A 7 -6.01 -17.35 -27.51
N PRO A 8 -5.01 -17.81 -28.29
CA PRO A 8 -4.01 -18.77 -27.80
C PRO A 8 -3.07 -18.15 -26.78
N LYS A 9 -1.96 -17.61 -27.26
CA LYS A 9 -0.97 -16.98 -26.40
C LYS A 9 -1.62 -15.96 -25.48
N PRO A 10 -1.30 -16.02 -24.18
CA PRO A 10 -1.84 -15.12 -23.17
C PRO A 10 -1.31 -13.69 -23.33
N LEU A 11 -2.10 -12.71 -22.90
CA LEU A 11 -1.71 -11.31 -23.00
C LEU A 11 -1.20 -10.80 -21.66
N LYS A 12 -0.33 -9.80 -21.70
CA LYS A 12 0.22 -9.21 -20.48
C LYS A 12 -0.82 -9.21 -19.36
N ASN A 13 -0.59 -10.05 -18.36
CA ASN A 13 -1.50 -10.15 -17.23
C ASN A 13 -0.95 -11.08 -16.15
N LEU A 14 -1.58 -11.09 -14.98
CA LEU A 14 -1.14 -11.94 -13.88
C LEU A 14 0.33 -11.71 -13.57
N ASP A 15 0.77 -10.46 -13.66
CA ASP A 15 2.16 -10.11 -13.38
C ASP A 15 2.41 -10.06 -11.88
N GLY A 16 1.47 -9.49 -11.14
CA GLY A 16 1.61 -9.38 -9.70
C GLY A 16 1.20 -8.02 -9.17
N GLN A 17 1.39 -6.99 -9.99
CA GLN A 17 1.04 -5.63 -9.61
C GLN A 17 -0.30 -5.59 -8.88
N PHE A 18 -1.18 -6.53 -9.24
CA PHE A 18 -2.50 -6.61 -8.63
C PHE A 18 -2.40 -6.76 -7.12
N CYS A 19 -2.92 -5.78 -6.39
CA CYS A 19 -2.89 -5.81 -4.93
C CYS A 19 -3.30 -7.18 -4.41
N GLU A 20 -2.76 -7.54 -3.24
CA GLU A 20 -3.07 -8.83 -2.62
C GLU A 20 -4.08 -8.67 -1.49
N ILE A 21 -3.91 -7.60 -0.71
CA ILE A 21 -4.80 -7.33 0.41
C ILE A 21 -6.26 -7.47 0.00
N CYS A 22 -6.71 -6.60 -0.89
CA CYS A 22 -8.08 -6.62 -1.37
C CYS A 22 -8.18 -7.37 -2.69
N GLY A 23 -7.29 -7.04 -3.62
CA GLY A 23 -7.28 -7.68 -4.92
C GLY A 23 -7.20 -6.69 -6.06
N ASP A 24 -7.94 -5.58 -5.93
CA ASP A 24 -7.95 -4.55 -6.97
C ASP A 24 -6.57 -4.42 -7.61
N GLN A 25 -6.57 -4.03 -8.88
CA GLN A 25 -5.31 -3.87 -9.62
C GLN A 25 -4.64 -2.54 -9.27
N ILE A 26 -3.48 -2.63 -8.63
CA ILE A 26 -2.73 -1.45 -8.25
C ILE A 26 -2.53 -0.50 -9.43
N GLY A 27 -3.39 0.50 -9.53
CA GLY A 27 -3.29 1.46 -10.61
C GLY A 27 -1.96 2.17 -10.63
N LEU A 28 -1.96 3.43 -11.09
CA LEU A 28 -0.75 4.23 -11.15
C LEU A 28 -0.76 5.33 -10.11
N THR A 29 0.42 5.83 -9.77
CA THR A 29 0.55 6.90 -8.78
C THR A 29 -0.05 8.20 -9.30
N VAL A 30 0.02 9.24 -8.48
CA VAL A 30 -0.53 10.55 -8.85
C VAL A 30 0.21 11.11 -10.06
N GLU A 31 1.46 10.70 -10.25
CA GLU A 31 2.26 11.16 -11.37
C GLU A 31 2.07 10.28 -12.58
N GLY A 32 2.23 8.97 -12.40
CA GLY A 32 2.06 8.03 -13.49
C GLY A 32 2.79 6.73 -13.26
N ASP A 33 3.90 6.79 -12.51
CA ASP A 33 4.69 5.61 -12.21
C ASP A 33 3.86 4.57 -11.45
N LEU A 34 4.28 3.31 -11.53
CA LEU A 34 3.58 2.23 -10.86
C LEU A 34 3.58 2.44 -9.34
N PHE A 35 2.41 2.28 -8.72
CA PHE A 35 2.28 2.45 -7.29
C PHE A 35 2.69 1.17 -6.55
N VAL A 36 3.90 1.18 -6.00
CA VAL A 36 4.42 0.03 -5.26
C VAL A 36 4.50 0.31 -3.77
N ALA A 37 3.43 0.01 -3.05
CA ALA A 37 3.38 0.24 -1.62
C ALA A 37 4.71 -0.10 -0.96
N CYS A 38 5.09 -1.38 -1.03
CA CYS A 38 6.34 -1.84 -0.44
C CYS A 38 7.29 -2.35 -1.52
N ASN A 39 8.52 -1.88 -1.49
CA ASN A 39 9.53 -2.29 -2.47
C ASN A 39 10.54 -3.25 -1.84
N GLU A 40 10.85 -3.01 -0.57
CA GLU A 40 11.81 -3.85 0.14
C GLU A 40 11.51 -5.33 -0.08
N CYS A 41 10.29 -5.73 0.24
CA CYS A 41 9.87 -7.12 0.08
C CYS A 41 9.13 -7.31 -1.25
N GLY A 42 8.29 -6.35 -1.59
CA GLY A 42 7.52 -6.43 -2.82
C GLY A 42 6.08 -6.81 -2.59
N PHE A 43 5.49 -6.28 -1.52
CA PHE A 43 4.11 -6.58 -1.19
C PHE A 43 3.15 -5.72 -2.01
N PRO A 44 2.34 -6.38 -2.85
CA PRO A 44 1.37 -5.69 -3.72
C PRO A 44 0.22 -5.08 -2.92
N ALA A 45 0.32 -3.78 -2.66
CA ALA A 45 -0.73 -3.08 -1.91
C ALA A 45 -1.12 -1.78 -2.60
N CYS A 46 -2.37 -1.70 -3.04
CA CYS A 46 -2.87 -0.51 -3.73
C CYS A 46 -2.71 0.73 -2.86
N ARG A 47 -3.21 1.85 -3.34
CA ARG A 47 -3.12 3.11 -2.60
C ARG A 47 -4.00 3.06 -1.35
N PRO A 48 -5.29 2.71 -1.55
CA PRO A 48 -6.25 2.62 -0.45
C PRO A 48 -5.97 1.45 0.49
N CYS A 49 -4.79 0.85 0.34
CA CYS A 49 -4.40 -0.28 1.16
C CYS A 49 -3.15 0.05 1.99
N TYR A 50 -2.27 0.87 1.42
CA TYR A 50 -1.05 1.26 2.11
C TYR A 50 -1.33 2.33 3.15
N GLU A 51 -1.97 3.41 2.73
CA GLU A 51 -2.31 4.51 3.61
C GLU A 51 -2.93 4.00 4.91
N TYR A 52 -4.06 3.31 4.78
CA TYR A 52 -4.76 2.76 5.94
C TYR A 52 -3.77 2.13 6.92
N GLU A 53 -3.04 1.13 6.44
CA GLU A 53 -2.06 0.43 7.27
C GLU A 53 -1.36 1.40 8.22
N ARG A 54 -1.20 2.64 7.77
CA ARG A 54 -0.55 3.67 8.57
C ARG A 54 -1.58 4.52 9.32
N ARG A 55 -2.75 4.71 8.69
CA ARG A 55 -3.81 5.50 9.29
C ARG A 55 -4.37 4.81 10.53
N GLU A 56 -4.97 3.64 10.33
CA GLU A 56 -5.55 2.88 11.43
C GLU A 56 -4.72 1.63 11.73
N GLY A 57 -3.95 1.20 10.74
CA GLY A 57 -3.12 0.02 10.91
C GLY A 57 -2.03 0.22 11.94
N THR A 58 -0.91 -0.47 11.74
CA THR A 58 0.22 -0.36 12.67
C THR A 58 1.41 0.33 12.01
N GLN A 59 1.29 0.59 10.70
CA GLN A 59 2.36 1.24 9.97
C GLN A 59 3.52 0.28 9.72
N ASN A 60 3.20 -0.99 9.49
CA ASN A 60 4.21 -2.01 9.24
C ASN A 60 3.72 -3.04 8.22
N CYS A 61 4.43 -3.14 7.10
CA CYS A 61 4.06 -4.07 6.05
C CYS A 61 3.66 -5.42 6.65
N PRO A 62 2.43 -5.86 6.33
CA PRO A 62 1.89 -7.13 6.81
C PRO A 62 2.58 -8.33 6.19
N GLN A 63 3.60 -8.06 5.37
CA GLN A 63 4.35 -9.12 4.71
C GLN A 63 5.79 -9.17 5.21
N CYS A 64 6.38 -8.00 5.37
CA CYS A 64 7.76 -7.90 5.84
C CYS A 64 7.84 -7.10 7.14
N LYS A 65 6.83 -6.27 7.38
CA LYS A 65 6.79 -5.45 8.58
C LYS A 65 8.03 -4.54 8.67
N THR A 66 8.32 -3.85 7.58
CA THR A 66 9.47 -2.95 7.53
C THR A 66 9.03 -1.49 7.64
N ARG A 67 9.98 -0.63 7.97
CA ARG A 67 9.70 0.80 8.12
C ARG A 67 9.07 1.35 6.85
N TYR A 68 7.98 2.10 7.02
CA TYR A 68 7.28 2.70 5.88
C TYR A 68 7.86 4.06 5.53
N LYS A 69 7.23 4.74 4.58
CA LYS A 69 7.69 6.05 4.14
C LYS A 69 6.53 6.87 3.59
N ARG A 70 6.51 8.16 3.91
CA ARG A 70 5.46 9.05 3.44
C ARG A 70 5.30 8.96 1.92
N LEU A 71 4.19 8.39 1.48
CA LEU A 71 3.92 8.24 0.05
C LEU A 71 3.26 9.49 -0.51
N ARG A 72 2.88 9.43 -1.79
CA ARG A 72 2.24 10.56 -2.45
C ARG A 72 0.90 10.87 -1.80
N GLY A 73 0.01 9.89 -1.79
CA GLY A 73 -1.30 10.08 -1.20
C GLY A 73 -1.40 9.52 0.21
N SER A 74 -0.29 9.61 0.95
CA SER A 74 -0.25 9.10 2.32
C SER A 74 0.40 10.11 3.25
N PRO A 75 -0.43 10.85 4.00
CA PRO A 75 0.05 11.87 4.95
C PRO A 75 0.73 11.25 6.16
N ARG A 76 1.79 11.91 6.64
CA ARG A 76 2.53 11.42 7.80
C ARG A 76 1.59 10.93 8.89
N VAL A 77 2.05 9.99 9.70
CA VAL A 77 1.25 9.45 10.78
C VAL A 77 2.05 9.38 12.08
N GLU A 78 1.39 8.95 13.15
CA GLU A 78 2.05 8.84 14.45
C GLU A 78 2.77 7.49 14.58
N GLY A 79 3.98 7.43 14.05
CA GLY A 79 4.75 6.21 14.11
C GLY A 79 5.50 5.91 12.82
N ASP A 80 5.98 6.97 12.18
CA ASP A 80 6.70 6.82 10.92
C ASP A 80 8.17 6.44 11.18
N GLU A 81 8.76 7.10 12.16
CA GLU A 81 10.16 6.84 12.51
C GLU A 81 10.41 7.13 14.00
N ASP A 82 11.11 6.21 14.66
CA ASP A 82 11.42 6.36 16.07
C ASP A 82 12.93 6.44 16.29
N GLU A 83 13.33 6.76 17.52
CA GLU A 83 14.73 6.88 17.86
C GLU A 83 15.22 5.63 18.60
N GLU A 84 16.50 5.30 18.41
CA GLU A 84 17.09 4.14 19.07
C GLU A 84 16.64 4.05 20.52
N ASP A 85 16.33 2.84 20.97
CA ASP A 85 15.89 2.61 22.34
C ASP A 85 16.55 1.37 22.92
N ILE A 86 16.43 1.20 24.24
CA ILE A 86 17.02 0.05 24.92
C ILE A 86 16.05 -1.14 24.91
N ASP A 87 15.25 -1.24 23.85
CA ASP A 87 14.29 -2.33 23.71
C ASP A 87 14.78 -3.36 22.70
N SER A 88 15.40 -4.43 23.21
CA SER A 88 15.92 -5.49 22.35
C SER A 88 15.21 -6.80 22.63
N GLY A 89 15.33 -7.75 21.70
CA GLY A 89 14.71 -9.04 21.87
C GLY A 89 13.62 -9.30 20.83
N PRO A 90 14.03 -9.80 19.66
CA PRO A 90 13.10 -10.11 18.57
C PRO A 90 12.19 -11.29 18.88
N SER A 91 11.06 -11.01 19.51
CA SER A 91 10.10 -12.05 19.87
C SER A 91 9.71 -12.87 18.64
N SER A 92 9.12 -12.21 17.67
CA SER A 92 8.69 -12.88 16.44
C SER A 92 9.37 -12.26 15.21
N GLY A 93 9.95 -13.12 14.38
CA GLY A 93 10.63 -12.65 13.19
C GLY A 93 11.43 -11.39 13.44
ZN ZN B . -5.75 -3.29 -2.18
ZN ZN C . 6.95 -5.37 2.55
N GLY A 1 -14.83 -3.27 0.51
CA GLY A 1 -14.26 -4.14 -0.51
C GLY A 1 -14.04 -5.55 0.00
N SER A 2 -13.87 -6.49 -0.92
CA SER A 2 -13.65 -7.89 -0.57
C SER A 2 -12.27 -8.09 0.04
N SER A 3 -12.08 -9.23 0.70
CA SER A 3 -10.80 -9.54 1.34
C SER A 3 -10.41 -10.99 1.08
N GLY A 4 -9.30 -11.19 0.38
CA GLY A 4 -8.84 -12.53 0.08
C GLY A 4 -8.35 -12.67 -1.35
N SER A 5 -7.41 -13.58 -1.57
CA SER A 5 -6.85 -13.80 -2.90
C SER A 5 -6.38 -15.25 -3.05
N SER A 6 -6.36 -15.73 -4.28
CA SER A 6 -5.94 -17.09 -4.57
C SER A 6 -4.78 -17.10 -5.56
N GLY A 7 -4.95 -16.41 -6.68
CA GLY A 7 -3.91 -16.35 -7.69
C GLY A 7 -3.68 -17.69 -8.35
N PRO A 8 -4.38 -17.93 -9.48
CA PRO A 8 -4.26 -19.19 -10.23
C PRO A 8 -2.91 -19.31 -10.93
N LYS A 9 -2.75 -20.39 -11.69
CA LYS A 9 -1.50 -20.62 -12.42
C LYS A 9 -0.89 -19.31 -12.89
N PRO A 10 0.44 -19.23 -12.84
CA PRO A 10 1.18 -18.03 -13.26
C PRO A 10 1.14 -17.84 -14.78
N LEU A 11 0.26 -16.94 -15.22
CA LEU A 11 0.12 -16.66 -16.65
C LEU A 11 0.45 -15.20 -16.95
N LYS A 12 0.67 -14.90 -18.23
CA LYS A 12 0.99 -13.54 -18.65
C LYS A 12 0.15 -12.52 -17.88
N ASN A 13 -1.14 -12.79 -17.77
CA ASN A 13 -2.05 -11.90 -17.06
C ASN A 13 -1.70 -11.84 -15.58
N LEU A 14 -2.32 -10.89 -14.87
CA LEU A 14 -2.09 -10.73 -13.45
C LEU A 14 -0.59 -10.65 -13.15
N ASP A 15 0.14 -9.95 -14.00
CA ASP A 15 1.58 -9.80 -13.83
C ASP A 15 1.95 -9.71 -12.36
N GLY A 16 1.21 -8.90 -11.62
CA GLY A 16 1.47 -8.74 -10.20
C GLY A 16 1.00 -7.40 -9.66
N GLN A 17 1.23 -6.36 -10.43
CA GLN A 17 0.83 -5.01 -10.04
C GLN A 17 -0.47 -5.04 -9.24
N PHE A 18 -1.35 -5.99 -9.58
CA PHE A 18 -2.62 -6.13 -8.90
C PHE A 18 -2.43 -6.38 -7.41
N CYS A 19 -3.03 -5.53 -6.58
CA CYS A 19 -2.91 -5.66 -5.13
C CYS A 19 -3.25 -7.08 -4.69
N GLU A 20 -2.62 -7.52 -3.60
CA GLU A 20 -2.85 -8.86 -3.07
C GLU A 20 -3.77 -8.80 -1.86
N ILE A 21 -3.60 -7.77 -1.04
CA ILE A 21 -4.43 -7.61 0.16
C ILE A 21 -5.90 -7.73 -0.17
N CYS A 22 -6.38 -6.88 -1.08
CA CYS A 22 -7.78 -6.89 -1.48
C CYS A 22 -7.94 -7.53 -2.86
N GLY A 23 -7.06 -7.17 -3.78
CA GLY A 23 -7.12 -7.71 -5.12
C GLY A 23 -7.15 -6.63 -6.19
N ASP A 24 -7.92 -5.58 -5.93
CA ASP A 24 -8.03 -4.47 -6.88
C ASP A 24 -6.71 -4.22 -7.59
N GLN A 25 -6.80 -3.79 -8.85
CA GLN A 25 -5.61 -3.52 -9.64
C GLN A 25 -4.95 -2.20 -9.22
N ILE A 26 -3.76 -2.30 -8.67
CA ILE A 26 -3.02 -1.12 -8.22
C ILE A 26 -2.83 -0.13 -9.37
N GLY A 27 -3.49 1.02 -9.27
CA GLY A 27 -3.37 2.04 -10.31
C GLY A 27 -2.01 2.70 -10.31
N LEU A 28 -1.98 3.99 -10.64
CA LEU A 28 -0.73 4.74 -10.69
C LEU A 28 -0.71 5.83 -9.62
N THR A 29 0.44 6.46 -9.45
CA THR A 29 0.60 7.52 -8.46
C THR A 29 0.16 8.87 -9.03
N VAL A 30 0.29 9.91 -8.23
CA VAL A 30 -0.09 11.26 -8.64
C VAL A 30 0.64 11.66 -9.92
N GLU A 31 1.92 11.31 -10.00
CA GLU A 31 2.73 11.64 -11.18
C GLU A 31 2.29 10.80 -12.37
N GLY A 32 2.34 9.49 -12.21
CA GLY A 32 1.96 8.59 -13.30
C GLY A 32 2.79 7.33 -13.33
N ASP A 33 3.16 6.83 -12.15
CA ASP A 33 3.97 5.63 -12.05
C ASP A 33 3.30 4.59 -11.15
N LEU A 34 3.73 3.34 -11.26
CA LEU A 34 3.17 2.26 -10.45
C LEU A 34 3.35 2.55 -8.96
N PHE A 35 2.25 2.51 -8.22
CA PHE A 35 2.27 2.76 -6.79
C PHE A 35 2.94 1.60 -6.05
N VAL A 36 4.25 1.70 -5.87
CA VAL A 36 5.00 0.66 -5.17
C VAL A 36 4.86 0.80 -3.66
N ALA A 37 3.78 0.24 -3.12
CA ALA A 37 3.52 0.30 -1.69
C ALA A 37 4.78 -0.04 -0.89
N CYS A 38 5.29 -1.24 -1.08
CA CYS A 38 6.49 -1.69 -0.39
C CYS A 38 7.61 -2.02 -1.38
N ASN A 39 8.84 -1.70 -1.00
CA ASN A 39 10.00 -1.96 -1.86
C ASN A 39 10.93 -2.98 -1.21
N GLU A 40 11.06 -2.90 0.12
CA GLU A 40 11.93 -3.81 0.85
C GLU A 40 11.70 -5.25 0.40
N CYS A 41 10.48 -5.72 0.55
CA CYS A 41 10.12 -7.09 0.16
C CYS A 41 9.45 -7.11 -1.20
N GLY A 42 8.59 -6.13 -1.45
CA GLY A 42 7.89 -6.05 -2.72
C GLY A 42 6.47 -6.53 -2.62
N PHE A 43 5.81 -6.22 -1.51
CA PHE A 43 4.42 -6.62 -1.30
C PHE A 43 3.46 -5.66 -1.97
N PRO A 44 2.61 -6.19 -2.87
CA PRO A 44 1.63 -5.38 -3.60
C PRO A 44 0.52 -4.87 -2.69
N ALA A 45 0.29 -3.56 -2.73
CA ALA A 45 -0.76 -2.94 -1.92
C ALA A 45 -1.24 -1.64 -2.55
N CYS A 46 -2.49 -1.64 -2.99
CA CYS A 46 -3.07 -0.45 -3.62
C CYS A 46 -2.96 0.75 -2.69
N ARG A 47 -3.51 1.89 -3.13
CA ARG A 47 -3.47 3.11 -2.35
C ARG A 47 -4.32 2.97 -1.09
N PRO A 48 -5.59 2.57 -1.27
CA PRO A 48 -6.53 2.40 -0.16
C PRO A 48 -6.18 1.20 0.72
N CYS A 49 -4.95 0.71 0.57
CA CYS A 49 -4.49 -0.44 1.34
C CYS A 49 -3.24 -0.08 2.15
N TYR A 50 -2.36 0.71 1.55
CA TYR A 50 -1.14 1.13 2.21
C TYR A 50 -1.38 2.33 3.12
N GLU A 51 -2.05 3.34 2.60
CA GLU A 51 -2.36 4.54 3.36
C GLU A 51 -3.02 4.18 4.68
N TYR A 52 -4.11 3.43 4.61
CA TYR A 52 -4.84 3.01 5.79
C TYR A 52 -3.92 2.36 6.82
N GLU A 53 -3.11 1.41 6.34
CA GLU A 53 -2.17 0.71 7.21
C GLU A 53 -1.46 1.68 8.15
N ARG A 54 -1.24 2.90 7.66
CA ARG A 54 -0.57 3.93 8.45
C ARG A 54 -1.58 4.79 9.20
N ARG A 55 -2.64 5.19 8.52
CA ARG A 55 -3.68 6.01 9.13
C ARG A 55 -4.08 5.46 10.49
N GLU A 56 -4.71 4.29 10.49
CA GLU A 56 -5.15 3.65 11.73
C GLU A 56 -4.57 2.26 11.86
N GLY A 57 -3.98 1.76 10.77
CA GLY A 57 -3.40 0.43 10.78
C GLY A 57 -2.30 0.29 11.81
N THR A 58 -1.34 -0.58 11.54
CA THR A 58 -0.22 -0.81 12.45
C THR A 58 1.06 -0.19 11.93
N GLN A 59 1.00 0.33 10.70
CA GLN A 59 2.16 0.96 10.07
C GLN A 59 3.29 -0.05 9.91
N ASN A 60 2.94 -1.28 9.53
CA ASN A 60 3.93 -2.33 9.34
C ASN A 60 3.48 -3.30 8.25
N CYS A 61 4.31 -3.48 7.24
CA CYS A 61 4.00 -4.39 6.14
C CYS A 61 3.61 -5.76 6.66
N PRO A 62 2.42 -6.23 6.27
CA PRO A 62 1.90 -7.54 6.69
C PRO A 62 2.67 -8.70 6.05
N GLN A 63 3.70 -8.36 5.28
CA GLN A 63 4.51 -9.38 4.61
C GLN A 63 5.93 -9.38 5.19
N CYS A 64 6.51 -8.20 5.35
CA CYS A 64 7.86 -8.08 5.88
C CYS A 64 7.86 -7.29 7.19
N LYS A 65 6.79 -6.53 7.40
CA LYS A 65 6.66 -5.73 8.62
C LYS A 65 7.83 -4.77 8.77
N THR A 66 8.08 -3.99 7.72
CA THR A 66 9.18 -3.02 7.73
C THR A 66 8.66 -1.60 7.92
N ARG A 67 9.54 -0.71 8.37
CA ARG A 67 9.17 0.68 8.59
C ARG A 67 8.62 1.31 7.31
N TYR A 68 7.48 1.99 7.43
CA TYR A 68 6.86 2.64 6.29
C TYR A 68 7.48 4.01 6.03
N LYS A 69 6.98 4.68 5.00
CA LYS A 69 7.48 6.01 4.64
C LYS A 69 6.40 6.84 3.95
N ARG A 70 6.32 8.11 4.30
CA ARG A 70 5.33 9.01 3.72
C ARG A 70 5.35 8.92 2.20
N LEU A 71 4.20 8.57 1.62
CA LEU A 71 4.08 8.44 0.17
C LEU A 71 3.37 9.66 -0.42
N ARG A 72 3.33 9.71 -1.74
CA ARG A 72 2.68 10.82 -2.43
C ARG A 72 1.32 11.13 -1.82
N GLY A 73 0.46 10.12 -1.75
CA GLY A 73 -0.86 10.31 -1.18
C GLY A 73 -0.86 10.18 0.34
N SER A 74 -0.37 9.05 0.83
CA SER A 74 -0.32 8.82 2.28
C SER A 74 0.22 10.03 3.00
N PRO A 75 -0.69 10.77 3.66
CA PRO A 75 -0.33 11.99 4.42
C PRO A 75 0.46 11.67 5.68
N ARG A 76 0.64 12.67 6.54
CA ARG A 76 1.37 12.49 7.77
C ARG A 76 0.57 11.68 8.78
N VAL A 77 1.26 11.02 9.70
CA VAL A 77 0.60 10.21 10.72
C VAL A 77 1.40 10.21 12.01
N GLU A 78 0.92 9.47 13.00
CA GLU A 78 1.58 9.38 14.30
C GLU A 78 2.91 8.66 14.18
N GLY A 79 3.56 8.42 15.32
CA GLY A 79 4.84 7.74 15.33
C GLY A 79 5.68 8.08 14.12
N ASP A 80 5.55 9.31 13.63
CA ASP A 80 6.31 9.76 12.47
C ASP A 80 7.67 10.30 12.88
N GLU A 81 7.67 11.14 13.91
CA GLU A 81 8.91 11.73 14.40
C GLU A 81 8.70 12.36 15.77
N ASP A 82 9.53 11.94 16.74
CA ASP A 82 9.43 12.47 18.10
C ASP A 82 10.54 13.48 18.37
N GLU A 83 10.52 14.06 19.56
CA GLU A 83 11.53 15.06 19.94
C GLU A 83 12.12 14.74 21.31
N GLU A 84 12.55 13.49 21.48
CA GLU A 84 13.13 13.06 22.75
C GLU A 84 13.94 11.77 22.56
N ASP A 85 14.88 11.54 23.46
CA ASP A 85 15.71 10.34 23.40
C ASP A 85 15.27 9.31 24.43
N ILE A 86 13.96 9.11 24.51
CA ILE A 86 13.40 8.14 25.45
C ILE A 86 13.99 6.75 25.24
N ASP A 87 14.28 6.06 26.34
CA ASP A 87 14.86 4.73 26.27
C ASP A 87 13.76 3.67 26.25
N SER A 88 13.35 3.28 25.05
CA SER A 88 12.29 2.28 24.89
C SER A 88 12.78 1.10 24.04
N GLY A 89 12.19 -0.07 24.27
CA GLY A 89 12.59 -1.24 23.52
C GLY A 89 12.45 -2.51 24.33
N PRO A 90 11.21 -2.94 24.57
CA PRO A 90 10.92 -4.15 25.35
C PRO A 90 11.30 -5.42 24.60
N SER A 91 12.55 -5.83 24.76
CA SER A 91 13.05 -7.04 24.10
C SER A 91 12.46 -8.29 24.74
N SER A 92 11.87 -9.15 23.91
CA SER A 92 11.26 -10.38 24.39
C SER A 92 12.11 -11.59 24.01
N GLY A 93 12.41 -11.70 22.71
CA GLY A 93 13.21 -12.81 22.23
C GLY A 93 12.56 -13.53 21.06
ZN ZN B . -5.65 -3.43 -2.04
ZN ZN C . 6.95 -5.42 2.60
N GLY A 1 5.72 2.83 -37.49
CA GLY A 1 5.16 2.06 -36.38
C GLY A 1 3.77 2.52 -36.00
N SER A 2 2.97 1.60 -35.46
CA SER A 2 1.61 1.93 -35.06
C SER A 2 0.97 0.75 -34.34
N SER A 3 0.25 1.04 -33.25
CA SER A 3 -0.41 0.01 -32.47
C SER A 3 -1.64 0.56 -31.77
N GLY A 4 -2.37 -0.31 -31.09
CA GLY A 4 -3.58 0.11 -30.38
C GLY A 4 -4.82 -0.60 -30.88
N SER A 5 -5.30 -1.56 -30.11
CA SER A 5 -6.50 -2.32 -30.48
C SER A 5 -7.51 -2.32 -29.34
N SER A 6 -8.68 -1.76 -29.61
CA SER A 6 -9.75 -1.69 -28.61
C SER A 6 -10.67 -2.90 -28.72
N GLY A 7 -10.08 -4.07 -28.93
CA GLY A 7 -10.87 -5.29 -29.05
C GLY A 7 -10.96 -6.05 -27.73
N PRO A 8 -11.13 -7.37 -27.83
CA PRO A 8 -11.24 -8.24 -26.65
C PRO A 8 -9.93 -8.36 -25.89
N LYS A 9 -10.01 -8.39 -24.57
CA LYS A 9 -8.83 -8.51 -23.72
C LYS A 9 -8.54 -9.97 -23.37
N PRO A 10 -7.25 -10.33 -23.34
CA PRO A 10 -6.83 -11.70 -23.02
C PRO A 10 -7.06 -12.05 -21.55
N LEU A 11 -7.06 -13.35 -21.25
CA LEU A 11 -7.27 -13.80 -19.88
C LEU A 11 -6.30 -13.14 -18.92
N LYS A 12 -6.64 -13.16 -17.63
CA LYS A 12 -5.79 -12.55 -16.61
C LYS A 12 -4.32 -12.68 -16.97
N ASN A 13 -3.53 -11.67 -16.61
CA ASN A 13 -2.10 -11.69 -16.89
C ASN A 13 -1.30 -11.90 -15.61
N LEU A 14 -0.08 -12.42 -15.76
CA LEU A 14 0.79 -12.68 -14.62
C LEU A 14 1.65 -11.46 -14.30
N ASP A 15 1.04 -10.28 -14.36
CA ASP A 15 1.75 -9.04 -14.08
C ASP A 15 2.16 -8.96 -12.61
N GLY A 16 1.18 -9.07 -11.72
CA GLY A 16 1.46 -9.02 -10.30
C GLY A 16 1.06 -7.70 -9.68
N GLN A 17 1.25 -6.61 -10.42
CA GLN A 17 0.91 -5.28 -9.93
C GLN A 17 -0.39 -5.32 -9.13
N PHE A 18 -1.27 -6.25 -9.48
CA PHE A 18 -2.56 -6.40 -8.80
C PHE A 18 -2.36 -6.63 -7.31
N CYS A 19 -2.89 -5.73 -6.49
CA CYS A 19 -2.78 -5.84 -5.05
C CYS A 19 -3.10 -7.26 -4.58
N GLU A 20 -2.48 -7.66 -3.47
CA GLU A 20 -2.71 -9.00 -2.92
C GLU A 20 -3.64 -8.94 -1.71
N ILE A 21 -3.46 -7.91 -0.90
CA ILE A 21 -4.30 -7.74 0.29
C ILE A 21 -5.78 -7.92 -0.03
N CYS A 22 -6.29 -7.06 -0.92
CA CYS A 22 -7.68 -7.12 -1.32
C CYS A 22 -7.84 -7.86 -2.64
N GLY A 23 -6.99 -7.51 -3.62
CA GLY A 23 -7.04 -8.15 -4.91
C GLY A 23 -7.12 -7.15 -6.05
N ASP A 24 -7.86 -6.08 -5.84
CA ASP A 24 -8.01 -5.04 -6.86
C ASP A 24 -6.69 -4.77 -7.56
N GLN A 25 -6.75 -4.14 -8.72
CA GLN A 25 -5.56 -3.82 -9.49
C GLN A 25 -4.96 -2.49 -9.07
N ILE A 26 -3.73 -2.52 -8.58
CA ILE A 26 -3.05 -1.32 -8.13
C ILE A 26 -2.95 -0.29 -9.26
N GLY A 27 -3.65 0.83 -9.10
CA GLY A 27 -3.64 1.87 -10.11
C GLY A 27 -2.27 2.52 -10.25
N LEU A 28 -2.25 3.79 -10.62
CA LEU A 28 -1.00 4.52 -10.79
C LEU A 28 -0.85 5.60 -9.72
N THR A 29 0.33 6.21 -9.66
CA THR A 29 0.61 7.25 -8.69
C THR A 29 0.16 8.61 -9.20
N VAL A 30 0.10 9.60 -8.31
CA VAL A 30 -0.31 10.95 -8.66
C VAL A 30 0.36 11.40 -9.96
N GLU A 31 1.62 10.99 -10.14
CA GLU A 31 2.37 11.35 -11.33
C GLU A 31 2.03 10.43 -12.49
N GLY A 32 2.14 9.13 -12.25
CA GLY A 32 1.83 8.15 -13.30
C GLY A 32 2.49 6.81 -13.05
N ASP A 33 3.67 6.84 -12.41
CA ASP A 33 4.40 5.62 -12.11
C ASP A 33 3.55 4.65 -11.30
N LEU A 34 3.96 3.40 -11.26
CA LEU A 34 3.24 2.37 -10.52
C LEU A 34 3.34 2.62 -9.01
N PHE A 35 2.20 2.58 -8.34
CA PHE A 35 2.15 2.80 -6.90
C PHE A 35 2.83 1.66 -6.15
N VAL A 36 4.08 1.87 -5.74
CA VAL A 36 4.83 0.86 -5.02
C VAL A 36 4.68 1.03 -3.51
N ALA A 37 3.64 0.42 -2.95
CA ALA A 37 3.39 0.50 -1.51
C ALA A 37 4.64 0.14 -0.72
N CYS A 38 5.12 -1.09 -0.89
CA CYS A 38 6.30 -1.56 -0.18
C CYS A 38 7.46 -1.79 -1.15
N ASN A 39 8.68 -1.71 -0.64
CA ASN A 39 9.87 -1.91 -1.46
C ASN A 39 10.79 -2.93 -0.82
N GLU A 40 10.90 -2.89 0.50
CA GLU A 40 11.76 -3.82 1.23
C GLU A 40 11.56 -5.25 0.73
N CYS A 41 10.33 -5.73 0.81
CA CYS A 41 10.00 -7.08 0.37
C CYS A 41 9.38 -7.06 -1.02
N GLY A 42 8.52 -6.07 -1.27
CA GLY A 42 7.87 -5.96 -2.56
C GLY A 42 6.45 -6.49 -2.53
N PHE A 43 5.72 -6.18 -1.46
CA PHE A 43 4.34 -6.63 -1.32
C PHE A 43 3.39 -5.69 -2.06
N PRO A 44 2.60 -6.26 -2.97
CA PRO A 44 1.62 -5.50 -3.76
C PRO A 44 0.46 -4.99 -2.92
N ALA A 45 0.45 -3.69 -2.63
CA ALA A 45 -0.61 -3.09 -1.85
C ALA A 45 -1.10 -1.79 -2.49
N CYS A 46 -2.35 -1.78 -2.91
CA CYS A 46 -2.94 -0.60 -3.54
C CYS A 46 -2.84 0.61 -2.63
N ARG A 47 -3.42 1.72 -3.07
CA ARG A 47 -3.39 2.95 -2.29
C ARG A 47 -4.23 2.81 -1.02
N PRO A 48 -5.49 2.39 -1.19
CA PRO A 48 -6.41 2.20 -0.07
C PRO A 48 -6.02 1.03 0.82
N CYS A 49 -4.82 0.50 0.60
CA CYS A 49 -4.34 -0.63 1.38
C CYS A 49 -3.09 -0.25 2.17
N TYR A 50 -2.23 0.56 1.54
CA TYR A 50 -0.99 0.99 2.18
C TYR A 50 -1.23 2.21 3.07
N GLU A 51 -2.02 3.15 2.57
CA GLU A 51 -2.33 4.36 3.32
C GLU A 51 -2.99 4.02 4.65
N TYR A 52 -3.99 3.14 4.60
CA TYR A 52 -4.71 2.73 5.80
C TYR A 52 -3.75 2.19 6.86
N GLU A 53 -2.72 1.48 6.40
CA GLU A 53 -1.73 0.90 7.30
C GLU A 53 -1.14 1.97 8.22
N ARG A 54 -0.86 3.15 7.65
CA ARG A 54 -0.30 4.25 8.41
C ARG A 54 -1.39 5.00 9.18
N ARG A 55 -2.59 5.02 8.62
CA ARG A 55 -3.71 5.70 9.25
C ARG A 55 -4.09 5.01 10.55
N GLU A 56 -4.66 3.81 10.45
CA GLU A 56 -5.07 3.05 11.62
C GLU A 56 -4.13 1.87 11.86
N GLY A 57 -3.57 1.33 10.78
CA GLY A 57 -2.66 0.21 10.89
C GLY A 57 -1.51 0.48 11.83
N THR A 58 -0.48 -0.35 11.75
CA THR A 58 0.69 -0.20 12.61
C THR A 58 1.91 0.24 11.79
N GLN A 59 1.66 0.86 10.64
CA GLN A 59 2.72 1.33 9.77
C GLN A 59 3.74 0.22 9.50
N ASN A 60 3.25 -1.01 9.41
CA ASN A 60 4.10 -2.16 9.15
C ASN A 60 3.54 -3.02 8.02
N CYS A 61 4.41 -3.40 7.08
CA CYS A 61 4.01 -4.23 5.95
C CYS A 61 3.44 -5.56 6.43
N PRO A 62 2.28 -5.93 5.88
CA PRO A 62 1.61 -7.20 6.23
C PRO A 62 2.36 -8.42 5.71
N GLN A 63 3.53 -8.18 5.11
CA GLN A 63 4.34 -9.25 4.57
C GLN A 63 5.72 -9.28 5.23
N CYS A 64 6.32 -8.10 5.39
CA CYS A 64 7.63 -7.99 6.00
C CYS A 64 7.57 -7.14 7.27
N LYS A 65 6.46 -6.43 7.45
CA LYS A 65 6.27 -5.57 8.61
C LYS A 65 7.43 -4.60 8.76
N THR A 66 7.74 -3.88 7.68
CA THR A 66 8.82 -2.91 7.68
C THR A 66 8.30 -1.50 7.92
N ARG A 67 9.17 -0.62 8.39
CA ARG A 67 8.79 0.76 8.67
C ARG A 67 8.30 1.46 7.39
N TYR A 68 7.09 1.98 7.44
CA TYR A 68 6.51 2.66 6.29
C TYR A 68 7.09 4.06 6.13
N LYS A 69 6.70 4.75 5.06
CA LYS A 69 7.19 6.09 4.79
C LYS A 69 6.10 6.94 4.13
N ARG A 70 5.97 8.18 4.58
CA ARG A 70 4.98 9.10 4.04
C ARG A 70 5.09 9.18 2.52
N LEU A 71 4.03 8.79 1.82
CA LEU A 71 4.01 8.82 0.36
C LEU A 71 3.24 10.03 -0.15
N ARG A 72 3.06 10.11 -1.46
CA ARG A 72 2.34 11.21 -2.07
C ARG A 72 0.97 11.40 -1.42
N GLY A 73 0.19 10.32 -1.37
CA GLY A 73 -1.13 10.39 -0.77
C GLY A 73 -1.08 10.30 0.75
N SER A 74 -0.57 9.18 1.26
CA SER A 74 -0.48 8.98 2.69
C SER A 74 -0.18 10.28 3.41
N PRO A 75 -1.22 10.90 3.99
CA PRO A 75 -1.09 12.15 4.73
C PRO A 75 -0.33 11.99 6.04
N ARG A 76 -0.07 13.11 6.70
CA ARG A 76 0.65 13.09 7.98
C ARG A 76 -0.05 12.18 8.98
N VAL A 77 0.74 11.56 9.86
CA VAL A 77 0.18 10.67 10.87
C VAL A 77 1.01 10.72 12.15
N GLU A 78 0.65 9.87 13.11
CA GLU A 78 1.36 9.82 14.39
C GLU A 78 1.80 11.22 14.82
N GLY A 79 0.92 12.20 14.62
CA GLY A 79 1.24 13.57 14.99
C GLY A 79 0.70 14.58 13.98
N ASP A 80 -0.39 14.22 13.31
CA ASP A 80 -1.00 15.10 12.32
C ASP A 80 -2.20 15.83 12.92
N GLU A 81 -3.26 15.08 13.20
CA GLU A 81 -4.47 15.65 13.77
C GLU A 81 -4.89 14.91 15.05
N ASP A 82 -4.14 13.85 15.37
CA ASP A 82 -4.44 13.06 16.55
C ASP A 82 -3.14 12.71 17.30
N GLU A 83 -3.28 11.94 18.37
CA GLU A 83 -2.13 11.53 19.17
C GLU A 83 -2.40 10.22 19.91
N GLU A 84 -1.37 9.42 20.07
CA GLU A 84 -1.50 8.13 20.75
C GLU A 84 -2.51 8.23 21.90
N ASP A 85 -3.41 7.26 21.97
CA ASP A 85 -4.43 7.23 23.01
C ASP A 85 -4.25 6.01 23.92
N ILE A 86 -3.87 6.25 25.16
CA ILE A 86 -3.67 5.17 26.13
C ILE A 86 -4.64 4.03 25.87
N ASP A 87 -4.12 2.80 25.90
CA ASP A 87 -4.94 1.62 25.67
C ASP A 87 -4.60 0.53 26.69
N SER A 88 -5.55 0.25 27.59
CA SER A 88 -5.34 -0.75 28.61
C SER A 88 -5.65 -2.15 28.07
N GLY A 89 -4.61 -2.85 27.64
CA GLY A 89 -4.79 -4.19 27.10
C GLY A 89 -3.68 -4.59 26.15
N PRO A 90 -2.69 -5.32 26.67
CA PRO A 90 -1.55 -5.78 25.87
C PRO A 90 -1.94 -6.84 24.85
N SER A 91 -1.04 -7.13 23.91
CA SER A 91 -1.30 -8.12 22.88
C SER A 91 -2.58 -7.81 22.13
N SER A 92 -2.80 -6.53 21.84
CA SER A 92 -3.99 -6.09 21.13
C SER A 92 -3.61 -5.35 19.84
N GLY A 93 -3.48 -6.11 18.76
CA GLY A 93 -3.13 -5.52 17.48
C GLY A 93 -4.27 -5.56 16.49
ZN ZN B . -5.53 -3.61 -1.97
ZN ZN C . 6.91 -5.61 2.52
N GLY A 1 -8.38 11.85 -19.78
CA GLY A 1 -9.44 11.48 -18.85
C GLY A 1 -9.19 10.11 -18.23
N SER A 2 -10.28 9.45 -17.84
CA SER A 2 -10.19 8.13 -17.22
C SER A 2 -11.51 7.37 -17.36
N SER A 3 -11.42 6.11 -17.78
CA SER A 3 -12.60 5.28 -17.95
C SER A 3 -12.26 3.81 -17.75
N GLY A 4 -13.29 3.01 -17.49
CA GLY A 4 -13.08 1.58 -17.27
C GLY A 4 -14.33 0.77 -17.56
N SER A 5 -14.14 -0.50 -17.91
CA SER A 5 -15.25 -1.39 -18.22
C SER A 5 -14.85 -2.85 -18.02
N SER A 6 -15.84 -3.73 -18.06
CA SER A 6 -15.60 -5.16 -17.88
C SER A 6 -16.88 -5.96 -18.09
N GLY A 7 -16.74 -7.28 -18.14
CA GLY A 7 -17.90 -8.14 -18.34
C GLY A 7 -17.74 -9.49 -17.67
N PRO A 8 -18.46 -10.50 -18.18
CA PRO A 8 -18.41 -11.85 -17.64
C PRO A 8 -17.08 -12.55 -17.93
N LYS A 9 -16.07 -12.24 -17.13
CA LYS A 9 -14.75 -12.83 -17.29
C LYS A 9 -14.01 -12.88 -15.97
N PRO A 10 -13.44 -14.06 -15.66
CA PRO A 10 -12.69 -14.28 -14.41
C PRO A 10 -11.37 -13.53 -14.40
N LEU A 11 -10.97 -13.06 -13.21
CA LEU A 11 -9.72 -12.32 -13.06
C LEU A 11 -8.61 -13.23 -12.54
N LYS A 12 -7.42 -13.09 -13.10
CA LYS A 12 -6.27 -13.89 -12.69
C LYS A 12 -5.09 -13.00 -12.34
N ASN A 13 -4.31 -13.41 -11.34
CA ASN A 13 -3.16 -12.66 -10.90
C ASN A 13 -1.87 -13.25 -11.47
N LEU A 14 -1.41 -12.67 -12.59
CA LEU A 14 -0.20 -13.14 -13.23
C LEU A 14 0.94 -12.14 -13.05
N ASP A 15 0.73 -10.91 -13.52
CA ASP A 15 1.73 -9.87 -13.39
C ASP A 15 2.16 -9.68 -11.95
N GLY A 16 1.18 -9.67 -11.04
CA GLY A 16 1.48 -9.51 -9.63
C GLY A 16 1.08 -8.14 -9.11
N GLN A 17 1.34 -7.12 -9.91
CA GLN A 17 1.02 -5.75 -9.52
C GLN A 17 -0.32 -5.69 -8.79
N PHE A 18 -1.21 -6.64 -9.11
CA PHE A 18 -2.52 -6.70 -8.48
C PHE A 18 -2.38 -6.85 -6.96
N CYS A 19 -2.90 -5.87 -6.23
CA CYS A 19 -2.84 -5.90 -4.77
C CYS A 19 -3.19 -7.28 -4.24
N GLU A 20 -2.61 -7.64 -3.10
CA GLU A 20 -2.87 -8.93 -2.47
C GLU A 20 -3.86 -8.80 -1.32
N ILE A 21 -3.71 -7.73 -0.54
CA ILE A 21 -4.59 -7.48 0.59
C ILE A 21 -6.06 -7.67 0.20
N CYS A 22 -6.54 -6.82 -0.71
CA CYS A 22 -7.92 -6.88 -1.18
C CYS A 22 -8.02 -7.70 -2.46
N GLY A 23 -7.13 -7.42 -3.41
CA GLY A 23 -7.13 -8.14 -4.67
C GLY A 23 -7.15 -7.21 -5.87
N ASP A 24 -7.89 -6.11 -5.75
CA ASP A 24 -7.98 -5.14 -6.83
C ASP A 24 -6.62 -4.92 -7.48
N GLN A 25 -6.64 -4.33 -8.67
CA GLN A 25 -5.40 -4.06 -9.41
C GLN A 25 -4.80 -2.71 -9.02
N ILE A 26 -3.59 -2.75 -8.49
CA ILE A 26 -2.91 -1.53 -8.06
C ILE A 26 -2.79 -0.55 -9.22
N GLY A 27 -3.59 0.51 -9.17
CA GLY A 27 -3.55 1.52 -10.21
C GLY A 27 -2.18 2.13 -10.39
N LEU A 28 -2.14 3.37 -10.89
CA LEU A 28 -0.87 4.06 -11.10
C LEU A 28 -0.70 5.20 -10.09
N THR A 29 0.50 5.75 -10.03
CA THR A 29 0.81 6.85 -9.11
C THR A 29 0.41 8.19 -9.71
N VAL A 30 0.43 9.22 -8.88
CA VAL A 30 0.07 10.57 -9.32
C VAL A 30 0.71 10.89 -10.66
N GLU A 31 1.98 10.53 -10.81
CA GLU A 31 2.70 10.78 -12.05
C GLU A 31 2.27 9.80 -13.15
N GLY A 32 2.32 8.51 -12.85
CA GLY A 32 1.92 7.51 -13.81
C GLY A 32 2.57 6.16 -13.53
N ASP A 33 3.76 6.18 -12.95
CA ASP A 33 4.48 4.95 -12.63
C ASP A 33 3.64 4.05 -11.74
N LEU A 34 4.01 2.77 -11.68
CA LEU A 34 3.28 1.81 -10.85
C LEU A 34 3.47 2.11 -9.38
N PHE A 35 2.36 2.19 -8.65
CA PHE A 35 2.40 2.48 -7.22
C PHE A 35 3.13 1.36 -6.46
N VAL A 36 4.39 1.62 -6.10
CA VAL A 36 5.19 0.64 -5.38
C VAL A 36 5.04 0.83 -3.87
N ALA A 37 3.95 0.32 -3.33
CA ALA A 37 3.69 0.41 -1.89
C ALA A 37 4.93 0.02 -1.09
N CYS A 38 5.41 -1.20 -1.32
CA CYS A 38 6.58 -1.71 -0.61
C CYS A 38 7.68 -2.10 -1.60
N ASN A 39 8.93 -1.78 -1.24
CA ASN A 39 10.07 -2.11 -2.09
C ASN A 39 10.96 -3.15 -1.44
N GLU A 40 11.13 -3.03 -0.12
CA GLU A 40 11.96 -3.96 0.63
C GLU A 40 11.67 -5.41 0.22
N CYS A 41 10.41 -5.82 0.40
CA CYS A 41 9.99 -7.17 0.05
C CYS A 41 9.23 -7.18 -1.27
N GLY A 42 8.42 -6.15 -1.49
CA GLY A 42 7.65 -6.07 -2.72
C GLY A 42 6.21 -6.49 -2.53
N PHE A 43 5.65 -6.17 -1.37
CA PHE A 43 4.27 -6.54 -1.06
C PHE A 43 3.30 -5.66 -1.84
N PRO A 44 2.49 -6.29 -2.71
CA PRO A 44 1.50 -5.59 -3.52
C PRO A 44 0.34 -5.04 -2.70
N ALA A 45 0.36 -3.74 -2.46
CA ALA A 45 -0.70 -3.09 -1.69
C ALA A 45 -1.14 -1.78 -2.33
N CYS A 46 -2.34 -1.78 -2.90
CA CYS A 46 -2.88 -0.59 -3.56
C CYS A 46 -2.76 0.63 -2.64
N ARG A 47 -3.23 1.77 -3.14
CA ARG A 47 -3.17 3.02 -2.37
C ARG A 47 -4.10 2.94 -1.17
N PRO A 48 -5.37 2.57 -1.42
CA PRO A 48 -6.38 2.45 -0.35
C PRO A 48 -6.12 1.28 0.57
N CYS A 49 -4.89 0.76 0.54
CA CYS A 49 -4.52 -0.37 1.37
C CYS A 49 -3.26 -0.05 2.18
N TYR A 50 -2.31 0.62 1.55
CA TYR A 50 -1.06 0.99 2.22
C TYR A 50 -1.28 2.18 3.14
N GLU A 51 -2.05 3.15 2.69
CA GLU A 51 -2.33 4.34 3.48
C GLU A 51 -3.02 3.98 4.79
N TYR A 52 -4.12 3.25 4.69
CA TYR A 52 -4.88 2.84 5.86
C TYR A 52 -3.96 2.18 6.90
N GLU A 53 -3.04 1.35 6.41
CA GLU A 53 -2.11 0.66 7.30
C GLU A 53 -1.35 1.65 8.17
N ARG A 54 -1.21 2.87 7.67
CA ARG A 54 -0.49 3.92 8.40
C ARG A 54 -1.46 4.76 9.23
N ARG A 55 -2.70 4.89 8.75
CA ARG A 55 -3.72 5.66 9.44
C ARG A 55 -4.22 4.92 10.68
N GLU A 56 -4.76 3.73 10.46
CA GLU A 56 -5.28 2.92 11.56
C GLU A 56 -4.37 1.71 11.82
N GLY A 57 -3.76 1.19 10.76
CA GLY A 57 -2.88 0.05 10.90
C GLY A 57 -1.75 0.31 11.87
N THR A 58 -0.66 -0.44 11.71
CA THR A 58 0.50 -0.28 12.57
C THR A 58 1.71 0.23 11.79
N GLN A 59 1.46 0.73 10.58
CA GLN A 59 2.52 1.25 9.73
C GLN A 59 3.61 0.20 9.52
N ASN A 60 3.20 -1.07 9.41
CA ASN A 60 4.15 -2.16 9.21
C ASN A 60 3.63 -3.13 8.15
N CYS A 61 4.39 -3.27 7.07
CA CYS A 61 4.00 -4.17 5.98
C CYS A 61 3.53 -5.51 6.52
N PRO A 62 2.33 -5.93 6.10
CA PRO A 62 1.74 -7.21 6.54
C PRO A 62 2.48 -8.40 5.95
N GLN A 63 3.54 -8.14 5.22
CA GLN A 63 4.33 -9.20 4.60
C GLN A 63 5.75 -9.23 5.16
N CYS A 64 6.35 -8.04 5.30
CA CYS A 64 7.71 -7.93 5.81
C CYS A 64 7.72 -7.11 7.10
N LYS A 65 6.64 -6.38 7.36
CA LYS A 65 6.53 -5.55 8.55
C LYS A 65 7.76 -4.68 8.72
N THR A 66 8.14 -3.98 7.66
CA THR A 66 9.30 -3.10 7.69
C THR A 66 8.89 -1.63 7.71
N ARG A 67 9.70 -0.80 8.36
CA ARG A 67 9.41 0.62 8.47
C ARG A 67 8.89 1.16 7.14
N TYR A 68 7.79 1.90 7.20
CA TYR A 68 7.19 2.48 6.01
C TYR A 68 7.85 3.81 5.65
N LYS A 69 7.33 4.46 4.60
CA LYS A 69 7.87 5.74 4.16
C LYS A 69 6.78 6.58 3.49
N ARG A 70 6.73 7.86 3.85
CA ARG A 70 5.73 8.77 3.30
C ARG A 70 5.70 8.65 1.77
N LEU A 71 4.54 8.28 1.24
CA LEU A 71 4.36 8.14 -0.20
C LEU A 71 3.55 9.30 -0.78
N ARG A 72 3.27 9.23 -2.08
CA ARG A 72 2.50 10.27 -2.74
C ARG A 72 1.23 10.59 -1.97
N GLY A 73 0.39 9.57 -1.75
CA GLY A 73 -0.84 9.78 -1.02
C GLY A 73 -0.66 9.65 0.48
N SER A 74 -0.53 8.41 0.95
CA SER A 74 -0.35 8.15 2.38
C SER A 74 0.42 9.29 3.04
N PRO A 75 -0.32 10.23 3.64
CA PRO A 75 0.26 11.39 4.33
C PRO A 75 0.98 11.00 5.61
N ARG A 76 1.64 11.97 6.24
CA ARG A 76 2.37 11.72 7.47
C ARG A 76 1.43 11.22 8.57
N VAL A 77 2.00 10.60 9.59
CA VAL A 77 1.21 10.07 10.71
C VAL A 77 1.99 10.16 12.01
N GLU A 78 1.35 9.76 13.11
CA GLU A 78 1.97 9.79 14.42
C GLU A 78 3.47 9.47 14.32
N GLY A 79 4.29 10.28 14.99
CA GLY A 79 5.72 10.06 14.96
C GLY A 79 6.48 11.30 14.50
N ASP A 80 5.88 12.06 13.59
CA ASP A 80 6.51 13.27 13.09
C ASP A 80 6.61 14.33 14.17
N GLU A 81 5.52 14.53 14.90
CA GLU A 81 5.49 15.52 15.97
C GLU A 81 4.47 15.13 17.05
N ASP A 82 4.88 15.25 18.31
CA ASP A 82 4.02 14.90 19.43
C ASP A 82 2.72 15.71 19.38
N GLU A 83 2.85 17.02 19.27
CA GLU A 83 1.68 17.90 19.20
C GLU A 83 1.26 18.15 17.77
N GLU A 84 0.37 17.29 17.26
CA GLU A 84 -0.11 17.40 15.89
C GLU A 84 -1.54 17.96 15.87
N ASP A 85 -2.37 17.48 16.80
CA ASP A 85 -3.75 17.92 16.88
C ASP A 85 -4.38 17.49 18.20
N ILE A 86 -5.59 17.98 18.46
CA ILE A 86 -6.30 17.64 19.69
C ILE A 86 -7.29 16.51 19.46
N ASP A 87 -7.11 15.41 20.17
CA ASP A 87 -8.00 14.27 20.05
C ASP A 87 -9.46 14.69 20.09
N SER A 88 -10.10 14.71 18.93
CA SER A 88 -11.50 15.10 18.83
C SER A 88 -12.18 14.41 17.66
N GLY A 89 -13.31 13.76 17.93
CA GLY A 89 -14.04 13.07 16.89
C GLY A 89 -13.69 11.60 16.81
N PRO A 90 -14.21 10.81 17.77
CA PRO A 90 -13.96 9.37 17.83
C PRO A 90 -14.65 8.62 16.71
N SER A 91 -14.33 7.32 16.57
CA SER A 91 -14.92 6.49 15.54
C SER A 91 -16.43 6.71 15.46
N SER A 92 -16.92 6.95 14.25
CA SER A 92 -18.34 7.17 14.03
C SER A 92 -18.68 7.16 12.55
N GLY A 93 -19.91 6.80 12.22
CA GLY A 93 -20.34 6.75 10.84
C GLY A 93 -21.46 5.74 10.61
ZN ZN B . -5.67 -3.42 -1.97
ZN ZN C . 6.87 -5.38 2.44
N GLY A 1 -32.10 -11.49 8.81
CA GLY A 1 -31.91 -11.41 7.37
C GLY A 1 -30.57 -11.99 6.93
N SER A 2 -30.59 -12.74 5.84
CA SER A 2 -29.38 -13.35 5.31
C SER A 2 -29.15 -12.96 3.85
N SER A 3 -27.92 -13.16 3.38
CA SER A 3 -27.58 -12.82 2.01
C SER A 3 -26.22 -13.39 1.64
N GLY A 4 -26.03 -13.69 0.34
CA GLY A 4 -24.77 -14.24 -0.12
C GLY A 4 -24.97 -15.34 -1.13
N SER A 5 -24.05 -15.42 -2.10
CA SER A 5 -24.13 -16.44 -3.14
C SER A 5 -22.90 -16.38 -4.05
N SER A 6 -22.71 -17.43 -4.85
CA SER A 6 -21.58 -17.49 -5.75
C SER A 6 -22.02 -17.93 -7.15
N GLY A 7 -21.22 -17.58 -8.16
CA GLY A 7 -21.55 -17.94 -9.52
C GLY A 7 -20.33 -17.92 -10.43
N PRO A 8 -20.53 -17.45 -11.67
CA PRO A 8 -19.45 -17.38 -12.66
C PRO A 8 -18.42 -16.31 -12.32
N LYS A 9 -17.16 -16.57 -12.66
CA LYS A 9 -16.08 -15.64 -12.39
C LYS A 9 -15.21 -15.44 -13.63
N PRO A 10 -14.86 -14.18 -13.90
CA PRO A 10 -14.02 -13.82 -15.06
C PRO A 10 -12.58 -14.29 -14.89
N LEU A 11 -11.75 -13.99 -15.89
CA LEU A 11 -10.35 -14.38 -15.87
C LEU A 11 -9.44 -13.18 -16.06
N LYS A 12 -8.53 -12.97 -15.11
CA LYS A 12 -7.60 -11.85 -15.18
C LYS A 12 -6.16 -12.34 -15.21
N ASN A 13 -5.30 -11.61 -15.91
CA ASN A 13 -3.89 -11.97 -16.03
C ASN A 13 -3.22 -11.97 -14.65
N LEU A 14 -2.15 -12.76 -14.52
CA LEU A 14 -1.43 -12.85 -13.26
C LEU A 14 -0.18 -11.98 -13.30
N ASP A 15 -0.31 -10.78 -13.87
CA ASP A 15 0.80 -9.85 -13.97
C ASP A 15 1.44 -9.63 -12.61
N GLY A 16 0.62 -9.33 -11.60
CA GLY A 16 1.12 -9.09 -10.27
C GLY A 16 0.74 -7.73 -9.73
N GLN A 17 0.82 -6.72 -10.59
CA GLN A 17 0.48 -5.36 -10.19
C GLN A 17 -0.76 -5.34 -9.31
N PHE A 18 -1.59 -6.36 -9.45
CA PHE A 18 -2.82 -6.46 -8.68
C PHE A 18 -2.52 -6.66 -7.20
N CYS A 19 -3.13 -5.83 -6.36
CA CYS A 19 -2.92 -5.91 -4.92
C CYS A 19 -3.23 -7.32 -4.41
N GLU A 20 -2.60 -7.69 -3.29
CA GLU A 20 -2.80 -9.00 -2.70
C GLU A 20 -3.71 -8.91 -1.47
N ILE A 21 -3.51 -7.86 -0.68
CA ILE A 21 -4.32 -7.67 0.52
C ILE A 21 -5.81 -7.86 0.23
N CYS A 22 -6.35 -7.01 -0.63
CA CYS A 22 -7.76 -7.09 -1.00
C CYS A 22 -7.94 -7.85 -2.30
N GLY A 23 -7.13 -7.49 -3.30
CA GLY A 23 -7.22 -8.16 -4.59
C GLY A 23 -7.32 -7.17 -5.74
N ASP A 24 -8.05 -6.09 -5.52
CA ASP A 24 -8.22 -5.06 -6.54
C ASP A 24 -6.92 -4.82 -7.30
N GLN A 25 -7.04 -4.24 -8.49
CA GLN A 25 -5.86 -3.96 -9.31
C GLN A 25 -5.23 -2.62 -8.94
N ILE A 26 -4.01 -2.67 -8.42
CA ILE A 26 -3.30 -1.45 -8.02
C ILE A 26 -3.22 -0.46 -9.17
N GLY A 27 -3.80 0.72 -8.96
CA GLY A 27 -3.78 1.74 -9.99
C GLY A 27 -2.41 2.36 -10.17
N LEU A 28 -2.38 3.65 -10.49
CA LEU A 28 -1.12 4.35 -10.70
C LEU A 28 -0.93 5.45 -9.65
N THR A 29 0.26 6.02 -9.60
CA THR A 29 0.58 7.08 -8.64
C THR A 29 0.14 8.43 -9.17
N VAL A 30 0.26 9.46 -8.34
CA VAL A 30 -0.11 10.81 -8.72
C VAL A 30 0.48 11.18 -10.07
N GLU A 31 1.71 10.75 -10.32
CA GLU A 31 2.39 11.03 -11.58
C GLU A 31 1.96 10.05 -12.66
N GLY A 32 2.05 8.76 -12.35
CA GLY A 32 1.68 7.73 -13.31
C GLY A 32 2.35 6.40 -13.02
N ASP A 33 3.57 6.45 -12.52
CA ASP A 33 4.32 5.25 -12.21
C ASP A 33 3.50 4.30 -11.33
N LEU A 34 3.87 3.03 -11.33
CA LEU A 34 3.17 2.03 -10.53
C LEU A 34 3.32 2.33 -9.03
N PHE A 35 2.19 2.32 -8.32
CA PHE A 35 2.20 2.59 -6.89
C PHE A 35 2.91 1.48 -6.13
N VAL A 36 4.21 1.66 -5.89
CA VAL A 36 5.00 0.66 -5.17
C VAL A 36 4.89 0.86 -3.68
N ALA A 37 3.81 0.36 -3.09
CA ALA A 37 3.58 0.46 -1.65
C ALA A 37 4.82 0.06 -0.88
N CYS A 38 5.24 -1.19 -1.05
CA CYS A 38 6.42 -1.70 -0.35
C CYS A 38 7.55 -1.99 -1.34
N ASN A 39 8.79 -1.80 -0.89
CA ASN A 39 9.95 -2.05 -1.74
C ASN A 39 10.86 -3.12 -1.12
N GLU A 40 11.01 -3.07 0.20
CA GLU A 40 11.85 -4.02 0.91
C GLU A 40 11.56 -5.45 0.45
N CYS A 41 10.32 -5.89 0.69
CA CYS A 41 9.92 -7.24 0.30
C CYS A 41 9.26 -7.23 -1.08
N GLY A 42 8.46 -6.21 -1.34
CA GLY A 42 7.78 -6.10 -2.62
C GLY A 42 6.36 -6.63 -2.58
N PHE A 43 5.62 -6.25 -1.53
CA PHE A 43 4.24 -6.69 -1.37
C PHE A 43 3.29 -5.77 -2.12
N PRO A 44 2.47 -6.35 -3.01
CA PRO A 44 1.49 -5.60 -3.80
C PRO A 44 0.34 -5.07 -2.95
N ALA A 45 0.41 -3.79 -2.61
CA ALA A 45 -0.63 -3.16 -1.81
C ALA A 45 -1.14 -1.88 -2.46
N CYS A 46 -2.40 -1.87 -2.85
CA CYS A 46 -3.00 -0.71 -3.49
C CYS A 46 -2.87 0.53 -2.61
N ARG A 47 -3.44 1.64 -3.07
CA ARG A 47 -3.38 2.89 -2.32
C ARG A 47 -4.19 2.79 -1.03
N PRO A 48 -5.46 2.37 -1.16
CA PRO A 48 -6.37 2.22 -0.02
C PRO A 48 -5.98 1.06 0.89
N CYS A 49 -4.77 0.52 0.67
CA CYS A 49 -4.28 -0.59 1.46
C CYS A 49 -3.04 -0.19 2.25
N TYR A 50 -2.16 0.58 1.61
CA TYR A 50 -0.94 1.03 2.24
C TYR A 50 -1.20 2.22 3.15
N GLU A 51 -1.79 3.27 2.60
CA GLU A 51 -2.10 4.47 3.37
C GLU A 51 -2.83 4.11 4.66
N TYR A 52 -3.89 3.32 4.54
CA TYR A 52 -4.68 2.91 5.69
C TYR A 52 -3.80 2.29 6.76
N GLU A 53 -2.83 1.49 6.33
CA GLU A 53 -1.92 0.83 7.25
C GLU A 53 -1.29 1.84 8.21
N ARG A 54 -1.08 3.06 7.73
CA ARG A 54 -0.49 4.11 8.54
C ARG A 54 -1.56 4.83 9.37
N ARG A 55 -2.75 4.95 8.80
CA ARG A 55 -3.86 5.61 9.48
C ARG A 55 -4.27 4.84 10.73
N GLU A 56 -4.82 3.64 10.51
CA GLU A 56 -5.27 2.80 11.62
C GLU A 56 -4.32 1.61 11.81
N GLY A 57 -3.77 1.12 10.70
CA GLY A 57 -2.87 -0.01 10.76
C GLY A 57 -1.71 0.22 11.71
N THR A 58 -0.69 -0.62 11.63
CA THR A 58 0.49 -0.50 12.49
C THR A 58 1.70 -0.01 11.70
N GLN A 59 1.45 0.76 10.66
CA GLN A 59 2.53 1.29 9.82
C GLN A 59 3.59 0.22 9.55
N ASN A 60 3.13 -1.02 9.38
CA ASN A 60 4.04 -2.13 9.13
C ASN A 60 3.50 -3.03 8.02
N CYS A 61 4.33 -3.30 7.02
CA CYS A 61 3.93 -4.15 5.90
C CYS A 61 3.41 -5.49 6.39
N PRO A 62 2.27 -5.91 5.85
CA PRO A 62 1.64 -7.20 6.22
C PRO A 62 2.43 -8.39 5.71
N GLN A 63 3.58 -8.12 5.09
CA GLN A 63 4.42 -9.18 4.56
C GLN A 63 5.78 -9.19 5.24
N CYS A 64 6.37 -8.00 5.40
CA CYS A 64 7.67 -7.87 6.04
C CYS A 64 7.57 -7.02 7.30
N LYS A 65 6.46 -6.31 7.44
CA LYS A 65 6.24 -5.46 8.60
C LYS A 65 7.41 -4.50 8.81
N THR A 66 7.77 -3.77 7.75
CA THR A 66 8.88 -2.83 7.82
C THR A 66 8.37 -1.40 8.00
N ARG A 67 9.18 -0.57 8.64
CA ARG A 67 8.81 0.82 8.89
C ARG A 67 8.36 1.50 7.59
N TYR A 68 7.17 2.08 7.62
CA TYR A 68 6.62 2.76 6.45
C TYR A 68 7.26 4.13 6.27
N LYS A 69 6.87 4.81 5.19
CA LYS A 69 7.41 6.14 4.90
C LYS A 69 6.37 7.00 4.19
N ARG A 70 6.42 8.30 4.45
CA ARG A 70 5.47 9.23 3.85
C ARG A 70 5.56 9.18 2.33
N LEU A 71 4.50 8.69 1.70
CA LEU A 71 4.45 8.58 0.25
C LEU A 71 3.72 9.77 -0.37
N ARG A 72 3.57 9.76 -1.68
CA ARG A 72 2.88 10.83 -2.40
C ARG A 72 1.46 11.01 -1.85
N GLY A 73 0.71 9.93 -1.82
CA GLY A 73 -0.66 9.99 -1.32
C GLY A 73 -0.81 9.39 0.06
N SER A 74 -0.16 10.00 1.03
CA SER A 74 -0.22 9.51 2.41
C SER A 74 0.13 10.63 3.40
N PRO A 75 -0.86 11.03 4.20
CA PRO A 75 -0.68 12.09 5.20
C PRO A 75 0.22 11.66 6.36
N ARG A 76 0.91 12.62 6.95
CA ARG A 76 1.80 12.34 8.07
C ARG A 76 1.06 11.67 9.21
N VAL A 77 1.74 10.74 9.89
CA VAL A 77 1.13 10.02 11.00
C VAL A 77 2.13 9.84 12.15
N GLU A 78 1.67 9.22 13.23
CA GLU A 78 2.52 8.98 14.39
C GLU A 78 3.79 8.21 14.00
N GLY A 79 4.87 8.95 13.76
CA GLY A 79 6.12 8.32 13.37
C GLY A 79 7.13 9.32 12.86
N ASP A 80 6.68 10.26 12.04
CA ASP A 80 7.56 11.28 11.48
C ASP A 80 8.53 11.80 12.53
N GLU A 81 9.62 12.41 12.08
CA GLU A 81 10.62 12.96 12.97
C GLU A 81 10.88 14.44 12.70
N ASP A 82 10.24 14.95 11.65
CA ASP A 82 10.38 16.35 11.28
C ASP A 82 9.05 16.95 10.87
N GLU A 83 8.85 18.22 11.20
CA GLU A 83 7.61 18.92 10.88
C GLU A 83 7.89 20.32 10.34
N GLU A 84 6.90 20.91 9.69
CA GLU A 84 7.04 22.25 9.14
C GLU A 84 6.86 23.31 10.22
N ASP A 85 7.92 24.05 10.51
CA ASP A 85 7.87 25.09 11.53
C ASP A 85 6.97 26.23 11.09
N ILE A 86 5.88 26.44 11.83
CA ILE A 86 4.94 27.51 11.52
C ILE A 86 4.38 28.13 12.79
N ASP A 87 4.36 29.46 12.83
CA ASP A 87 3.84 30.18 13.98
C ASP A 87 2.45 29.69 14.36
N SER A 88 2.24 29.47 15.66
CA SER A 88 0.96 28.99 16.15
C SER A 88 0.74 29.42 17.59
N GLY A 89 -0.54 29.53 17.98
CA GLY A 89 -0.86 29.94 19.33
C GLY A 89 -1.35 31.37 19.41
N PRO A 90 -0.93 32.09 20.47
CA PRO A 90 -1.31 33.48 20.68
C PRO A 90 -0.65 34.42 19.68
N SER A 91 -0.83 35.72 19.88
CA SER A 91 -0.25 36.72 18.99
C SER A 91 1.10 37.21 19.52
N SER A 92 1.92 36.28 19.98
CA SER A 92 3.23 36.60 20.51
C SER A 92 4.33 35.90 19.73
N GLY A 93 4.97 36.63 18.82
CA GLY A 93 6.04 36.05 18.02
C GLY A 93 7.01 35.23 18.84
ZN ZN B . -5.59 -3.66 -1.79
ZN ZN C . 6.89 -5.60 2.54
N GLY A 1 20.09 -2.68 -29.66
CA GLY A 1 19.23 -3.75 -29.19
C GLY A 1 17.79 -3.59 -29.65
N SER A 2 17.12 -4.71 -29.90
CA SER A 2 15.73 -4.68 -30.35
C SER A 2 14.81 -5.29 -29.29
N SER A 3 13.51 -5.14 -29.51
CA SER A 3 12.51 -5.66 -28.57
C SER A 3 11.14 -5.72 -29.22
N GLY A 4 10.28 -6.60 -28.70
CA GLY A 4 8.94 -6.74 -29.24
C GLY A 4 8.65 -8.14 -29.70
N SER A 5 7.55 -8.72 -29.21
CA SER A 5 7.16 -10.07 -29.58
C SER A 5 5.71 -10.35 -29.21
N SER A 6 4.91 -10.71 -30.20
CA SER A 6 3.50 -11.01 -29.98
C SER A 6 3.21 -12.49 -30.17
N GLY A 7 2.25 -13.00 -29.41
CA GLY A 7 1.89 -14.40 -29.50
C GLY A 7 1.38 -14.96 -28.19
N PRO A 8 2.29 -15.12 -27.21
CA PRO A 8 1.94 -15.65 -25.89
C PRO A 8 1.10 -14.67 -25.08
N LYS A 9 -0.17 -15.01 -24.87
CA LYS A 9 -1.07 -14.16 -24.11
C LYS A 9 -0.68 -14.15 -22.64
N PRO A 10 -0.77 -12.95 -22.02
CA PRO A 10 -0.43 -12.76 -20.61
C PRO A 10 -1.44 -13.44 -19.68
N LEU A 11 -0.94 -14.27 -18.77
CA LEU A 11 -1.80 -14.97 -17.83
C LEU A 11 -2.46 -13.99 -16.86
N LYS A 12 -3.60 -14.39 -16.30
CA LYS A 12 -4.33 -13.55 -15.37
C LYS A 12 -3.66 -13.58 -13.99
N ASN A 13 -3.48 -12.39 -13.41
CA ASN A 13 -2.86 -12.27 -12.10
C ASN A 13 -1.44 -12.83 -12.11
N LEU A 14 -0.69 -12.48 -13.15
CA LEU A 14 0.69 -12.95 -13.28
C LEU A 14 1.67 -11.80 -13.07
N ASP A 15 1.33 -10.62 -13.58
CA ASP A 15 2.18 -9.45 -13.44
C ASP A 15 2.54 -9.21 -11.97
N GLY A 16 1.52 -9.19 -11.11
CA GLY A 16 1.75 -8.97 -9.70
C GLY A 16 1.25 -7.61 -9.24
N GLN A 17 1.47 -6.59 -10.05
CA GLN A 17 1.03 -5.24 -9.72
C GLN A 17 -0.30 -5.27 -8.98
N PHE A 18 -1.12 -6.26 -9.28
CA PHE A 18 -2.42 -6.40 -8.64
C PHE A 18 -2.28 -6.55 -7.13
N CYS A 19 -2.96 -5.67 -6.39
CA CYS A 19 -2.90 -5.71 -4.92
C CYS A 19 -3.26 -7.09 -4.40
N GLU A 20 -2.64 -7.48 -3.28
CA GLU A 20 -2.89 -8.78 -2.68
C GLU A 20 -3.87 -8.66 -1.52
N ILE A 21 -3.67 -7.63 -0.70
CA ILE A 21 -4.54 -7.40 0.45
C ILE A 21 -6.01 -7.60 0.09
N CYS A 22 -6.50 -6.77 -0.84
CA CYS A 22 -7.89 -6.86 -1.28
C CYS A 22 -7.99 -7.58 -2.62
N GLY A 23 -7.06 -7.28 -3.53
CA GLY A 23 -7.06 -7.91 -4.83
C GLY A 23 -7.10 -6.90 -5.96
N ASP A 24 -7.94 -5.89 -5.82
CA ASP A 24 -8.06 -4.85 -6.84
C ASP A 24 -6.71 -4.54 -7.48
N GLN A 25 -6.73 -4.24 -8.77
CA GLN A 25 -5.50 -3.93 -9.49
C GLN A 25 -4.93 -2.58 -9.05
N ILE A 26 -3.71 -2.60 -8.54
CA ILE A 26 -3.06 -1.38 -8.08
C ILE A 26 -2.89 -0.38 -9.21
N GLY A 27 -3.61 0.74 -9.13
CA GLY A 27 -3.53 1.75 -10.16
C GLY A 27 -2.15 2.40 -10.22
N LEU A 28 -2.14 3.71 -10.48
CA LEU A 28 -0.88 4.45 -10.58
C LEU A 28 -0.83 5.55 -9.53
N THR A 29 0.32 6.22 -9.43
CA THR A 29 0.50 7.30 -8.47
C THR A 29 0.02 8.63 -9.04
N VAL A 30 0.10 9.68 -8.24
CA VAL A 30 -0.34 11.00 -8.67
C VAL A 30 0.34 11.41 -9.98
N GLU A 31 1.60 11.01 -10.13
CA GLU A 31 2.36 11.33 -11.35
C GLU A 31 1.94 10.42 -12.49
N GLY A 32 1.98 9.11 -12.26
CA GLY A 32 1.60 8.16 -13.29
C GLY A 32 2.36 6.85 -13.16
N ASP A 33 3.37 6.83 -12.30
CA ASP A 33 4.17 5.62 -12.08
C ASP A 33 3.39 4.59 -11.27
N LEU A 34 4.01 3.45 -11.00
CA LEU A 34 3.38 2.39 -10.24
C LEU A 34 3.46 2.67 -8.73
N PHE A 35 2.32 2.58 -8.06
CA PHE A 35 2.27 2.83 -6.62
C PHE A 35 2.95 1.70 -5.86
N VAL A 36 4.23 1.88 -5.55
CA VAL A 36 4.99 0.88 -4.82
C VAL A 36 4.85 1.07 -3.31
N ALA A 37 3.87 0.38 -2.72
CA ALA A 37 3.63 0.46 -1.29
C ALA A 37 4.85 -0.01 -0.49
N CYS A 38 5.44 -1.11 -0.93
CA CYS A 38 6.60 -1.67 -0.26
C CYS A 38 7.72 -1.95 -1.27
N ASN A 39 8.97 -1.80 -0.81
CA ASN A 39 10.12 -2.03 -1.68
C ASN A 39 11.01 -3.14 -1.11
N GLU A 40 11.18 -3.12 0.22
CA GLU A 40 12.00 -4.12 0.89
C GLU A 40 11.67 -5.53 0.38
N CYS A 41 10.45 -5.96 0.61
CA CYS A 41 10.00 -7.29 0.18
C CYS A 41 9.26 -7.21 -1.15
N GLY A 42 8.47 -6.16 -1.31
CA GLY A 42 7.71 -5.98 -2.54
C GLY A 42 6.26 -6.41 -2.40
N PHE A 43 5.68 -6.12 -1.24
CA PHE A 43 4.28 -6.48 -0.98
C PHE A 43 3.32 -5.55 -1.73
N PRO A 44 2.51 -6.14 -2.61
CA PRO A 44 1.53 -5.39 -3.40
C PRO A 44 0.39 -4.83 -2.56
N ALA A 45 0.20 -3.52 -2.61
CA ALA A 45 -0.86 -2.86 -1.84
C ALA A 45 -1.31 -1.59 -2.53
N CYS A 46 -2.56 -1.57 -2.99
CA CYS A 46 -3.13 -0.41 -3.66
C CYS A 46 -3.03 0.83 -2.78
N ARG A 47 -3.60 1.93 -3.25
CA ARG A 47 -3.58 3.18 -2.50
C ARG A 47 -4.44 3.08 -1.25
N PRO A 48 -5.72 2.67 -1.43
CA PRO A 48 -6.67 2.52 -0.34
C PRO A 48 -6.32 1.36 0.58
N CYS A 49 -5.10 0.84 0.44
CA CYS A 49 -4.65 -0.28 1.25
C CYS A 49 -3.41 0.10 2.06
N TYR A 50 -2.53 0.89 1.45
CA TYR A 50 -1.30 1.33 2.12
C TYR A 50 -1.58 2.51 3.03
N GLU A 51 -2.25 3.53 2.49
CA GLU A 51 -2.57 4.72 3.26
C GLU A 51 -3.28 4.36 4.56
N TYR A 52 -4.09 3.31 4.51
CA TYR A 52 -4.83 2.88 5.69
C TYR A 52 -3.90 2.13 6.65
N GLU A 53 -3.09 1.24 6.12
CA GLU A 53 -2.16 0.47 6.93
C GLU A 53 -1.30 1.38 7.81
N ARG A 54 -1.10 2.61 7.33
CA ARG A 54 -0.29 3.58 8.07
C ARG A 54 -1.18 4.50 8.90
N ARG A 55 -2.43 4.65 8.48
CA ARG A 55 -3.39 5.51 9.18
C ARG A 55 -3.99 4.77 10.36
N GLU A 56 -4.84 3.79 10.08
CA GLU A 56 -5.49 3.02 11.14
C GLU A 56 -4.74 1.72 11.39
N GLY A 57 -3.88 1.34 10.45
CA GLY A 57 -3.12 0.11 10.59
C GLY A 57 -2.01 0.23 11.62
N THR A 58 -0.90 -0.45 11.37
CA THR A 58 0.24 -0.42 12.29
C THR A 58 1.43 0.29 11.65
N GLN A 59 1.32 0.59 10.37
CA GLN A 59 2.39 1.26 9.63
C GLN A 59 3.55 0.31 9.36
N ASN A 60 3.23 -0.99 9.27
CA ASN A 60 4.25 -2.00 9.02
C ASN A 60 3.74 -3.04 8.02
N CYS A 61 4.54 -3.32 7.01
CA CYS A 61 4.17 -4.29 5.99
C CYS A 61 3.77 -5.63 6.62
N PRO A 62 2.52 -6.05 6.36
CA PRO A 62 1.99 -7.31 6.89
C PRO A 62 2.65 -8.54 6.27
N GLN A 63 3.64 -8.29 5.42
CA GLN A 63 4.36 -9.39 4.75
C GLN A 63 5.80 -9.47 5.26
N CYS A 64 6.42 -8.32 5.45
CA CYS A 64 7.80 -8.27 5.93
C CYS A 64 7.91 -7.46 7.22
N LYS A 65 6.95 -6.55 7.42
CA LYS A 65 6.93 -5.73 8.62
C LYS A 65 8.12 -4.77 8.64
N THR A 66 8.39 -4.14 7.50
CA THR A 66 9.50 -3.21 7.39
C THR A 66 9.03 -1.77 7.63
N ARG A 67 9.91 -0.95 8.19
CA ARG A 67 9.59 0.44 8.47
C ARG A 67 8.97 1.11 7.24
N TYR A 68 7.91 1.88 7.46
CA TYR A 68 7.24 2.58 6.37
C TYR A 68 7.50 4.08 6.44
N LYS A 69 7.28 4.77 5.32
CA LYS A 69 7.48 6.20 5.24
C LYS A 69 6.28 6.90 4.62
N ARG A 70 6.41 8.20 4.39
CA ARG A 70 5.32 8.97 3.79
C ARG A 70 5.42 8.95 2.28
N LEU A 71 4.26 8.76 1.63
CA LEU A 71 4.21 8.71 0.17
C LEU A 71 3.43 9.89 -0.38
N ARG A 72 3.33 9.96 -1.71
CA ARG A 72 2.61 11.05 -2.37
C ARG A 72 1.26 11.29 -1.70
N GLY A 73 0.49 10.22 -1.52
CA GLY A 73 -0.81 10.33 -0.91
C GLY A 73 -0.75 10.15 0.60
N SER A 74 -0.42 8.93 1.03
CA SER A 74 -0.33 8.62 2.45
C SER A 74 0.21 9.82 3.24
N PRO A 75 -0.66 10.43 4.07
CA PRO A 75 -0.30 11.58 4.89
C PRO A 75 0.67 11.22 6.00
N ARG A 76 0.83 12.13 6.96
CA ARG A 76 1.72 11.90 8.09
C ARG A 76 1.00 11.17 9.21
N VAL A 77 1.73 10.32 9.92
CA VAL A 77 1.16 9.56 11.03
C VAL A 77 2.12 9.49 12.20
N GLU A 78 1.69 8.85 13.29
CA GLU A 78 2.52 8.71 14.48
C GLU A 78 3.36 9.96 14.71
N GLY A 79 2.71 11.12 14.64
CA GLY A 79 3.41 12.38 14.83
C GLY A 79 2.59 13.57 14.37
N ASP A 80 1.64 13.33 13.49
CA ASP A 80 0.79 14.40 12.97
C ASP A 80 -0.47 14.55 13.82
N GLU A 81 -0.74 15.78 14.25
CA GLU A 81 -1.92 16.05 15.07
C GLU A 81 -3.16 16.28 14.19
N ASP A 82 -4.28 15.71 14.59
CA ASP A 82 -5.53 15.86 13.85
C ASP A 82 -6.20 17.18 14.17
N GLU A 83 -7.29 17.48 13.47
CA GLU A 83 -8.02 18.72 13.68
C GLU A 83 -9.49 18.55 13.33
N GLU A 84 -10.35 18.68 14.34
CA GLU A 84 -11.79 18.54 14.15
C GLU A 84 -12.56 19.61 14.92
N ASP A 85 -13.85 19.75 14.61
CA ASP A 85 -14.69 20.73 15.27
C ASP A 85 -15.97 20.09 15.79
N ILE A 86 -16.08 19.97 17.10
CA ILE A 86 -17.27 19.36 17.72
C ILE A 86 -18.53 20.08 17.27
N ASP A 87 -19.63 19.33 17.19
CA ASP A 87 -20.91 19.90 16.78
C ASP A 87 -22.06 19.03 17.27
N SER A 88 -23.14 19.68 17.72
CA SER A 88 -24.30 18.97 18.23
C SER A 88 -25.32 18.74 17.12
N GLY A 89 -25.86 17.53 17.05
CA GLY A 89 -26.83 17.20 16.03
C GLY A 89 -27.60 15.94 16.35
N PRO A 90 -28.18 15.31 15.31
CA PRO A 90 -28.96 14.08 15.46
C PRO A 90 -28.09 12.89 15.84
N SER A 91 -27.87 12.70 17.13
CA SER A 91 -27.06 11.59 17.62
C SER A 91 -27.85 10.71 18.58
N SER A 92 -28.21 9.52 18.10
CA SER A 92 -28.98 8.58 18.92
C SER A 92 -28.34 7.19 18.89
N GLY A 93 -27.79 6.78 20.02
CA GLY A 93 -27.15 5.48 20.11
C GLY A 93 -25.65 5.55 19.97
ZN ZN B . -5.80 -3.34 -2.10
ZN ZN C . 7.01 -5.69 2.49
N GLY A 1 20.14 1.25 -41.14
CA GLY A 1 19.22 1.25 -40.01
C GLY A 1 17.80 1.60 -40.41
N SER A 2 16.91 1.68 -39.43
CA SER A 2 15.51 2.00 -39.68
C SER A 2 14.81 2.42 -38.39
N SER A 3 13.56 2.85 -38.53
CA SER A 3 12.78 3.28 -37.37
C SER A 3 11.44 2.55 -37.32
N GLY A 4 10.69 2.77 -36.24
CA GLY A 4 9.40 2.12 -36.09
C GLY A 4 8.56 2.76 -34.99
N SER A 5 7.43 2.14 -34.68
CA SER A 5 6.53 2.66 -33.66
C SER A 5 6.01 1.53 -32.77
N SER A 6 6.00 1.78 -31.46
CA SER A 6 5.54 0.79 -30.50
C SER A 6 4.02 0.61 -30.60
N GLY A 7 3.60 -0.44 -31.29
CA GLY A 7 2.17 -0.70 -31.44
C GLY A 7 1.53 -1.13 -30.13
N PRO A 8 0.28 -1.61 -30.23
CA PRO A 8 -0.49 -2.07 -29.06
C PRO A 8 0.08 -3.36 -28.47
N LYS A 9 0.49 -3.29 -27.21
CA LYS A 9 1.04 -4.46 -26.53
C LYS A 9 -0.06 -5.24 -25.81
N PRO A 10 0.15 -6.56 -25.67
CA PRO A 10 -0.81 -7.45 -25.00
C PRO A 10 -0.87 -7.20 -23.49
N LEU A 11 -2.09 -7.04 -22.98
CA LEU A 11 -2.28 -6.79 -21.55
C LEU A 11 -1.47 -7.78 -20.71
N LYS A 12 -0.96 -7.31 -19.58
CA LYS A 12 -0.17 -8.14 -18.69
C LYS A 12 -1.07 -8.93 -17.73
N ASN A 13 -1.07 -10.25 -17.87
CA ASN A 13 -1.88 -11.11 -17.02
C ASN A 13 -1.06 -11.69 -15.87
N LEU A 14 -1.62 -11.67 -14.67
CA LEU A 14 -0.94 -12.21 -13.50
C LEU A 14 0.45 -11.57 -13.35
N ASP A 15 0.54 -10.28 -13.63
CA ASP A 15 1.80 -9.56 -13.53
C ASP A 15 2.25 -9.46 -12.07
N GLY A 16 1.35 -9.01 -11.21
CA GLY A 16 1.67 -8.89 -9.79
C GLY A 16 1.22 -7.56 -9.22
N GLN A 17 1.39 -6.49 -9.99
CA GLN A 17 1.01 -5.15 -9.54
C GLN A 17 -0.31 -5.20 -8.78
N PHE A 18 -1.18 -6.13 -9.16
CA PHE A 18 -2.48 -6.27 -8.52
C PHE A 18 -2.32 -6.50 -7.02
N CYS A 19 -2.82 -5.57 -6.22
CA CYS A 19 -2.74 -5.67 -4.77
C CYS A 19 -3.05 -7.09 -4.30
N GLU A 20 -2.48 -7.47 -3.15
CA GLU A 20 -2.71 -8.79 -2.60
C GLU A 20 -3.69 -8.73 -1.43
N ILE A 21 -3.52 -7.73 -0.57
CA ILE A 21 -4.39 -7.57 0.59
C ILE A 21 -5.85 -7.78 0.22
N CYS A 22 -6.35 -6.93 -0.69
CA CYS A 22 -7.74 -7.03 -1.13
C CYS A 22 -7.83 -7.70 -2.49
N GLY A 23 -6.97 -7.27 -3.42
CA GLY A 23 -6.97 -7.84 -4.75
C GLY A 23 -7.00 -6.79 -5.83
N ASP A 24 -7.81 -5.75 -5.62
CA ASP A 24 -7.92 -4.67 -6.59
C ASP A 24 -6.58 -4.38 -7.27
N GLN A 25 -6.64 -3.91 -8.51
CA GLN A 25 -5.43 -3.60 -9.26
C GLN A 25 -4.84 -2.27 -8.80
N ILE A 26 -3.62 -2.33 -8.27
CA ILE A 26 -2.94 -1.12 -7.81
C ILE A 26 -2.86 -0.07 -8.91
N GLY A 27 -3.61 1.02 -8.74
CA GLY A 27 -3.61 2.07 -9.73
C GLY A 27 -2.23 2.72 -9.88
N LEU A 28 -2.22 3.99 -10.26
CA LEU A 28 -0.98 4.72 -10.45
C LEU A 28 -0.74 5.71 -9.31
N THR A 29 0.44 6.31 -9.28
CA THR A 29 0.79 7.28 -8.25
C THR A 29 0.42 8.70 -8.68
N VAL A 30 0.78 9.67 -7.86
CA VAL A 30 0.50 11.07 -8.16
C VAL A 30 1.15 11.50 -9.47
N GLU A 31 2.33 10.94 -9.75
CA GLU A 31 3.05 11.26 -10.97
C GLU A 31 2.56 10.39 -12.13
N GLY A 32 2.22 9.14 -11.84
CA GLY A 32 1.75 8.23 -12.86
C GLY A 32 2.38 6.85 -12.75
N ASP A 33 3.61 6.80 -12.28
CA ASP A 33 4.32 5.54 -12.12
C ASP A 33 3.54 4.59 -11.22
N LEU A 34 3.89 3.31 -11.29
CA LEU A 34 3.21 2.29 -10.48
C LEU A 34 3.38 2.57 -9.00
N PHE A 35 2.30 2.41 -8.24
CA PHE A 35 2.31 2.65 -6.81
C PHE A 35 2.98 1.49 -6.08
N VAL A 36 4.28 1.63 -5.83
CA VAL A 36 5.04 0.59 -5.13
C VAL A 36 4.96 0.77 -3.62
N ALA A 37 3.84 0.33 -3.04
CA ALA A 37 3.64 0.44 -1.61
C ALA A 37 4.88 0.00 -0.84
N CYS A 38 5.29 -1.24 -1.04
CA CYS A 38 6.46 -1.79 -0.38
C CYS A 38 7.58 -2.07 -1.37
N ASN A 39 8.81 -1.73 -1.00
CA ASN A 39 9.96 -1.95 -1.87
C ASN A 39 10.90 -2.99 -1.26
N GLU A 40 11.10 -2.89 0.05
CA GLU A 40 11.98 -3.81 0.76
C GLU A 40 11.76 -5.25 0.27
N CYS A 41 10.55 -5.74 0.45
CA CYS A 41 10.20 -7.10 0.03
C CYS A 41 9.45 -7.09 -1.30
N GLY A 42 8.65 -6.05 -1.51
CA GLY A 42 7.89 -5.94 -2.74
C GLY A 42 6.44 -6.34 -2.57
N PHE A 43 5.93 -6.19 -1.35
CA PHE A 43 4.55 -6.55 -1.05
C PHE A 43 3.58 -5.59 -1.74
N PRO A 44 2.72 -6.15 -2.62
CA PRO A 44 1.73 -5.37 -3.37
C PRO A 44 0.63 -4.82 -2.47
N ALA A 45 0.43 -3.51 -2.52
CA ALA A 45 -0.60 -2.87 -1.71
C ALA A 45 -1.13 -1.60 -2.38
N CYS A 46 -2.41 -1.61 -2.72
CA CYS A 46 -3.03 -0.47 -3.37
C CYS A 46 -3.04 0.75 -2.46
N ARG A 47 -3.51 1.88 -2.98
CA ARG A 47 -3.57 3.11 -2.21
C ARG A 47 -4.49 2.96 -1.00
N PRO A 48 -5.73 2.52 -1.26
CA PRO A 48 -6.74 2.31 -0.21
C PRO A 48 -6.40 1.13 0.69
N CYS A 49 -5.14 0.73 0.68
CA CYS A 49 -4.69 -0.39 1.50
C CYS A 49 -3.44 -0.02 2.30
N TYR A 50 -2.59 0.81 1.70
CA TYR A 50 -1.35 1.25 2.36
C TYR A 50 -1.58 2.54 3.14
N GLU A 51 -2.19 3.53 2.48
CA GLU A 51 -2.46 4.81 3.11
C GLU A 51 -3.17 4.63 4.44
N TYR A 52 -4.25 3.84 4.42
CA TYR A 52 -5.03 3.58 5.63
C TYR A 52 -4.19 2.83 6.66
N GLU A 53 -3.55 1.75 6.23
CA GLU A 53 -2.71 0.95 7.12
C GLU A 53 -1.83 1.83 7.98
N ARG A 54 -1.41 2.97 7.43
CA ARG A 54 -0.55 3.90 8.15
C ARG A 54 -1.39 4.88 8.96
N ARG A 55 -2.60 5.15 8.49
CA ARG A 55 -3.50 6.07 9.18
C ARG A 55 -3.93 5.52 10.54
N GLU A 56 -4.71 4.44 10.51
CA GLU A 56 -5.18 3.81 11.74
C GLU A 56 -4.67 2.37 11.84
N GLY A 57 -4.11 1.87 10.75
CA GLY A 57 -3.60 0.51 10.74
C GLY A 57 -2.44 0.32 11.71
N THR A 58 -1.56 -0.63 11.40
CA THR A 58 -0.41 -0.91 12.25
C THR A 58 0.82 -0.18 11.75
N GLN A 59 0.81 0.23 10.49
CA GLN A 59 1.93 0.95 9.89
C GLN A 59 3.10 0.00 9.65
N ASN A 60 2.79 -1.20 9.15
CA ASN A 60 3.82 -2.20 8.86
C ASN A 60 3.38 -3.12 7.73
N CYS A 61 4.35 -3.79 7.11
CA CYS A 61 4.06 -4.71 6.02
C CYS A 61 3.73 -6.10 6.54
N PRO A 62 2.56 -6.62 6.15
CA PRO A 62 2.10 -7.94 6.57
C PRO A 62 2.92 -9.07 5.94
N GLN A 63 3.95 -8.69 5.19
CA GLN A 63 4.81 -9.67 4.54
C GLN A 63 6.22 -9.62 5.10
N CYS A 64 6.75 -8.41 5.28
CA CYS A 64 8.08 -8.23 5.83
C CYS A 64 8.04 -7.48 7.15
N LYS A 65 6.95 -6.74 7.36
CA LYS A 65 6.78 -5.97 8.59
C LYS A 65 7.93 -5.00 8.79
N THR A 66 8.19 -4.17 7.78
CA THR A 66 9.27 -3.19 7.83
C THR A 66 8.72 -1.79 8.09
N ARG A 67 9.58 -0.90 8.56
CA ARG A 67 9.19 0.48 8.85
C ARG A 67 8.67 1.16 7.59
N TYR A 68 7.42 1.62 7.65
CA TYR A 68 6.80 2.29 6.51
C TYR A 68 7.34 3.70 6.36
N LYS A 69 7.13 4.28 5.18
CA LYS A 69 7.60 5.63 4.89
C LYS A 69 6.54 6.42 4.12
N ARG A 70 6.72 7.74 4.08
CA ARG A 70 5.78 8.60 3.37
C ARG A 70 5.91 8.43 1.86
N LEU A 71 4.90 7.84 1.25
CA LEU A 71 4.90 7.62 -0.20
C LEU A 71 4.33 8.82 -0.94
N ARG A 72 4.16 8.68 -2.25
CA ARG A 72 3.62 9.75 -3.07
C ARG A 72 2.27 10.22 -2.54
N GLY A 73 1.45 9.27 -2.09
CA GLY A 73 0.15 9.60 -1.55
C GLY A 73 0.13 9.63 -0.04
N SER A 74 0.15 8.45 0.58
CA SER A 74 0.13 8.35 2.03
C SER A 74 0.88 9.52 2.67
N PRO A 75 0.13 10.53 3.12
CA PRO A 75 0.69 11.72 3.75
C PRO A 75 1.28 11.41 5.13
N ARG A 76 1.56 12.46 5.90
CA ARG A 76 2.12 12.31 7.23
C ARG A 76 1.12 11.64 8.17
N VAL A 77 1.63 10.80 9.07
CA VAL A 77 0.78 10.10 10.03
C VAL A 77 1.36 10.18 11.43
N GLU A 78 0.72 9.48 12.37
CA GLU A 78 1.17 9.46 13.75
C GLU A 78 2.33 8.47 13.94
N GLY A 79 3.24 8.44 12.97
CA GLY A 79 4.37 7.53 13.05
C GLY A 79 5.68 8.21 12.69
N ASP A 80 5.74 9.52 12.90
CA ASP A 80 6.94 10.29 12.60
C ASP A 80 7.24 11.29 13.71
N GLU A 81 8.46 11.21 14.24
CA GLU A 81 8.87 12.11 15.32
C GLU A 81 10.28 12.65 15.07
N ASP A 82 10.53 13.86 15.55
CA ASP A 82 11.84 14.49 15.38
C ASP A 82 12.38 15.00 16.72
N GLU A 83 13.61 15.50 16.70
CA GLU A 83 14.24 16.01 17.91
C GLU A 83 13.82 17.46 18.17
N GLU A 84 12.76 17.62 18.96
CA GLU A 84 12.25 18.96 19.28
C GLU A 84 11.99 19.09 20.77
N ASP A 85 12.76 19.92 21.44
CA ASP A 85 12.62 20.14 22.88
C ASP A 85 11.96 21.49 23.16
N ILE A 86 10.63 21.53 23.07
CA ILE A 86 9.89 22.76 23.32
C ILE A 86 8.97 22.62 24.52
N ASP A 87 9.37 23.22 25.64
CA ASP A 87 8.57 23.17 26.86
C ASP A 87 7.43 24.18 26.82
N SER A 88 6.69 24.18 25.72
CA SER A 88 5.57 25.09 25.55
C SER A 88 4.57 24.56 24.52
N GLY A 89 3.31 24.92 24.70
CA GLY A 89 2.27 24.46 23.79
C GLY A 89 0.90 24.95 24.17
N PRO A 90 0.67 26.27 24.02
CA PRO A 90 -0.62 26.89 24.36
C PRO A 90 -1.73 26.48 23.39
N SER A 91 -1.37 25.72 22.36
CA SER A 91 -2.33 25.27 21.37
C SER A 91 -3.39 24.37 22.01
N SER A 92 -2.93 23.39 22.77
CA SER A 92 -3.83 22.45 23.44
C SER A 92 -5.03 22.13 22.55
N GLY A 93 -4.78 21.92 21.27
CA GLY A 93 -5.84 21.61 20.33
C GLY A 93 -6.65 22.84 19.94
ZN ZN B . -5.67 -3.47 -1.84
ZN ZN C . 7.02 -5.71 2.50
N GLY A 1 -7.20 -50.00 -10.47
CA GLY A 1 -7.41 -48.59 -10.23
C GLY A 1 -6.49 -47.72 -11.08
N SER A 2 -6.80 -46.43 -11.15
CA SER A 2 -6.01 -45.49 -11.94
C SER A 2 -6.30 -44.05 -11.50
N SER A 3 -5.55 -43.12 -12.09
CA SER A 3 -5.71 -41.70 -11.76
C SER A 3 -5.86 -40.87 -13.03
N GLY A 4 -6.20 -39.60 -12.87
CA GLY A 4 -6.38 -38.71 -14.00
C GLY A 4 -6.42 -37.26 -13.61
N SER A 5 -5.85 -36.40 -14.45
CA SER A 5 -5.81 -34.96 -14.18
C SER A 5 -5.47 -34.18 -15.44
N SER A 6 -6.23 -33.12 -15.69
CA SER A 6 -6.01 -32.29 -16.87
C SER A 6 -5.88 -30.82 -16.48
N GLY A 7 -5.54 -29.97 -17.46
CA GLY A 7 -5.39 -28.56 -17.19
C GLY A 7 -4.11 -27.99 -17.76
N PRO A 8 -4.21 -27.40 -18.97
CA PRO A 8 -3.05 -26.81 -19.66
C PRO A 8 -2.55 -25.55 -18.96
N LYS A 9 -1.37 -25.08 -19.38
CA LYS A 9 -0.79 -23.88 -18.79
C LYS A 9 -1.73 -22.69 -18.93
N PRO A 10 -1.79 -21.85 -17.88
CA PRO A 10 -2.64 -20.67 -17.84
C PRO A 10 -2.16 -19.58 -18.80
N LEU A 11 -3.09 -18.74 -19.25
CA LEU A 11 -2.75 -17.66 -20.17
C LEU A 11 -1.98 -16.55 -19.46
N LYS A 12 -1.12 -15.86 -20.21
CA LYS A 12 -0.32 -14.78 -19.66
C LYS A 12 -1.21 -13.70 -19.05
N ASN A 13 -1.35 -13.72 -17.73
CA ASN A 13 -2.16 -12.74 -17.02
C ASN A 13 -1.77 -12.65 -15.56
N LEU A 14 -2.45 -11.78 -14.82
CA LEU A 14 -2.17 -11.60 -13.40
C LEU A 14 -0.67 -11.40 -13.16
N ASP A 15 -0.08 -10.47 -13.90
CA ASP A 15 1.34 -10.19 -13.77
C ASP A 15 1.76 -10.14 -12.30
N GLY A 16 1.10 -9.27 -11.53
CA GLY A 16 1.41 -9.15 -10.12
C GLY A 16 1.09 -7.78 -9.57
N GLN A 17 1.14 -6.77 -10.43
CA GLN A 17 0.84 -5.40 -10.02
C GLN A 17 -0.46 -5.34 -9.23
N PHE A 18 -1.30 -6.35 -9.41
CA PHE A 18 -2.58 -6.40 -8.70
C PHE A 18 -2.37 -6.60 -7.21
N CYS A 19 -2.95 -5.71 -6.41
CA CYS A 19 -2.82 -5.78 -4.96
C CYS A 19 -3.15 -7.19 -4.46
N GLU A 20 -2.52 -7.58 -3.35
CA GLU A 20 -2.75 -8.90 -2.77
C GLU A 20 -3.69 -8.81 -1.57
N ILE A 21 -3.51 -7.77 -0.76
CA ILE A 21 -4.35 -7.58 0.41
C ILE A 21 -5.83 -7.76 0.09
N CYS A 22 -6.35 -6.91 -0.79
CA CYS A 22 -7.75 -6.97 -1.19
C CYS A 22 -7.89 -7.73 -2.50
N GLY A 23 -6.99 -7.46 -3.44
CA GLY A 23 -7.03 -8.11 -4.74
C GLY A 23 -7.11 -7.14 -5.89
N ASP A 24 -7.88 -6.06 -5.69
CA ASP A 24 -8.03 -5.04 -6.73
C ASP A 24 -6.70 -4.77 -7.43
N GLN A 25 -6.77 -4.16 -8.60
CA GLN A 25 -5.58 -3.84 -9.37
C GLN A 25 -4.98 -2.51 -8.92
N ILE A 26 -3.72 -2.54 -8.51
CA ILE A 26 -3.03 -1.34 -8.06
C ILE A 26 -2.87 -0.34 -9.20
N GLY A 27 -3.47 0.84 -9.02
CA GLY A 27 -3.39 1.87 -10.04
C GLY A 27 -1.97 2.35 -10.27
N LEU A 28 -1.82 3.65 -10.51
CA LEU A 28 -0.51 4.24 -10.76
C LEU A 28 -0.20 5.33 -9.73
N THR A 29 1.02 5.84 -9.76
CA THR A 29 1.44 6.89 -8.84
C THR A 29 1.10 8.27 -9.40
N VAL A 30 1.54 9.31 -8.69
CA VAL A 30 1.28 10.68 -9.11
C VAL A 30 1.98 10.98 -10.44
N GLU A 31 3.06 10.27 -10.70
CA GLU A 31 3.83 10.46 -11.92
C GLU A 31 3.31 9.54 -13.03
N GLY A 32 3.18 8.26 -12.71
CA GLY A 32 2.70 7.30 -13.69
C GLY A 32 3.11 5.88 -13.36
N ASP A 33 4.28 5.74 -12.73
CA ASP A 33 4.79 4.42 -12.35
C ASP A 33 3.80 3.69 -11.47
N LEU A 34 3.90 2.36 -11.46
CA LEU A 34 2.99 1.53 -10.65
C LEU A 34 3.19 1.81 -9.17
N PHE A 35 2.09 2.15 -8.49
CA PHE A 35 2.14 2.45 -7.07
C PHE A 35 2.79 1.30 -6.30
N VAL A 36 4.08 1.42 -6.04
CA VAL A 36 4.81 0.40 -5.31
C VAL A 36 4.80 0.66 -3.81
N ALA A 37 3.68 0.30 -3.17
CA ALA A 37 3.53 0.49 -1.74
C ALA A 37 4.81 0.10 -1.00
N CYS A 38 5.14 -1.18 -1.05
CA CYS A 38 6.34 -1.68 -0.38
C CYS A 38 7.45 -1.98 -1.40
N ASN A 39 8.68 -1.72 -0.99
CA ASN A 39 9.83 -1.96 -1.86
C ASN A 39 10.78 -2.99 -1.24
N GLU A 40 10.97 -2.90 0.07
CA GLU A 40 11.85 -3.81 0.78
C GLU A 40 11.59 -5.25 0.35
N CYS A 41 10.35 -5.70 0.53
CA CYS A 41 9.97 -7.07 0.16
C CYS A 41 9.29 -7.09 -1.20
N GLY A 42 8.44 -6.09 -1.45
CA GLY A 42 7.72 -6.02 -2.71
C GLY A 42 6.28 -6.45 -2.58
N PHE A 43 5.69 -6.20 -1.42
CA PHE A 43 4.29 -6.57 -1.18
C PHE A 43 3.35 -5.64 -1.93
N PRO A 44 2.54 -6.23 -2.83
CA PRO A 44 1.57 -5.47 -3.63
C PRO A 44 0.41 -4.94 -2.80
N ALA A 45 0.39 -3.62 -2.60
CA ALA A 45 -0.66 -2.99 -1.83
C ALA A 45 -1.14 -1.69 -2.49
N CYS A 46 -2.40 -1.69 -2.91
CA CYS A 46 -2.97 -0.52 -3.57
C CYS A 46 -2.86 0.71 -2.68
N ARG A 47 -3.46 1.82 -3.12
CA ARG A 47 -3.42 3.06 -2.36
C ARG A 47 -4.24 2.95 -1.08
N PRO A 48 -5.51 2.52 -1.23
CA PRO A 48 -6.42 2.36 -0.10
C PRO A 48 -6.03 1.19 0.80
N CYS A 49 -4.84 0.63 0.56
CA CYS A 49 -4.36 -0.49 1.35
C CYS A 49 -3.10 -0.10 2.14
N TYR A 50 -2.24 0.70 1.52
CA TYR A 50 -1.02 1.14 2.17
C TYR A 50 -1.29 2.34 3.08
N GLU A 51 -2.03 3.31 2.57
CA GLU A 51 -2.36 4.50 3.34
C GLU A 51 -3.02 4.14 4.66
N TYR A 52 -4.03 3.26 4.60
CA TYR A 52 -4.74 2.83 5.80
C TYR A 52 -3.77 2.25 6.82
N GLU A 53 -2.89 1.37 6.36
CA GLU A 53 -1.92 0.73 7.24
C GLU A 53 -1.28 1.76 8.17
N ARG A 54 -1.12 2.98 7.68
CA ARG A 54 -0.52 4.05 8.46
C ARG A 54 -1.60 4.85 9.21
N ARG A 55 -2.73 5.06 8.55
CA ARG A 55 -3.84 5.80 9.14
C ARG A 55 -4.21 5.22 10.50
N GLU A 56 -4.70 3.99 10.50
CA GLU A 56 -5.10 3.32 11.74
C GLU A 56 -4.34 2.01 11.92
N GLY A 57 -3.80 1.49 10.82
CA GLY A 57 -3.05 0.25 10.88
C GLY A 57 -1.90 0.31 11.87
N THR A 58 -0.93 -0.59 11.69
CA THR A 58 0.23 -0.64 12.58
C THR A 58 1.46 -0.07 11.89
N GLN A 59 1.28 0.48 10.70
CA GLN A 59 2.38 1.06 9.95
C GLN A 59 3.49 0.03 9.72
N ASN A 60 3.08 -1.22 9.51
CA ASN A 60 4.04 -2.30 9.29
C ASN A 60 3.54 -3.26 8.21
N CYS A 61 4.34 -3.45 7.17
CA CYS A 61 3.98 -4.33 6.07
C CYS A 61 3.55 -5.69 6.60
N PRO A 62 2.35 -6.13 6.19
CA PRO A 62 1.79 -7.43 6.60
C PRO A 62 2.54 -8.60 6.01
N GLN A 63 3.61 -8.31 5.27
CA GLN A 63 4.41 -9.35 4.64
C GLN A 63 5.82 -9.37 5.22
N CYS A 64 6.42 -8.19 5.35
CA CYS A 64 7.77 -8.08 5.89
C CYS A 64 7.77 -7.24 7.17
N LYS A 65 6.70 -6.48 7.38
CA LYS A 65 6.58 -5.63 8.56
C LYS A 65 7.73 -4.64 8.64
N THR A 66 8.00 -3.96 7.53
CA THR A 66 9.07 -2.98 7.48
C THR A 66 8.54 -1.57 7.72
N ARG A 67 9.35 -0.75 8.38
CA ARG A 67 8.96 0.62 8.68
C ARG A 67 8.42 1.31 7.43
N TYR A 68 7.27 1.97 7.57
CA TYR A 68 6.65 2.67 6.45
C TYR A 68 7.01 4.14 6.47
N LYS A 69 6.77 4.82 5.35
CA LYS A 69 7.07 6.24 5.24
C LYS A 69 5.89 7.00 4.63
N ARG A 70 6.04 8.32 4.51
CA ARG A 70 4.98 9.15 3.95
C ARG A 70 5.06 9.17 2.43
N LEU A 71 4.24 8.34 1.79
CA LEU A 71 4.20 8.26 0.34
C LEU A 71 3.59 9.52 -0.26
N ARG A 72 3.47 9.53 -1.59
CA ARG A 72 2.90 10.67 -2.29
C ARG A 72 1.53 11.03 -1.73
N GLY A 73 0.67 10.02 -1.60
CA GLY A 73 -0.66 10.24 -1.08
C GLY A 73 -0.72 10.12 0.42
N SER A 74 -0.24 9.00 0.95
CA SER A 74 -0.25 8.76 2.39
C SER A 74 0.05 10.05 3.15
N PRO A 75 -1.00 10.70 3.67
CA PRO A 75 -0.88 11.95 4.42
C PRO A 75 -0.22 11.74 5.79
N ARG A 76 -0.27 12.76 6.62
CA ARG A 76 0.33 12.69 7.96
C ARG A 76 -0.46 11.72 8.84
N VAL A 77 0.26 11.05 9.75
CA VAL A 77 -0.37 10.09 10.66
C VAL A 77 0.35 10.07 12.01
N GLU A 78 -0.21 9.30 12.95
CA GLU A 78 0.39 9.19 14.28
C GLU A 78 1.64 8.33 14.24
N GLY A 79 2.77 8.94 13.93
CA GLY A 79 4.02 8.21 13.87
C GLY A 79 5.21 9.10 13.53
N ASP A 80 4.98 10.08 12.66
CA ASP A 80 6.03 11.01 12.26
C ASP A 80 6.96 11.32 13.43
N GLU A 81 6.37 11.53 14.61
CA GLU A 81 7.15 11.84 15.80
C GLU A 81 6.30 11.66 17.05
N ASP A 82 6.86 10.97 18.05
CA ASP A 82 6.17 10.72 19.30
C ASP A 82 6.93 11.33 20.48
N GLU A 83 6.33 11.26 21.66
CA GLU A 83 6.95 11.81 22.86
C GLU A 83 7.97 10.83 23.44
N GLU A 84 8.77 10.24 22.57
CA GLU A 84 9.79 9.28 22.99
C GLU A 84 9.14 8.01 23.53
N ASP A 85 8.15 7.51 22.81
CA ASP A 85 7.44 6.29 23.22
C ASP A 85 8.01 5.07 22.50
N ILE A 86 9.06 4.50 23.07
CA ILE A 86 9.70 3.32 22.50
C ILE A 86 9.20 2.04 23.16
N ASP A 87 8.27 1.36 22.49
CA ASP A 87 7.71 0.12 23.02
C ASP A 87 6.76 -0.52 22.00
N SER A 88 6.72 -1.85 21.99
CA SER A 88 5.86 -2.57 21.07
C SER A 88 4.55 -2.95 21.74
N GLY A 89 3.52 -3.21 20.93
CA GLY A 89 2.23 -3.57 21.46
C GLY A 89 1.93 -5.05 21.29
N PRO A 90 1.31 -5.66 22.32
CA PRO A 90 0.96 -7.08 22.31
C PRO A 90 -0.16 -7.40 21.32
N SER A 91 0.18 -8.08 20.24
CA SER A 91 -0.79 -8.44 19.21
C SER A 91 -1.83 -9.40 19.78
N SER A 92 -1.36 -10.49 20.37
CA SER A 92 -2.25 -11.50 20.95
C SER A 92 -3.20 -12.05 19.89
N GLY A 93 -2.68 -12.31 18.69
CA GLY A 93 -3.49 -12.83 17.62
C GLY A 93 -4.13 -11.73 16.79
ZN ZN B . -5.63 -3.48 -1.99
ZN ZN C . 6.89 -5.52 2.56
N GLY A 1 12.37 4.02 -31.70
CA GLY A 1 11.19 3.37 -31.15
C GLY A 1 9.92 3.79 -31.84
N SER A 2 9.25 2.83 -32.47
CA SER A 2 8.00 3.11 -33.17
C SER A 2 7.33 1.81 -33.63
N SER A 3 6.19 1.95 -34.28
CA SER A 3 5.44 0.79 -34.77
C SER A 3 5.06 -0.13 -33.61
N GLY A 4 4.47 0.44 -32.58
CA GLY A 4 4.06 -0.35 -31.43
C GLY A 4 2.98 -1.35 -31.76
N SER A 5 2.40 -1.95 -30.73
CA SER A 5 1.34 -2.94 -30.92
C SER A 5 0.23 -2.77 -29.88
N SER A 6 -0.97 -3.20 -30.24
CA SER A 6 -2.12 -3.08 -29.34
C SER A 6 -2.94 -4.37 -29.34
N GLY A 7 -3.82 -4.50 -28.35
CA GLY A 7 -4.65 -5.68 -28.25
C GLY A 7 -5.91 -5.44 -27.44
N PRO A 8 -6.97 -6.20 -27.74
CA PRO A 8 -8.25 -6.08 -27.05
C PRO A 8 -8.18 -6.60 -25.61
N LYS A 9 -9.32 -6.56 -24.92
CA LYS A 9 -9.40 -7.03 -23.55
C LYS A 9 -8.54 -8.28 -23.34
N PRO A 10 -7.39 -8.12 -22.68
CA PRO A 10 -6.47 -9.22 -22.40
C PRO A 10 -7.05 -10.21 -21.38
N LEU A 11 -6.67 -11.48 -21.53
CA LEU A 11 -7.15 -12.53 -20.63
C LEU A 11 -6.61 -12.31 -19.22
N LYS A 12 -7.26 -12.93 -18.24
CA LYS A 12 -6.84 -12.81 -16.85
C LYS A 12 -5.32 -12.76 -16.74
N ASN A 13 -4.83 -12.03 -15.73
CA ASN A 13 -3.40 -11.91 -15.51
C ASN A 13 -3.06 -12.11 -14.04
N LEU A 14 -1.92 -12.75 -13.80
CA LEU A 14 -1.47 -13.02 -12.42
C LEU A 14 -0.01 -12.61 -12.26
N ASP A 15 0.35 -11.46 -12.79
CA ASP A 15 1.71 -10.96 -12.68
C ASP A 15 2.08 -10.68 -11.23
N GLY A 16 1.27 -9.87 -10.57
CA GLY A 16 1.51 -9.53 -9.18
C GLY A 16 1.05 -8.14 -8.82
N GLN A 17 1.25 -7.20 -9.74
CA GLN A 17 0.85 -5.81 -9.51
C GLN A 17 -0.47 -5.74 -8.74
N PHE A 18 -1.31 -6.75 -8.93
CA PHE A 18 -2.60 -6.81 -8.25
C PHE A 18 -2.41 -6.89 -6.74
N CYS A 19 -3.07 -6.00 -6.02
CA CYS A 19 -2.98 -5.99 -4.56
C CYS A 19 -3.34 -7.35 -3.97
N GLU A 20 -2.80 -7.63 -2.79
CA GLU A 20 -3.07 -8.90 -2.12
C GLU A 20 -4.03 -8.70 -0.95
N ILE A 21 -3.92 -7.57 -0.28
CA ILE A 21 -4.78 -7.27 0.85
C ILE A 21 -6.26 -7.40 0.48
N CYS A 22 -6.70 -6.57 -0.47
CA CYS A 22 -8.08 -6.61 -0.92
C CYS A 22 -8.21 -7.42 -2.21
N GLY A 23 -7.28 -7.22 -3.13
CA GLY A 23 -7.31 -7.95 -4.38
C GLY A 23 -7.28 -7.03 -5.58
N ASP A 24 -8.07 -5.96 -5.52
CA ASP A 24 -8.14 -4.98 -6.62
C ASP A 24 -6.76 -4.81 -7.27
N GLN A 25 -6.77 -4.47 -8.55
CA GLN A 25 -5.53 -4.28 -9.30
C GLN A 25 -4.90 -2.93 -8.95
N ILE A 26 -3.73 -2.97 -8.31
CA ILE A 26 -3.02 -1.76 -7.94
C ILE A 26 -2.89 -0.81 -9.12
N GLY A 27 -3.68 0.27 -9.10
CA GLY A 27 -3.63 1.24 -10.17
C GLY A 27 -2.31 1.96 -10.24
N LEU A 28 -2.34 3.22 -10.70
CA LEU A 28 -1.12 4.02 -10.81
C LEU A 28 -1.16 5.19 -9.83
N THR A 29 -0.01 5.83 -9.64
CA THR A 29 0.10 6.96 -8.73
C THR A 29 -0.33 8.26 -9.43
N VAL A 30 -0.58 9.29 -8.63
CA VAL A 30 -1.00 10.58 -9.16
C VAL A 30 -0.26 10.90 -10.47
N GLU A 31 1.03 10.56 -10.51
CA GLU A 31 1.84 10.81 -11.69
C GLU A 31 1.55 9.77 -12.77
N GLY A 32 1.67 8.50 -12.40
CA GLY A 32 1.43 7.42 -13.35
C GLY A 32 2.22 6.17 -13.04
N ASP A 33 3.35 6.35 -12.35
CA ASP A 33 4.19 5.21 -11.98
C ASP A 33 3.43 4.23 -11.09
N LEU A 34 3.87 2.98 -11.10
CA LEU A 34 3.23 1.94 -10.31
C LEU A 34 3.34 2.25 -8.82
N PHE A 35 2.20 2.23 -8.13
CA PHE A 35 2.18 2.50 -6.70
C PHE A 35 2.88 1.40 -5.92
N VAL A 36 4.19 1.56 -5.73
CA VAL A 36 4.99 0.57 -5.00
C VAL A 36 4.85 0.78 -3.50
N ALA A 37 3.79 0.21 -2.92
CA ALA A 37 3.55 0.33 -1.49
C ALA A 37 4.80 -0.07 -0.70
N CYS A 38 5.43 -1.16 -1.10
CA CYS A 38 6.63 -1.65 -0.43
C CYS A 38 7.73 -1.96 -1.43
N ASN A 39 8.97 -1.68 -1.05
CA ASN A 39 10.12 -1.93 -1.91
C ASN A 39 11.02 -3.01 -1.33
N GLU A 40 11.17 -2.99 0.00
CA GLU A 40 12.02 -3.96 0.69
C GLU A 40 11.70 -5.38 0.23
N CYS A 41 10.43 -5.78 0.40
CA CYS A 41 10.00 -7.11 0.00
C CYS A 41 9.22 -7.06 -1.32
N GLY A 42 8.39 -6.04 -1.47
CA GLY A 42 7.60 -5.89 -2.67
C GLY A 42 6.17 -6.36 -2.49
N PHE A 43 5.62 -6.14 -1.31
CA PHE A 43 4.25 -6.55 -1.01
C PHE A 43 3.25 -5.72 -1.81
N PRO A 44 2.39 -6.41 -2.57
CA PRO A 44 1.38 -5.76 -3.41
C PRO A 44 0.27 -5.12 -2.57
N ALA A 45 0.28 -3.80 -2.48
CA ALA A 45 -0.72 -3.07 -1.72
C ALA A 45 -1.18 -1.82 -2.46
N CYS A 46 -2.45 -1.78 -2.84
CA CYS A 46 -3.01 -0.64 -3.55
C CYS A 46 -2.88 0.63 -2.72
N ARG A 47 -3.38 1.74 -3.26
CA ARG A 47 -3.33 3.02 -2.58
C ARG A 47 -4.23 3.02 -1.35
N PRO A 48 -5.50 2.63 -1.55
CA PRO A 48 -6.49 2.58 -0.47
C PRO A 48 -6.21 1.45 0.52
N CYS A 49 -4.98 0.94 0.50
CA CYS A 49 -4.58 -0.14 1.38
C CYS A 49 -3.31 0.24 2.17
N TYR A 50 -2.42 0.97 1.51
CA TYR A 50 -1.18 1.39 2.13
C TYR A 50 -1.41 2.56 3.09
N GLU A 51 -2.15 3.56 2.62
CA GLU A 51 -2.45 4.73 3.44
C GLU A 51 -3.12 4.32 4.75
N TYR A 52 -4.18 3.53 4.64
CA TYR A 52 -4.91 3.07 5.81
C TYR A 52 -4.00 2.30 6.76
N GLU A 53 -3.23 1.37 6.20
CA GLU A 53 -2.30 0.57 7.00
C GLU A 53 -1.49 1.44 7.94
N ARG A 54 -1.27 2.69 7.54
CA ARG A 54 -0.51 3.63 8.35
C ARG A 54 -1.43 4.50 9.19
N ARG A 55 -2.61 4.78 8.66
CA ARG A 55 -3.60 5.61 9.36
C ARG A 55 -4.13 4.89 10.59
N GLU A 56 -4.88 3.82 10.37
CA GLU A 56 -5.45 3.04 11.46
C GLU A 56 -4.72 1.71 11.63
N GLY A 57 -4.07 1.26 10.56
CA GLY A 57 -3.33 0.01 10.61
C GLY A 57 -2.24 0.03 11.66
N THR A 58 -1.24 -0.83 11.48
CA THR A 58 -0.12 -0.92 12.42
C THR A 58 1.11 -0.22 11.86
N GLN A 59 1.02 0.25 10.62
CA GLN A 59 2.14 0.93 9.98
C GLN A 59 3.31 -0.01 9.76
N ASN A 60 3.00 -1.28 9.48
CA ASN A 60 4.03 -2.29 9.26
C ASN A 60 3.59 -3.29 8.20
N CYS A 61 4.37 -3.38 7.12
CA CYS A 61 4.05 -4.30 6.04
C CYS A 61 3.67 -5.68 6.58
N PRO A 62 2.48 -6.16 6.21
CA PRO A 62 1.98 -7.47 6.65
C PRO A 62 2.75 -8.62 6.02
N GLN A 63 3.75 -8.29 5.22
CA GLN A 63 4.58 -9.30 4.56
C GLN A 63 5.99 -9.32 5.12
N CYS A 64 6.57 -8.14 5.28
CA CYS A 64 7.92 -8.02 5.82
C CYS A 64 7.92 -7.27 7.14
N LYS A 65 6.88 -6.47 7.37
CA LYS A 65 6.75 -5.71 8.60
C LYS A 65 7.92 -4.75 8.76
N THR A 66 8.38 -4.19 7.65
CA THR A 66 9.51 -3.25 7.67
C THR A 66 9.02 -1.81 7.81
N ARG A 67 9.92 -0.94 8.26
CA ARG A 67 9.58 0.47 8.45
C ARG A 67 9.01 1.07 7.18
N TYR A 68 7.91 1.81 7.31
CA TYR A 68 7.26 2.43 6.17
C TYR A 68 7.83 3.82 5.91
N LYS A 69 7.38 4.44 4.82
CA LYS A 69 7.85 5.77 4.46
C LYS A 69 6.77 6.55 3.71
N ARG A 70 6.57 7.80 4.09
CA ARG A 70 5.57 8.64 3.45
C ARG A 70 5.57 8.45 1.94
N LEU A 71 4.42 8.60 1.32
CA LEU A 71 4.29 8.45 -0.13
C LEU A 71 3.57 9.65 -0.74
N ARG A 72 3.30 9.56 -2.04
CA ARG A 72 2.63 10.64 -2.75
C ARG A 72 1.34 11.04 -2.03
N GLY A 73 0.64 10.06 -1.48
CA GLY A 73 -0.60 10.33 -0.78
C GLY A 73 -0.63 9.69 0.60
N SER A 74 0.49 9.73 1.30
CA SER A 74 0.59 9.15 2.63
C SER A 74 1.30 10.09 3.59
N PRO A 75 0.51 10.88 4.34
CA PRO A 75 1.03 11.84 5.32
C PRO A 75 1.67 11.15 6.52
N ARG A 76 2.50 11.90 7.25
CA ARG A 76 3.18 11.36 8.42
C ARG A 76 2.17 10.91 9.47
N VAL A 77 2.53 9.87 10.22
CA VAL A 77 1.66 9.34 11.26
C VAL A 77 2.40 9.18 12.58
N GLU A 78 1.70 8.71 13.60
CA GLU A 78 2.30 8.51 14.92
C GLU A 78 2.75 9.84 15.51
N GLY A 79 1.82 10.79 15.60
CA GLY A 79 2.14 12.09 16.14
C GLY A 79 2.13 13.18 15.08
N ASP A 80 1.54 12.89 13.93
CA ASP A 80 1.46 13.85 12.84
C ASP A 80 0.12 13.77 12.13
N GLU A 81 -0.44 14.92 11.79
CA GLU A 81 -1.73 14.97 11.11
C GLU A 81 -2.75 14.04 11.78
N ASP A 82 -2.54 13.80 13.07
CA ASP A 82 -3.44 12.92 13.82
C ASP A 82 -4.71 13.66 14.22
N GLU A 83 -4.55 14.79 14.91
CA GLU A 83 -5.69 15.58 15.36
C GLU A 83 -6.66 15.82 14.20
N GLU A 84 -7.92 15.50 14.43
CA GLU A 84 -8.95 15.68 13.41
C GLU A 84 -10.27 16.12 14.04
N ASP A 85 -11.01 16.96 13.33
CA ASP A 85 -12.29 17.45 13.81
C ASP A 85 -13.31 16.32 13.93
N ILE A 86 -13.44 15.76 15.13
CA ILE A 86 -14.37 14.68 15.37
C ILE A 86 -15.68 14.90 14.63
N ASP A 87 -16.07 13.92 13.83
CA ASP A 87 -17.32 14.02 13.07
C ASP A 87 -18.38 13.10 13.66
N SER A 88 -19.60 13.20 13.12
CA SER A 88 -20.71 12.38 13.61
C SER A 88 -20.38 10.90 13.51
N GLY A 89 -19.88 10.49 12.34
CA GLY A 89 -19.52 9.09 12.14
C GLY A 89 -20.36 8.44 11.04
N PRO A 90 -19.69 8.06 9.95
CA PRO A 90 -20.35 7.42 8.80
C PRO A 90 -20.82 6.01 9.13
N SER A 91 -22.08 5.71 8.80
CA SER A 91 -22.65 4.41 9.06
C SER A 91 -22.36 3.45 7.91
N SER A 92 -21.27 2.71 8.00
CA SER A 92 -20.88 1.77 6.97
C SER A 92 -20.67 0.37 7.55
N GLY A 93 -19.82 0.29 8.57
CA GLY A 93 -19.54 -0.99 9.19
C GLY A 93 -18.23 -0.99 9.95
ZN ZN B . -5.71 -3.40 -1.75
ZN ZN C . 7.00 -5.42 2.50
N GLY A 1 -5.80 -27.05 -17.83
CA GLY A 1 -5.90 -26.63 -19.22
C GLY A 1 -5.39 -25.22 -19.43
N SER A 2 -5.10 -24.89 -20.68
CA SER A 2 -4.58 -23.56 -21.02
C SER A 2 -5.34 -22.97 -22.20
N SER A 3 -5.77 -21.72 -22.06
CA SER A 3 -6.50 -21.04 -23.13
C SER A 3 -6.18 -19.56 -23.15
N GLY A 4 -6.14 -18.98 -24.35
CA GLY A 4 -5.84 -17.56 -24.49
C GLY A 4 -6.41 -16.97 -25.76
N SER A 5 -7.68 -16.60 -25.72
CA SER A 5 -8.35 -16.01 -26.88
C SER A 5 -9.42 -15.03 -26.44
N SER A 6 -9.87 -14.20 -27.38
CA SER A 6 -10.89 -13.20 -27.10
C SER A 6 -12.20 -13.86 -26.69
N GLY A 7 -12.55 -13.74 -25.41
CA GLY A 7 -13.77 -14.33 -24.90
C GLY A 7 -14.00 -14.02 -23.43
N PRO A 8 -14.99 -14.69 -22.84
CA PRO A 8 -15.34 -14.50 -21.42
C PRO A 8 -14.28 -15.07 -20.49
N LYS A 9 -13.19 -15.55 -21.07
CA LYS A 9 -12.09 -16.12 -20.29
C LYS A 9 -11.75 -15.23 -19.09
N PRO A 10 -11.50 -15.86 -17.94
CA PRO A 10 -11.16 -15.14 -16.71
C PRO A 10 -9.78 -14.49 -16.78
N LEU A 11 -9.51 -13.57 -15.86
CA LEU A 11 -8.23 -12.88 -15.81
C LEU A 11 -7.08 -13.88 -15.78
N LYS A 12 -6.16 -13.74 -16.72
CA LYS A 12 -5.00 -14.63 -16.80
C LYS A 12 -3.73 -13.88 -16.39
N ASN A 13 -3.47 -12.75 -17.02
CA ASN A 13 -2.29 -11.96 -16.71
C ASN A 13 -1.95 -12.01 -15.23
N LEU A 14 -0.76 -12.50 -14.91
CA LEU A 14 -0.32 -12.61 -13.52
C LEU A 14 0.94 -11.80 -13.28
N ASP A 15 0.99 -10.60 -13.85
CA ASP A 15 2.13 -9.71 -13.69
C ASP A 15 2.49 -9.54 -12.23
N GLY A 16 1.53 -9.05 -11.44
CA GLY A 16 1.77 -8.84 -10.02
C GLY A 16 1.28 -7.50 -9.54
N GLN A 17 1.46 -6.48 -10.38
CA GLN A 17 1.02 -5.13 -10.04
C GLN A 17 -0.28 -5.15 -9.25
N PHE A 18 -1.11 -6.15 -9.52
CA PHE A 18 -2.39 -6.29 -8.83
C PHE A 18 -2.19 -6.49 -7.34
N CYS A 19 -2.85 -5.66 -6.55
CA CYS A 19 -2.74 -5.73 -5.09
C CYS A 19 -3.05 -7.15 -4.60
N GLU A 20 -2.49 -7.50 -3.45
CA GLU A 20 -2.71 -8.82 -2.87
C GLU A 20 -3.70 -8.75 -1.70
N ILE A 21 -3.58 -7.71 -0.90
CA ILE A 21 -4.45 -7.52 0.25
C ILE A 21 -5.91 -7.71 -0.13
N CYS A 22 -6.40 -6.82 -1.00
CA CYS A 22 -7.78 -6.88 -1.45
C CYS A 22 -7.88 -7.56 -2.82
N GLY A 23 -7.01 -7.16 -3.73
CA GLY A 23 -7.01 -7.75 -5.06
C GLY A 23 -7.02 -6.70 -6.15
N ASP A 24 -7.78 -5.63 -5.95
CA ASP A 24 -7.87 -4.55 -6.92
C ASP A 24 -6.53 -4.33 -7.62
N GLN A 25 -6.59 -3.95 -8.89
CA GLN A 25 -5.38 -3.72 -9.67
C GLN A 25 -4.74 -2.38 -9.28
N ILE A 26 -3.57 -2.45 -8.65
CA ILE A 26 -2.86 -1.25 -8.23
C ILE A 26 -2.75 -0.25 -9.38
N GLY A 27 -3.48 0.86 -9.26
CA GLY A 27 -3.45 1.88 -10.29
C GLY A 27 -2.12 2.60 -10.36
N LEU A 28 -2.14 3.88 -10.71
CA LEU A 28 -0.93 4.67 -10.81
C LEU A 28 -0.87 5.73 -9.71
N THR A 29 0.31 6.30 -9.51
CA THR A 29 0.50 7.32 -8.49
C THR A 29 -0.02 8.67 -8.95
N VAL A 30 -0.17 9.61 -8.02
CA VAL A 30 -0.67 10.94 -8.34
C VAL A 30 0.03 11.49 -9.59
N GLU A 31 1.31 11.21 -9.72
CA GLU A 31 2.09 11.68 -10.86
C GLU A 31 1.84 10.80 -12.09
N GLY A 32 2.01 9.49 -11.90
CA GLY A 32 1.80 8.55 -13.00
C GLY A 32 2.58 7.27 -12.81
N ASP A 33 3.67 7.33 -12.06
CA ASP A 33 4.50 6.17 -11.81
C ASP A 33 3.70 5.05 -11.14
N LEU A 34 4.28 3.87 -11.08
CA LEU A 34 3.61 2.72 -10.47
C LEU A 34 3.57 2.85 -8.96
N PHE A 35 2.38 2.71 -8.38
CA PHE A 35 2.20 2.81 -6.94
C PHE A 35 2.59 1.51 -6.25
N VAL A 36 3.83 1.44 -5.77
CA VAL A 36 4.32 0.26 -5.08
C VAL A 36 4.51 0.52 -3.60
N ALA A 37 3.47 0.22 -2.81
CA ALA A 37 3.53 0.42 -1.37
C ALA A 37 4.88 -0.01 -0.80
N CYS A 38 5.13 -1.31 -0.80
CA CYS A 38 6.38 -1.85 -0.28
C CYS A 38 7.31 -2.26 -1.43
N ASN A 39 8.60 -1.98 -1.26
CA ASN A 39 9.58 -2.32 -2.28
C ASN A 39 10.59 -3.34 -1.74
N GLU A 40 10.95 -3.20 -0.47
CA GLU A 40 11.90 -4.10 0.16
C GLU A 40 11.55 -5.56 -0.15
N CYS A 41 10.37 -5.97 0.29
CA CYS A 41 9.91 -7.34 0.07
C CYS A 41 9.17 -7.46 -1.26
N GLY A 42 8.39 -6.43 -1.59
CA GLY A 42 7.65 -6.45 -2.84
C GLY A 42 6.18 -6.79 -2.64
N PHE A 43 5.62 -6.34 -1.52
CA PHE A 43 4.22 -6.61 -1.21
C PHE A 43 3.30 -5.66 -1.98
N PRO A 44 2.52 -6.22 -2.92
CA PRO A 44 1.60 -5.45 -3.74
C PRO A 44 0.41 -4.93 -2.94
N ALA A 45 0.45 -3.64 -2.61
CA ALA A 45 -0.62 -3.02 -1.84
C ALA A 45 -1.09 -1.72 -2.49
N CYS A 46 -2.34 -1.69 -2.94
CA CYS A 46 -2.90 -0.51 -3.58
C CYS A 46 -2.83 0.70 -2.65
N ARG A 47 -3.35 1.82 -3.13
CA ARG A 47 -3.35 3.05 -2.33
C ARG A 47 -4.28 2.93 -1.14
N PRO A 48 -5.53 2.51 -1.39
CA PRO A 48 -6.54 2.35 -0.34
C PRO A 48 -6.23 1.16 0.57
N CYS A 49 -5.01 0.65 0.47
CA CYS A 49 -4.59 -0.49 1.29
C CYS A 49 -3.37 -0.12 2.12
N TYR A 50 -2.44 0.61 1.52
CA TYR A 50 -1.22 1.02 2.21
C TYR A 50 -1.48 2.23 3.11
N GLU A 51 -1.97 3.31 2.50
CA GLU A 51 -2.26 4.53 3.24
C GLU A 51 -2.94 4.22 4.57
N TYR A 52 -3.99 3.42 4.51
CA TYR A 52 -4.74 3.03 5.71
C TYR A 52 -3.80 2.44 6.76
N GLU A 53 -2.91 1.57 6.31
CA GLU A 53 -1.96 0.91 7.21
C GLU A 53 -1.34 1.93 8.17
N ARG A 54 -1.04 3.11 7.65
CA ARG A 54 -0.44 4.17 8.46
C ARG A 54 -1.51 4.89 9.28
N ARG A 55 -2.73 4.93 8.75
CA ARG A 55 -3.83 5.60 9.44
C ARG A 55 -4.26 4.82 10.68
N GLU A 56 -4.85 3.64 10.46
CA GLU A 56 -5.30 2.79 11.55
C GLU A 56 -4.36 1.60 11.74
N GLY A 57 -3.74 1.15 10.65
CA GLY A 57 -2.82 0.03 10.73
C GLY A 57 -1.70 0.27 11.72
N THR A 58 -0.62 -0.51 11.57
CA THR A 58 0.52 -0.38 12.46
C THR A 58 1.74 0.16 11.71
N GLN A 59 1.51 0.69 10.52
CA GLN A 59 2.59 1.24 9.70
C GLN A 59 3.65 0.18 9.42
N ASN A 60 3.24 -1.08 9.42
CA ASN A 60 4.15 -2.18 9.17
C ASN A 60 3.61 -3.12 8.10
N CYS A 61 4.44 -3.42 7.11
CA CYS A 61 4.03 -4.31 6.01
C CYS A 61 3.61 -5.68 6.56
N PRO A 62 2.40 -6.13 6.17
CA PRO A 62 1.88 -7.42 6.61
C PRO A 62 2.61 -8.59 5.97
N GLN A 63 3.67 -8.29 5.23
CA GLN A 63 4.47 -9.32 4.58
C GLN A 63 5.89 -9.35 5.12
N CYS A 64 6.46 -8.16 5.33
CA CYS A 64 7.82 -8.05 5.85
C CYS A 64 7.84 -7.23 7.14
N LYS A 65 6.78 -6.46 7.36
CA LYS A 65 6.67 -5.63 8.56
C LYS A 65 7.86 -4.68 8.67
N THR A 66 8.16 -3.99 7.57
CA THR A 66 9.26 -3.04 7.54
C THR A 66 8.78 -1.62 7.79
N ARG A 67 9.69 -0.76 8.23
CA ARG A 67 9.36 0.64 8.50
C ARG A 67 8.78 1.30 7.26
N TYR A 68 7.57 1.86 7.39
CA TYR A 68 6.91 2.53 6.29
C TYR A 68 7.60 3.86 5.96
N LYS A 69 7.11 4.53 4.92
CA LYS A 69 7.67 5.81 4.51
C LYS A 69 6.57 6.76 4.04
N ARG A 70 6.70 8.03 4.40
CA ARG A 70 5.72 9.05 4.02
C ARG A 70 5.64 9.17 2.51
N LEU A 71 4.44 8.92 1.97
CA LEU A 71 4.22 9.02 0.53
C LEU A 71 3.49 10.30 0.16
N ARG A 72 3.21 10.48 -1.13
CA ARG A 72 2.51 11.66 -1.60
C ARG A 72 1.10 11.73 -1.03
N GLY A 73 0.38 10.61 -1.10
CA GLY A 73 -0.97 10.57 -0.57
C GLY A 73 -1.01 10.36 0.93
N SER A 74 -0.47 9.22 1.37
CA SER A 74 -0.46 8.89 2.79
C SER A 74 0.04 10.07 3.61
N PRO A 75 -0.88 10.75 4.30
CA PRO A 75 -0.56 11.91 5.14
C PRO A 75 0.22 11.52 6.39
N ARG A 76 0.77 12.52 7.07
CA ARG A 76 1.54 12.28 8.29
C ARG A 76 0.71 11.53 9.33
N VAL A 77 1.39 10.75 10.16
CA VAL A 77 0.72 9.98 11.20
C VAL A 77 1.56 9.91 12.46
N GLU A 78 0.99 9.33 13.52
CA GLU A 78 1.69 9.20 14.79
C GLU A 78 3.17 8.94 14.57
N GLY A 79 4.02 9.81 15.15
CA GLY A 79 5.45 9.65 15.00
C GLY A 79 6.13 10.96 14.61
N ASP A 80 5.62 11.59 13.56
CA ASP A 80 6.18 12.85 13.08
C ASP A 80 6.26 13.87 14.22
N GLU A 81 7.05 14.93 14.00
CA GLU A 81 7.20 15.97 15.00
C GLU A 81 7.53 17.31 14.35
N ASP A 82 6.72 18.32 14.64
CA ASP A 82 6.92 19.65 14.08
C ASP A 82 8.39 20.03 14.10
N GLU A 83 8.78 20.94 13.21
CA GLU A 83 10.16 21.40 13.12
C GLU A 83 10.33 22.76 13.80
N GLU A 84 9.69 22.92 14.96
CA GLU A 84 9.77 24.17 15.70
C GLU A 84 10.30 23.93 17.11
N ASP A 85 11.47 23.32 17.20
CA ASP A 85 12.10 23.03 18.48
C ASP A 85 13.61 23.13 18.39
N ILE A 86 14.18 24.11 19.09
CA ILE A 86 15.62 24.32 19.09
C ILE A 86 16.20 24.17 20.49
N ASP A 87 15.67 24.94 21.43
CA ASP A 87 16.13 24.89 22.82
C ASP A 87 15.44 23.76 23.58
N SER A 88 16.23 23.02 24.37
CA SER A 88 15.69 21.91 25.14
C SER A 88 14.65 22.40 26.15
N GLY A 89 13.64 21.57 26.40
CA GLY A 89 12.60 21.93 27.34
C GLY A 89 11.24 21.39 26.93
N PRO A 90 11.02 20.09 27.15
CA PRO A 90 9.75 19.43 26.81
C PRO A 90 8.60 19.88 27.70
N SER A 91 7.39 19.48 27.35
CA SER A 91 6.20 19.85 28.11
C SER A 91 5.28 18.66 28.28
N SER A 92 4.72 18.51 29.48
CA SER A 92 3.81 17.41 29.78
C SER A 92 2.37 17.83 29.59
N GLY A 93 1.78 17.43 28.46
CA GLY A 93 0.40 17.77 28.18
C GLY A 93 -0.46 16.55 27.89
ZN ZN B . -5.59 -3.49 -2.12
ZN ZN C . 6.87 -5.60 2.49
N GLY A 1 5.77 4.25 -30.89
CA GLY A 1 4.69 4.87 -30.14
C GLY A 1 4.17 3.98 -29.03
N SER A 2 3.08 4.41 -28.40
CA SER A 2 2.49 3.64 -27.31
C SER A 2 1.15 4.24 -26.89
N SER A 3 0.42 3.52 -26.04
CA SER A 3 -0.88 3.99 -25.56
C SER A 3 -1.26 3.27 -24.28
N GLY A 4 -2.40 3.68 -23.70
CA GLY A 4 -2.86 3.06 -22.48
C GLY A 4 -4.19 3.63 -22.00
N SER A 5 -4.80 2.97 -21.03
CA SER A 5 -6.09 3.42 -20.49
C SER A 5 -6.50 2.57 -19.29
N SER A 6 -7.51 3.04 -18.57
CA SER A 6 -8.00 2.33 -17.40
C SER A 6 -9.51 2.47 -17.27
N GLY A 7 -10.10 1.71 -16.35
CA GLY A 7 -11.54 1.76 -16.14
C GLY A 7 -12.19 0.39 -16.30
N PRO A 8 -13.30 0.35 -17.06
CA PRO A 8 -14.05 -0.89 -17.30
C PRO A 8 -13.28 -1.86 -18.19
N LYS A 9 -12.72 -2.90 -17.58
CA LYS A 9 -11.96 -3.90 -18.32
C LYS A 9 -12.08 -5.26 -17.65
N PRO A 10 -12.01 -6.33 -18.47
CA PRO A 10 -12.11 -7.70 -17.97
C PRO A 10 -10.88 -8.12 -17.17
N LEU A 11 -10.81 -9.40 -16.81
CA LEU A 11 -9.70 -9.93 -16.04
C LEU A 11 -8.43 -9.98 -16.89
N LYS A 12 -7.32 -9.55 -16.31
CA LYS A 12 -6.04 -9.56 -17.01
C LYS A 12 -5.07 -10.54 -16.37
N ASN A 13 -3.96 -10.81 -17.05
CA ASN A 13 -2.95 -11.73 -16.55
C ASN A 13 -2.65 -11.45 -15.07
N LEU A 14 -2.08 -12.45 -14.40
CA LEU A 14 -1.74 -12.31 -12.98
C LEU A 14 -0.35 -11.73 -12.81
N ASP A 15 -0.01 -10.74 -13.62
CA ASP A 15 1.29 -10.09 -13.56
C ASP A 15 1.74 -9.93 -12.11
N GLY A 16 0.83 -9.45 -11.27
CA GLY A 16 1.16 -9.26 -9.86
C GLY A 16 0.76 -7.88 -9.37
N GLN A 17 0.99 -6.87 -10.18
CA GLN A 17 0.65 -5.50 -9.81
C GLN A 17 -0.61 -5.46 -8.96
N PHE A 18 -1.53 -6.38 -9.23
CA PHE A 18 -2.78 -6.46 -8.49
C PHE A 18 -2.52 -6.61 -6.99
N CYS A 19 -3.11 -5.72 -6.20
CA CYS A 19 -2.95 -5.76 -4.75
C CYS A 19 -3.27 -7.15 -4.20
N GLU A 20 -2.63 -7.52 -3.10
CA GLU A 20 -2.84 -8.81 -2.48
C GLU A 20 -3.76 -8.68 -1.27
N ILE A 21 -3.65 -7.56 -0.56
CA ILE A 21 -4.46 -7.31 0.62
C ILE A 21 -5.95 -7.50 0.31
N CYS A 22 -6.45 -6.70 -0.61
CA CYS A 22 -7.86 -6.78 -1.01
C CYS A 22 -8.01 -7.47 -2.35
N GLY A 23 -7.13 -7.12 -3.30
CA GLY A 23 -7.19 -7.72 -4.62
C GLY A 23 -7.23 -6.67 -5.72
N ASP A 24 -7.97 -5.60 -5.49
CA ASP A 24 -8.10 -4.54 -6.47
C ASP A 24 -6.80 -4.34 -7.23
N GLN A 25 -6.90 -4.06 -8.54
CA GLN A 25 -5.73 -3.86 -9.38
C GLN A 25 -5.06 -2.54 -9.06
N ILE A 26 -3.83 -2.60 -8.57
CA ILE A 26 -3.08 -1.39 -8.22
C ILE A 26 -2.92 -0.49 -9.43
N GLY A 27 -3.51 0.71 -9.36
CA GLY A 27 -3.41 1.65 -10.45
C GLY A 27 -2.08 2.38 -10.48
N LEU A 28 -2.12 3.66 -10.85
CA LEU A 28 -0.90 4.47 -10.92
C LEU A 28 -0.88 5.51 -9.80
N THR A 29 0.31 6.02 -9.50
CA THR A 29 0.47 7.01 -8.46
C THR A 29 -0.06 8.37 -8.90
N VAL A 30 -0.11 9.32 -7.97
CA VAL A 30 -0.59 10.66 -8.27
C VAL A 30 0.14 11.25 -9.47
N GLU A 31 1.44 10.96 -9.57
CA GLU A 31 2.25 11.47 -10.68
C GLU A 31 1.91 10.73 -11.97
N GLY A 32 2.00 9.40 -11.93
CA GLY A 32 1.70 8.61 -13.10
C GLY A 32 2.61 7.40 -13.23
N ASP A 33 3.01 6.84 -12.09
CA ASP A 33 3.89 5.68 -12.07
C ASP A 33 3.32 4.59 -11.15
N LEU A 34 3.57 3.33 -11.53
CA LEU A 34 3.08 2.20 -10.75
C LEU A 34 3.23 2.47 -9.25
N PHE A 35 2.15 2.25 -8.50
CA PHE A 35 2.17 2.46 -7.06
C PHE A 35 2.61 1.20 -6.32
N VAL A 36 3.84 1.20 -5.83
CA VAL A 36 4.38 0.06 -5.11
C VAL A 36 4.49 0.36 -3.61
N ALA A 37 3.48 -0.07 -2.86
CA ALA A 37 3.47 0.15 -1.42
C ALA A 37 4.81 -0.21 -0.79
N CYS A 38 5.19 -1.48 -0.93
CA CYS A 38 6.46 -1.95 -0.38
C CYS A 38 7.36 -2.51 -1.48
N ASN A 39 8.61 -2.05 -1.50
CA ASN A 39 9.57 -2.50 -2.50
C ASN A 39 10.59 -3.46 -1.88
N GLU A 40 10.94 -3.21 -0.63
CA GLU A 40 11.91 -4.06 0.08
C GLU A 40 11.59 -5.54 -0.14
N CYS A 41 10.40 -5.94 0.25
CA CYS A 41 9.97 -7.33 0.11
C CYS A 41 9.22 -7.54 -1.20
N GLY A 42 8.38 -6.57 -1.56
CA GLY A 42 7.61 -6.66 -2.79
C GLY A 42 6.16 -6.98 -2.54
N PHE A 43 5.61 -6.43 -1.47
CA PHE A 43 4.21 -6.68 -1.12
C PHE A 43 3.29 -5.72 -1.87
N PRO A 44 2.45 -6.28 -2.76
CA PRO A 44 1.50 -5.50 -3.55
C PRO A 44 0.37 -4.91 -2.71
N ALA A 45 0.34 -3.59 -2.60
CA ALA A 45 -0.69 -2.92 -1.82
C ALA A 45 -1.20 -1.67 -2.55
N CYS A 46 -2.48 -1.67 -2.89
CA CYS A 46 -3.09 -0.55 -3.59
C CYS A 46 -2.96 0.73 -2.77
N ARG A 47 -3.55 1.81 -3.28
CA ARG A 47 -3.50 3.10 -2.60
C ARG A 47 -4.30 3.06 -1.29
N PRO A 48 -5.57 2.64 -1.39
CA PRO A 48 -6.46 2.54 -0.23
C PRO A 48 -6.06 1.42 0.71
N CYS A 49 -4.85 0.89 0.53
CA CYS A 49 -4.34 -0.19 1.38
C CYS A 49 -3.09 0.26 2.13
N TYR A 50 -2.26 1.05 1.48
CA TYR A 50 -1.03 1.54 2.09
C TYR A 50 -1.32 2.61 3.13
N GLU A 51 -2.02 3.66 2.71
CA GLU A 51 -2.37 4.76 3.60
C GLU A 51 -3.06 4.23 4.86
N TYR A 52 -4.25 3.66 4.67
CA TYR A 52 -5.02 3.12 5.80
C TYR A 52 -4.12 2.35 6.75
N GLU A 53 -3.46 1.31 6.22
CA GLU A 53 -2.56 0.49 7.03
C GLU A 53 -1.68 1.35 7.92
N ARG A 54 -1.33 2.54 7.42
CA ARG A 54 -0.48 3.46 8.18
C ARG A 54 -1.32 4.45 8.97
N ARG A 55 -2.58 4.62 8.55
CA ARG A 55 -3.49 5.53 9.22
C ARG A 55 -4.15 4.86 10.42
N GLU A 56 -4.89 3.79 10.16
CA GLU A 56 -5.57 3.04 11.22
C GLU A 56 -4.85 1.74 11.52
N GLY A 57 -4.13 1.21 10.53
CA GLY A 57 -3.42 -0.03 10.71
C GLY A 57 -2.29 0.09 11.73
N THR A 58 -1.21 -0.63 11.49
CA THR A 58 -0.07 -0.60 12.40
C THR A 58 1.14 0.04 11.74
N GLN A 59 0.95 0.55 10.52
CA GLN A 59 2.03 1.19 9.78
C GLN A 59 3.20 0.23 9.58
N ASN A 60 2.88 -1.03 9.31
CA ASN A 60 3.91 -2.04 9.10
C ASN A 60 3.46 -3.07 8.06
N CYS A 61 4.32 -3.32 7.08
CA CYS A 61 4.01 -4.27 6.02
C CYS A 61 3.66 -5.64 6.60
N PRO A 62 2.47 -6.15 6.26
CA PRO A 62 1.99 -7.45 6.73
C PRO A 62 2.77 -8.61 6.13
N GLN A 63 3.80 -8.28 5.34
CA GLN A 63 4.61 -9.30 4.70
C GLN A 63 6.03 -9.30 5.27
N CYS A 64 6.62 -8.12 5.38
CA CYS A 64 7.97 -7.97 5.91
C CYS A 64 7.97 -7.08 7.14
N LYS A 65 6.87 -6.40 7.39
CA LYS A 65 6.74 -5.51 8.53
C LYS A 65 7.95 -4.58 8.63
N THR A 66 8.24 -3.86 7.55
CA THR A 66 9.37 -2.95 7.52
C THR A 66 8.89 -1.50 7.59
N ARG A 67 9.59 -0.69 8.39
CA ARG A 67 9.25 0.70 8.56
C ARG A 67 8.76 1.31 7.24
N TYR A 68 7.65 2.03 7.30
CA TYR A 68 7.08 2.66 6.11
C TYR A 68 7.69 4.04 5.88
N LYS A 69 7.17 4.74 4.87
CA LYS A 69 7.65 6.08 4.54
C LYS A 69 6.52 6.95 3.99
N ARG A 70 6.46 8.19 4.46
CA ARG A 70 5.42 9.12 4.02
C ARG A 70 5.37 9.17 2.49
N LEU A 71 4.36 8.52 1.91
CA LEU A 71 4.20 8.51 0.47
C LEU A 71 3.53 9.78 -0.02
N ARG A 72 3.23 9.83 -1.32
CA ARG A 72 2.58 10.99 -1.91
C ARG A 72 1.14 11.12 -1.44
N GLY A 73 0.41 9.99 -1.45
CA GLY A 73 -0.97 10.00 -1.02
C GLY A 73 -1.13 9.58 0.42
N SER A 74 -0.01 9.39 1.12
CA SER A 74 -0.04 8.97 2.51
C SER A 74 0.71 9.97 3.38
N PRO A 75 -0.05 10.82 4.10
CA PRO A 75 0.52 11.84 4.98
C PRO A 75 1.17 11.24 6.21
N ARG A 76 1.69 12.09 7.09
CA ARG A 76 2.34 11.64 8.31
C ARG A 76 1.35 10.95 9.24
N VAL A 77 1.86 10.11 10.12
CA VAL A 77 1.02 9.37 11.06
C VAL A 77 1.67 9.28 12.44
N GLU A 78 0.98 8.66 13.38
CA GLU A 78 1.51 8.50 14.74
C GLU A 78 2.99 8.14 14.71
N GLY A 79 3.82 9.07 15.15
CA GLY A 79 5.25 8.84 15.17
C GLY A 79 6.06 10.11 14.98
N ASP A 80 5.47 11.08 14.29
CA ASP A 80 6.13 12.35 14.03
C ASP A 80 6.08 13.25 15.27
N GLU A 81 7.16 13.97 15.52
CA GLU A 81 7.23 14.87 16.67
C GLU A 81 7.11 16.32 16.23
N ASP A 82 6.05 16.99 16.68
CA ASP A 82 5.82 18.38 16.34
C ASP A 82 5.59 19.22 17.59
N GLU A 83 4.58 18.85 18.37
CA GLU A 83 4.26 19.57 19.60
C GLU A 83 5.42 19.50 20.58
N GLU A 84 5.48 20.47 21.50
CA GLU A 84 6.53 20.52 22.49
C GLU A 84 6.76 19.15 23.13
N ASP A 85 7.93 18.95 23.72
CA ASP A 85 8.26 17.69 24.37
C ASP A 85 7.84 17.70 25.83
N ILE A 86 6.64 18.22 26.10
CA ILE A 86 6.12 18.28 27.46
C ILE A 86 5.36 17.03 27.82
N ASP A 87 5.73 16.40 28.92
CA ASP A 87 5.07 15.18 29.37
C ASP A 87 3.75 15.50 30.06
N SER A 88 2.67 14.88 29.60
CA SER A 88 1.35 15.11 30.16
C SER A 88 0.37 14.03 29.72
N GLY A 89 -0.36 13.46 30.68
CA GLY A 89 -1.31 12.42 30.36
C GLY A 89 -0.65 11.11 30.00
N PRO A 90 -1.04 10.03 30.70
CA PRO A 90 -0.48 8.70 30.45
C PRO A 90 -0.93 8.11 29.11
N SER A 91 0.03 7.67 28.31
CA SER A 91 -0.26 7.10 27.00
C SER A 91 -0.14 5.58 27.04
N SER A 92 -0.72 4.92 26.05
CA SER A 92 -0.68 3.46 25.97
C SER A 92 -0.01 3.01 24.67
N GLY A 93 0.47 1.77 24.65
CA GLY A 93 1.13 1.24 23.47
C GLY A 93 0.31 1.45 22.21
ZN ZN B . -5.66 -3.41 -1.74
ZN ZN C . 7.02 -5.52 2.61
N GLY A 1 -18.82 17.13 -24.70
CA GLY A 1 -19.19 15.85 -24.10
C GLY A 1 -19.03 14.70 -25.06
N SER A 2 -17.85 14.07 -25.03
CA SER A 2 -17.58 12.94 -25.91
C SER A 2 -16.30 12.21 -25.48
N SER A 3 -16.23 10.92 -25.80
CA SER A 3 -15.07 10.11 -25.44
C SER A 3 -14.77 9.08 -26.52
N GLY A 4 -13.58 8.50 -26.46
CA GLY A 4 -13.19 7.51 -27.44
C GLY A 4 -12.33 6.41 -26.85
N SER A 5 -11.76 5.58 -27.71
CA SER A 5 -10.91 4.47 -27.24
C SER A 5 -10.14 3.86 -28.42
N SER A 6 -9.02 3.22 -28.10
CA SER A 6 -8.19 2.60 -29.13
C SER A 6 -8.06 1.10 -28.88
N GLY A 7 -7.64 0.37 -29.92
CA GLY A 7 -7.49 -1.07 -29.80
C GLY A 7 -6.34 -1.46 -28.89
N PRO A 8 -6.66 -2.11 -27.77
CA PRO A 8 -5.64 -2.55 -26.80
C PRO A 8 -4.79 -3.69 -27.33
N LYS A 9 -3.48 -3.60 -27.09
CA LYS A 9 -2.54 -4.62 -27.55
C LYS A 9 -2.51 -5.80 -26.58
N PRO A 10 -2.18 -6.99 -27.10
CA PRO A 10 -2.09 -8.21 -26.31
C PRO A 10 -0.92 -8.20 -25.34
N LEU A 11 -1.22 -8.18 -24.04
CA LEU A 11 -0.18 -8.17 -23.02
C LEU A 11 -0.41 -9.28 -22.00
N LYS A 12 0.67 -9.91 -21.57
CA LYS A 12 0.58 -10.99 -20.59
C LYS A 12 -0.19 -10.55 -19.35
N ASN A 13 -1.07 -11.42 -18.87
CA ASN A 13 -1.86 -11.12 -17.69
C ASN A 13 -1.22 -11.67 -16.42
N LEU A 14 -1.81 -11.38 -15.28
CA LEU A 14 -1.29 -11.84 -13.99
C LEU A 14 0.15 -11.38 -13.79
N ASP A 15 0.40 -10.11 -14.09
CA ASP A 15 1.74 -9.53 -13.93
C ASP A 15 2.13 -9.46 -12.46
N GLY A 16 1.23 -8.95 -11.63
CA GLY A 16 1.50 -8.84 -10.21
C GLY A 16 1.05 -7.51 -9.64
N GLN A 17 1.27 -6.44 -10.41
CA GLN A 17 0.89 -5.09 -9.96
C GLN A 17 -0.41 -5.13 -9.17
N PHE A 18 -1.27 -6.09 -9.49
CA PHE A 18 -2.54 -6.22 -8.80
C PHE A 18 -2.34 -6.46 -7.30
N CYS A 19 -2.96 -5.63 -6.49
CA CYS A 19 -2.85 -5.75 -5.03
C CYS A 19 -3.18 -7.16 -4.58
N GLU A 20 -2.51 -7.60 -3.52
CA GLU A 20 -2.74 -8.95 -2.98
C GLU A 20 -3.68 -8.90 -1.78
N ILE A 21 -3.47 -7.92 -0.92
CA ILE A 21 -4.30 -7.76 0.28
C ILE A 21 -5.78 -7.92 -0.07
N CYS A 22 -6.28 -7.07 -0.94
CA CYS A 22 -7.67 -7.12 -1.35
C CYS A 22 -7.82 -7.85 -2.68
N GLY A 23 -6.96 -7.52 -3.63
CA GLY A 23 -7.01 -8.15 -4.94
C GLY A 23 -7.10 -7.14 -6.07
N ASP A 24 -7.84 -6.07 -5.85
CA ASP A 24 -8.01 -5.03 -6.86
C ASP A 24 -6.69 -4.74 -7.56
N GLN A 25 -6.78 -4.07 -8.70
CA GLN A 25 -5.59 -3.73 -9.48
C GLN A 25 -5.01 -2.40 -9.03
N ILE A 26 -3.77 -2.43 -8.54
CA ILE A 26 -3.10 -1.23 -8.07
C ILE A 26 -2.97 -0.20 -9.19
N GLY A 27 -3.60 0.96 -9.00
CA GLY A 27 -3.53 2.00 -9.99
C GLY A 27 -2.17 2.65 -10.08
N LEU A 28 -2.13 3.94 -10.40
CA LEU A 28 -0.88 4.67 -10.50
C LEU A 28 -0.82 5.82 -9.49
N THR A 29 0.40 6.30 -9.24
CA THR A 29 0.59 7.39 -8.29
C THR A 29 0.20 8.73 -8.91
N VAL A 30 0.05 9.74 -8.06
CA VAL A 30 -0.33 11.08 -8.52
C VAL A 30 0.40 11.44 -9.82
N GLU A 31 1.67 11.05 -9.89
CA GLU A 31 2.48 11.34 -11.08
C GLU A 31 2.11 10.39 -12.22
N GLY A 32 2.16 9.10 -11.96
CA GLY A 32 1.83 8.11 -12.98
C GLY A 32 2.57 6.81 -12.79
N ASP A 33 3.61 6.83 -11.96
CA ASP A 33 4.39 5.63 -11.69
C ASP A 33 3.61 4.63 -10.85
N LEU A 34 3.99 3.37 -10.94
CA LEU A 34 3.32 2.31 -10.19
C LEU A 34 3.42 2.57 -8.68
N PHE A 35 2.28 2.49 -8.00
CA PHE A 35 2.24 2.70 -6.56
C PHE A 35 3.00 1.61 -5.81
N VAL A 36 4.30 1.81 -5.64
CA VAL A 36 5.14 0.84 -4.95
C VAL A 36 4.97 0.93 -3.44
N ALA A 37 3.89 0.35 -2.93
CA ALA A 37 3.61 0.37 -1.50
C ALA A 37 4.86 0.03 -0.69
N CYS A 38 5.33 -1.20 -0.84
CA CYS A 38 6.51 -1.66 -0.12
C CYS A 38 7.67 -1.93 -1.09
N ASN A 39 8.87 -1.58 -0.67
CA ASN A 39 10.06 -1.79 -1.50
C ASN A 39 10.97 -2.85 -0.88
N GLU A 40 11.08 -2.84 0.44
CA GLU A 40 11.91 -3.81 1.15
C GLU A 40 11.66 -5.22 0.64
N CYS A 41 10.43 -5.69 0.78
CA CYS A 41 10.06 -7.02 0.33
C CYS A 41 9.41 -6.98 -1.04
N GLY A 42 8.57 -5.97 -1.27
CA GLY A 42 7.89 -5.83 -2.55
C GLY A 42 6.49 -6.38 -2.52
N PHE A 43 5.75 -6.06 -1.46
CA PHE A 43 4.38 -6.54 -1.31
C PHE A 43 3.41 -5.59 -2.02
N PRO A 44 2.59 -6.16 -2.92
CA PRO A 44 1.60 -5.39 -3.68
C PRO A 44 0.45 -4.90 -2.81
N ALA A 45 0.34 -3.59 -2.68
CA ALA A 45 -0.72 -2.99 -1.88
C ALA A 45 -1.22 -1.69 -2.50
N CYS A 46 -2.47 -1.71 -2.95
CA CYS A 46 -3.08 -0.53 -3.58
C CYS A 46 -2.99 0.68 -2.65
N ARG A 47 -3.56 1.79 -3.10
CA ARG A 47 -3.54 3.02 -2.31
C ARG A 47 -4.42 2.88 -1.06
N PRO A 48 -5.67 2.46 -1.27
CA PRO A 48 -6.63 2.27 -0.18
C PRO A 48 -6.28 1.08 0.70
N CYS A 49 -5.04 0.63 0.60
CA CYS A 49 -4.57 -0.50 1.39
C CYS A 49 -3.31 -0.15 2.16
N TYR A 50 -2.41 0.58 1.52
CA TYR A 50 -1.16 0.98 2.14
C TYR A 50 -1.37 2.20 3.05
N GLU A 51 -2.09 3.19 2.53
CA GLU A 51 -2.37 4.40 3.30
C GLU A 51 -3.02 4.07 4.64
N TYR A 52 -4.07 3.26 4.59
CA TYR A 52 -4.77 2.87 5.80
C TYR A 52 -3.81 2.32 6.85
N GLU A 53 -2.84 1.54 6.39
CA GLU A 53 -1.85 0.95 7.29
C GLU A 53 -1.24 2.01 8.21
N ARG A 54 -0.88 3.15 7.62
CA ARG A 54 -0.30 4.24 8.39
C ARG A 54 -1.37 5.00 9.16
N ARG A 55 -2.53 5.17 8.54
CA ARG A 55 -3.64 5.88 9.17
C ARG A 55 -3.99 5.26 10.51
N GLU A 56 -4.65 4.10 10.47
CA GLU A 56 -5.04 3.41 11.70
C GLU A 56 -4.22 2.15 11.90
N GLY A 57 -3.70 1.60 10.80
CA GLY A 57 -2.89 0.40 10.88
C GLY A 57 -1.73 0.55 11.83
N THR A 58 -0.77 -0.37 11.75
CA THR A 58 0.40 -0.34 12.62
C THR A 58 1.64 0.10 11.85
N GLN A 59 1.43 0.64 10.66
CA GLN A 59 2.53 1.10 9.82
C GLN A 59 3.56 -0.01 9.61
N ASN A 60 3.08 -1.24 9.49
CA ASN A 60 3.96 -2.39 9.29
C ASN A 60 3.45 -3.26 8.15
N CYS A 61 4.34 -3.55 7.19
CA CYS A 61 3.98 -4.38 6.05
C CYS A 61 3.51 -5.77 6.50
N PRO A 62 2.36 -6.19 5.97
CA PRO A 62 1.77 -7.50 6.29
C PRO A 62 2.59 -8.66 5.73
N GLN A 63 3.70 -8.33 5.09
CA GLN A 63 4.56 -9.36 4.51
C GLN A 63 5.94 -9.35 5.18
N CYS A 64 6.49 -8.17 5.39
CA CYS A 64 7.80 -8.02 6.02
C CYS A 64 7.68 -7.22 7.32
N LYS A 65 6.58 -6.50 7.48
CA LYS A 65 6.35 -5.70 8.67
C LYS A 65 7.51 -4.72 8.89
N THR A 66 7.88 -4.02 7.84
CA THR A 66 8.98 -3.05 7.93
C THR A 66 8.44 -1.63 8.09
N ARG A 67 9.30 -0.74 8.58
CA ARG A 67 8.91 0.65 8.80
C ARG A 67 8.43 1.29 7.49
N TYR A 68 7.23 1.85 7.53
CA TYR A 68 6.64 2.49 6.36
C TYR A 68 7.30 3.83 6.09
N LYS A 69 6.83 4.53 5.05
CA LYS A 69 7.36 5.83 4.68
C LYS A 69 6.30 6.69 4.02
N ARG A 70 6.32 7.99 4.31
CA ARG A 70 5.36 8.92 3.74
C ARG A 70 5.46 8.94 2.21
N LEU A 71 4.35 8.60 1.55
CA LEU A 71 4.32 8.57 0.10
C LEU A 71 3.51 9.75 -0.44
N ARG A 72 3.39 9.81 -1.77
CA ARG A 72 2.64 10.89 -2.41
C ARG A 72 1.20 10.94 -1.91
N GLY A 73 0.62 9.76 -1.69
CA GLY A 73 -0.74 9.70 -1.21
C GLY A 73 -0.83 9.66 0.30
N SER A 74 -0.30 8.61 0.91
CA SER A 74 -0.32 8.46 2.35
C SER A 74 0.31 9.67 3.04
N PRO A 75 -0.52 10.49 3.68
CA PRO A 75 -0.07 11.70 4.38
C PRO A 75 0.73 11.37 5.64
N ARG A 76 1.54 12.33 6.08
CA ARG A 76 2.37 12.15 7.27
C ARG A 76 1.53 11.65 8.44
N VAL A 77 2.14 10.88 9.32
CA VAL A 77 1.45 10.35 10.49
C VAL A 77 2.37 10.27 11.70
N GLU A 78 1.85 9.77 12.81
CA GLU A 78 2.63 9.65 14.04
C GLU A 78 3.62 10.81 14.16
N GLY A 79 3.11 12.04 14.05
CA GLY A 79 3.96 13.20 14.15
C GLY A 79 3.33 14.44 13.54
N ASP A 80 2.41 14.22 12.60
CA ASP A 80 1.73 15.32 11.93
C ASP A 80 0.23 15.30 12.24
N GLU A 81 -0.38 16.48 12.23
CA GLU A 81 -1.81 16.61 12.51
C GLU A 81 -2.57 17.06 11.27
N ASP A 82 -3.08 16.10 10.51
CA ASP A 82 -3.82 16.41 9.29
C ASP A 82 -5.32 16.22 9.52
N GLU A 83 -5.71 15.02 9.96
CA GLU A 83 -7.10 14.71 10.21
C GLU A 83 -7.63 15.48 11.43
N GLU A 84 -8.53 16.43 11.17
CA GLU A 84 -9.09 17.24 12.24
C GLU A 84 -10.41 16.64 12.73
N ASP A 85 -11.21 16.12 11.80
CA ASP A 85 -12.49 15.52 12.14
C ASP A 85 -12.48 14.02 11.83
N ILE A 86 -12.61 13.21 12.87
CA ILE A 86 -12.63 11.76 12.72
C ILE A 86 -13.64 11.33 11.66
N ASP A 87 -13.66 10.04 11.36
CA ASP A 87 -14.59 9.49 10.38
C ASP A 87 -16.02 9.90 10.70
N SER A 88 -16.87 9.91 9.68
CA SER A 88 -18.28 10.28 9.85
C SER A 88 -19.16 9.05 9.91
N GLY A 89 -18.95 8.12 8.99
CA GLY A 89 -19.74 6.91 8.95
C GLY A 89 -18.99 5.74 8.32
N PRO A 90 -18.65 4.73 9.15
CA PRO A 90 -17.93 3.55 8.68
C PRO A 90 -18.78 2.66 7.79
N SER A 91 -18.12 1.94 6.89
CA SER A 91 -18.82 1.04 5.96
C SER A 91 -18.45 -0.41 6.24
N SER A 92 -19.45 -1.29 6.12
CA SER A 92 -19.23 -2.71 6.36
C SER A 92 -18.44 -3.33 5.21
N GLY A 93 -17.14 -3.49 5.41
CA GLY A 93 -16.30 -4.07 4.38
C GLY A 93 -15.07 -4.74 4.96
ZN ZN B . -5.60 -3.52 -1.96
ZN ZN C . 6.98 -5.57 2.62
N GLY A 1 -7.94 -47.16 -23.46
CA GLY A 1 -8.17 -45.93 -22.71
C GLY A 1 -7.01 -45.58 -21.80
N SER A 2 -6.38 -44.45 -22.08
CA SER A 2 -5.25 -44.00 -21.28
C SER A 2 -5.52 -42.64 -20.65
N SER A 3 -4.78 -42.30 -19.61
CA SER A 3 -4.96 -41.03 -18.92
C SER A 3 -3.62 -40.49 -18.43
N GLY A 4 -3.52 -39.17 -18.32
CA GLY A 4 -2.29 -38.54 -17.86
C GLY A 4 -2.35 -37.03 -17.90
N SER A 5 -1.25 -36.39 -17.57
CA SER A 5 -1.19 -34.93 -17.56
C SER A 5 -1.86 -34.34 -18.79
N SER A 6 -2.27 -33.08 -18.70
CA SER A 6 -2.93 -32.41 -19.81
C SER A 6 -2.05 -31.28 -20.35
N GLY A 7 -0.76 -31.56 -20.50
CA GLY A 7 0.16 -30.56 -21.01
C GLY A 7 0.08 -29.25 -20.24
N PRO A 8 0.19 -28.12 -20.96
CA PRO A 8 0.13 -26.79 -20.36
C PRO A 8 -1.27 -26.44 -19.87
N LYS A 9 -1.42 -25.23 -19.35
CA LYS A 9 -2.71 -24.77 -18.84
C LYS A 9 -2.86 -23.26 -19.03
N PRO A 10 -4.06 -22.83 -19.47
CA PRO A 10 -4.36 -21.43 -19.70
C PRO A 10 -4.45 -20.63 -18.40
N LEU A 11 -3.42 -19.85 -18.11
CA LEU A 11 -3.38 -19.04 -16.89
C LEU A 11 -3.48 -17.57 -17.23
N LYS A 12 -4.49 -16.91 -16.67
CA LYS A 12 -4.69 -15.48 -16.90
C LYS A 12 -3.47 -14.68 -16.46
N ASN A 13 -3.16 -13.62 -17.21
CA ASN A 13 -2.03 -12.77 -16.91
C ASN A 13 -1.82 -12.66 -15.40
N LEU A 14 -0.59 -12.81 -14.97
CA LEU A 14 -0.25 -12.73 -13.54
C LEU A 14 0.87 -11.72 -13.30
N ASP A 15 0.72 -10.53 -13.88
CA ASP A 15 1.72 -9.47 -13.73
C ASP A 15 2.09 -9.29 -12.26
N GLY A 16 1.09 -9.34 -11.38
CA GLY A 16 1.34 -9.17 -9.97
C GLY A 16 0.92 -7.81 -9.46
N GLN A 17 1.14 -6.78 -10.28
CA GLN A 17 0.79 -5.41 -9.90
C GLN A 17 -0.50 -5.38 -9.10
N PHE A 18 -1.38 -6.35 -9.36
CA PHE A 18 -2.65 -6.43 -8.65
C PHE A 18 -2.44 -6.65 -7.16
N CYS A 19 -3.00 -5.75 -6.35
CA CYS A 19 -2.87 -5.84 -4.90
C CYS A 19 -3.21 -7.25 -4.41
N GLU A 20 -2.57 -7.65 -3.32
CA GLU A 20 -2.81 -8.98 -2.74
C GLU A 20 -3.73 -8.88 -1.53
N ILE A 21 -3.53 -7.86 -0.72
CA ILE A 21 -4.35 -7.65 0.48
C ILE A 21 -5.83 -7.79 0.15
N CYS A 22 -6.32 -6.95 -0.75
CA CYS A 22 -7.71 -6.97 -1.14
C CYS A 22 -7.90 -7.74 -2.45
N GLY A 23 -7.03 -7.45 -3.42
CA GLY A 23 -7.12 -8.12 -4.70
C GLY A 23 -7.20 -7.14 -5.87
N ASP A 24 -7.92 -6.05 -5.66
CA ASP A 24 -8.07 -5.03 -6.71
C ASP A 24 -6.75 -4.79 -7.42
N GLN A 25 -6.82 -4.16 -8.59
CA GLN A 25 -5.64 -3.87 -9.38
C GLN A 25 -5.02 -2.53 -8.97
N ILE A 26 -3.78 -2.58 -8.50
CA ILE A 26 -3.08 -1.38 -8.07
C ILE A 26 -2.95 -0.38 -9.21
N GLY A 27 -3.59 0.78 -9.05
CA GLY A 27 -3.53 1.80 -10.08
C GLY A 27 -2.15 2.42 -10.21
N LEU A 28 -2.11 3.69 -10.62
CA LEU A 28 -0.85 4.39 -10.78
C LEU A 28 -0.73 5.53 -9.77
N THR A 29 0.47 6.10 -9.66
CA THR A 29 0.71 7.19 -8.73
C THR A 29 0.29 8.53 -9.33
N VAL A 30 0.34 9.58 -8.53
CA VAL A 30 -0.03 10.92 -8.98
C VAL A 30 0.66 11.26 -10.29
N GLU A 31 1.90 10.82 -10.43
CA GLU A 31 2.68 11.09 -11.63
C GLU A 31 2.32 10.11 -12.75
N GLY A 32 2.22 8.82 -12.39
CA GLY A 32 1.88 7.82 -13.37
C GLY A 32 2.57 6.49 -13.09
N ASP A 33 3.72 6.55 -12.44
CA ASP A 33 4.49 5.35 -12.11
C ASP A 33 3.67 4.40 -11.24
N LEU A 34 4.11 3.16 -11.14
CA LEU A 34 3.42 2.15 -10.34
C LEU A 34 3.52 2.48 -8.85
N PHE A 35 2.37 2.44 -8.17
CA PHE A 35 2.34 2.74 -6.75
C PHE A 35 3.07 1.67 -5.94
N VAL A 36 4.38 1.84 -5.80
CA VAL A 36 5.20 0.89 -5.06
C VAL A 36 4.98 1.03 -3.56
N ALA A 37 3.92 0.40 -3.06
CA ALA A 37 3.61 0.45 -1.63
C ALA A 37 4.80 0.04 -0.78
N CYS A 38 5.35 -1.13 -1.07
CA CYS A 38 6.51 -1.64 -0.34
C CYS A 38 7.65 -1.97 -1.29
N ASN A 39 8.88 -1.66 -0.85
CA ASN A 39 10.07 -1.92 -1.66
C ASN A 39 10.94 -2.99 -1.01
N GLU A 40 11.06 -2.94 0.31
CA GLU A 40 11.88 -3.90 1.04
C GLU A 40 11.60 -5.31 0.56
N CYS A 41 10.34 -5.74 0.66
CA CYS A 41 9.95 -7.08 0.24
C CYS A 41 9.26 -7.04 -1.12
N GLY A 42 8.46 -6.00 -1.34
CA GLY A 42 7.76 -5.86 -2.61
C GLY A 42 6.33 -6.37 -2.54
N PHE A 43 5.67 -6.12 -1.40
CA PHE A 43 4.29 -6.56 -1.21
C PHE A 43 3.32 -5.66 -1.98
N PRO A 44 2.51 -6.27 -2.85
CA PRO A 44 1.53 -5.54 -3.66
C PRO A 44 0.38 -5.01 -2.82
N ALA A 45 0.37 -3.70 -2.62
CA ALA A 45 -0.68 -3.05 -1.84
C ALA A 45 -1.16 -1.77 -2.51
N CYS A 46 -2.42 -1.77 -2.93
CA CYS A 46 -3.01 -0.61 -3.60
C CYS A 46 -2.90 0.62 -2.72
N ARG A 47 -3.45 1.74 -3.20
CA ARG A 47 -3.43 2.98 -2.47
C ARG A 47 -4.30 2.91 -1.21
N PRO A 48 -5.55 2.50 -1.39
CA PRO A 48 -6.51 2.37 -0.29
C PRO A 48 -6.17 1.20 0.64
N CYS A 49 -4.94 0.73 0.54
CA CYS A 49 -4.48 -0.39 1.38
C CYS A 49 -3.23 -0.01 2.14
N TYR A 50 -2.34 0.74 1.50
CA TYR A 50 -1.09 1.17 2.12
C TYR A 50 -1.33 2.37 3.04
N GLU A 51 -2.15 3.30 2.57
CA GLU A 51 -2.45 4.50 3.35
C GLU A 51 -3.05 4.13 4.70
N TYR A 52 -4.09 3.30 4.68
CA TYR A 52 -4.75 2.88 5.90
C TYR A 52 -3.76 2.29 6.89
N GLU A 53 -2.93 1.36 6.42
CA GLU A 53 -1.93 0.72 7.26
C GLU A 53 -1.17 1.75 8.07
N ARG A 54 -1.12 2.99 7.57
CA ARG A 54 -0.41 4.07 8.25
C ARG A 54 -1.38 4.88 9.11
N ARG A 55 -2.65 4.91 8.70
CA ARG A 55 -3.67 5.65 9.43
C ARG A 55 -4.20 4.83 10.60
N GLU A 56 -5.05 3.86 10.30
CA GLU A 56 -5.63 3.00 11.33
C GLU A 56 -4.84 1.71 11.48
N GLY A 57 -3.66 1.66 10.84
CA GLY A 57 -2.83 0.48 10.91
C GLY A 57 -1.68 0.63 11.87
N THR A 58 -0.67 -0.23 11.73
CA THR A 58 0.50 -0.18 12.60
C THR A 58 1.74 0.26 11.83
N GLN A 59 1.53 0.73 10.60
CA GLN A 59 2.64 1.17 9.76
C GLN A 59 3.67 0.07 9.59
N ASN A 60 3.20 -1.17 9.51
CA ASN A 60 4.08 -2.31 9.34
C ASN A 60 3.56 -3.24 8.23
N CYS A 61 4.39 -3.44 7.21
CA CYS A 61 4.02 -4.30 6.09
C CYS A 61 3.54 -5.66 6.59
N PRO A 62 2.37 -6.07 6.12
CA PRO A 62 1.77 -7.36 6.50
C PRO A 62 2.53 -8.54 5.90
N GLN A 63 3.63 -8.25 5.21
CA GLN A 63 4.44 -9.29 4.59
C GLN A 63 5.84 -9.32 5.21
N CYS A 64 6.43 -8.15 5.39
CA CYS A 64 7.76 -8.04 5.97
C CYS A 64 7.74 -7.21 7.24
N LYS A 65 6.64 -6.49 7.46
CA LYS A 65 6.50 -5.65 8.64
C LYS A 65 7.67 -4.68 8.77
N THR A 66 7.90 -3.90 7.72
CA THR A 66 8.98 -2.93 7.72
C THR A 66 8.45 -1.52 7.83
N ARG A 67 9.15 -0.68 8.59
CA ARG A 67 8.74 0.71 8.78
C ARG A 67 8.28 1.32 7.46
N TYR A 68 7.15 2.02 7.50
CA TYR A 68 6.60 2.65 6.31
C TYR A 68 7.33 3.95 6.00
N LYS A 69 7.03 4.53 4.84
CA LYS A 69 7.65 5.79 4.43
C LYS A 69 6.64 6.70 3.77
N ARG A 70 6.74 7.99 4.07
CA ARG A 70 5.82 8.99 3.50
C ARG A 70 5.81 8.90 1.98
N LEU A 71 4.62 8.73 1.41
CA LEU A 71 4.47 8.63 -0.03
C LEU A 71 3.60 9.77 -0.56
N ARG A 72 3.31 9.71 -1.87
CA ARG A 72 2.48 10.74 -2.49
C ARG A 72 1.16 10.91 -1.75
N GLY A 73 0.38 9.83 -1.69
CA GLY A 73 -0.90 9.89 -1.01
C GLY A 73 -0.76 9.76 0.49
N SER A 74 -0.48 8.55 0.96
CA SER A 74 -0.33 8.30 2.40
C SER A 74 0.30 9.50 3.09
N PRO A 75 -0.54 10.34 3.72
CA PRO A 75 -0.08 11.52 4.43
C PRO A 75 0.69 11.19 5.71
N ARG A 76 1.55 12.10 6.14
CA ARG A 76 2.36 11.90 7.33
C ARG A 76 1.49 11.37 8.48
N VAL A 77 2.11 10.58 9.36
CA VAL A 77 1.40 10.01 10.49
C VAL A 77 2.31 9.92 11.72
N GLU A 78 1.74 9.45 12.83
CA GLU A 78 2.51 9.32 14.07
C GLU A 78 3.69 8.37 13.88
N GLY A 79 4.90 8.90 14.03
CA GLY A 79 6.10 8.09 13.87
C GLY A 79 7.09 8.71 12.90
N ASP A 80 6.60 9.17 11.76
CA ASP A 80 7.46 9.79 10.75
C ASP A 80 8.28 10.92 11.37
N GLU A 81 9.03 11.61 10.51
CA GLU A 81 9.87 12.72 10.97
C GLU A 81 10.61 12.35 12.26
N ASP A 82 10.84 11.06 12.45
CA ASP A 82 11.54 10.57 13.63
C ASP A 82 12.18 9.22 13.36
N GLU A 83 12.78 8.63 14.40
CA GLU A 83 13.44 7.34 14.29
C GLU A 83 13.06 6.42 15.45
N GLU A 84 11.91 5.76 15.32
CA GLU A 84 11.44 4.86 16.37
C GLU A 84 11.31 3.44 15.83
N ASP A 85 12.43 2.75 15.71
CA ASP A 85 12.43 1.38 15.21
C ASP A 85 13.08 0.43 16.24
N ILE A 86 12.25 -0.15 17.09
CA ILE A 86 12.73 -1.07 18.11
C ILE A 86 13.02 -2.44 17.51
N ASP A 87 13.47 -3.36 18.36
CA ASP A 87 13.79 -4.72 17.93
C ASP A 87 12.52 -5.48 17.53
N SER A 88 11.67 -5.74 18.51
CA SER A 88 10.43 -6.46 18.28
C SER A 88 9.46 -5.62 17.44
N GLY A 89 8.57 -6.30 16.72
CA GLY A 89 7.61 -5.61 15.89
C GLY A 89 6.40 -5.14 16.66
N PRO A 90 5.36 -5.98 16.70
CA PRO A 90 4.12 -5.67 17.41
C PRO A 90 4.29 -5.67 18.93
N SER A 91 3.66 -4.72 19.60
CA SER A 91 3.76 -4.60 21.05
C SER A 91 2.54 -3.89 21.62
N SER A 92 2.40 -3.94 22.94
CA SER A 92 1.28 -3.29 23.62
C SER A 92 1.47 -1.78 23.67
N GLY A 93 0.63 -1.05 22.94
CA GLY A 93 0.73 0.39 22.91
C GLY A 93 1.08 0.93 21.54
ZN ZN B . -5.57 -3.51 -1.85
ZN ZN C . 6.94 -5.55 2.56
N GLY A 1 9.24 24.65 -25.32
CA GLY A 1 8.98 23.26 -25.61
C GLY A 1 7.55 22.85 -25.28
N SER A 2 7.35 21.55 -25.10
CA SER A 2 6.03 21.03 -24.78
C SER A 2 6.10 19.56 -24.38
N SER A 3 5.00 19.04 -23.85
CA SER A 3 4.94 17.64 -23.44
C SER A 3 3.64 16.98 -23.90
N GLY A 4 3.57 15.66 -23.75
CA GLY A 4 2.38 14.94 -24.16
C GLY A 4 2.39 13.50 -23.71
N SER A 5 1.58 12.66 -24.35
CA SER A 5 1.51 11.25 -24.00
C SER A 5 1.10 10.41 -25.21
N SER A 6 1.61 9.18 -25.27
CA SER A 6 1.30 8.28 -26.37
C SER A 6 0.85 6.92 -25.85
N GLY A 7 0.59 6.00 -26.77
CA GLY A 7 0.15 4.67 -26.39
C GLY A 7 1.31 3.74 -26.09
N PRO A 8 1.45 3.35 -24.81
CA PRO A 8 2.52 2.45 -24.36
C PRO A 8 2.34 1.03 -24.89
N LYS A 9 3.45 0.39 -25.26
CA LYS A 9 3.41 -0.98 -25.77
C LYS A 9 2.40 -1.81 -24.99
N PRO A 10 1.85 -2.85 -25.66
CA PRO A 10 0.88 -3.75 -25.06
C PRO A 10 1.49 -4.64 -23.98
N LEU A 11 1.02 -4.48 -22.75
CA LEU A 11 1.51 -5.27 -21.62
C LEU A 11 0.58 -6.43 -21.31
N LYS A 12 1.10 -7.42 -20.60
CA LYS A 12 0.30 -8.59 -20.23
C LYS A 12 -0.54 -8.31 -18.99
N ASN A 13 -1.47 -9.21 -18.68
CA ASN A 13 -2.33 -9.05 -17.52
C ASN A 13 -1.97 -10.05 -16.43
N LEU A 14 -2.21 -9.67 -15.18
CA LEU A 14 -1.90 -10.52 -14.04
C LEU A 14 -0.39 -10.62 -13.81
N ASP A 15 0.29 -9.49 -13.97
CA ASP A 15 1.73 -9.43 -13.78
C ASP A 15 2.08 -9.37 -12.30
N GLY A 16 1.34 -8.55 -11.56
CA GLY A 16 1.59 -8.41 -10.13
C GLY A 16 1.14 -7.05 -9.60
N GLN A 17 1.33 -6.01 -10.40
CA GLN A 17 0.95 -4.67 -10.01
C GLN A 17 -0.36 -4.69 -9.21
N PHE A 18 -1.24 -5.60 -9.57
CA PHE A 18 -2.53 -5.73 -8.89
C PHE A 18 -2.34 -6.03 -7.41
N CYS A 19 -2.88 -5.16 -6.56
CA CYS A 19 -2.76 -5.34 -5.11
C CYS A 19 -3.08 -6.78 -4.72
N GLU A 20 -2.59 -7.17 -3.55
CA GLU A 20 -2.82 -8.53 -3.05
C GLU A 20 -3.83 -8.53 -1.91
N ILE A 21 -3.75 -7.51 -1.05
CA ILE A 21 -4.67 -7.39 0.08
C ILE A 21 -6.12 -7.55 -0.37
N CYS A 22 -6.56 -6.65 -1.24
CA CYS A 22 -7.93 -6.68 -1.75
C CYS A 22 -7.96 -7.28 -3.15
N GLY A 23 -7.03 -6.86 -3.99
CA GLY A 23 -6.98 -7.36 -5.35
C GLY A 23 -7.01 -6.24 -6.38
N ASP A 24 -7.81 -5.21 -6.11
CA ASP A 24 -7.93 -4.08 -7.02
C ASP A 24 -6.59 -3.77 -7.69
N GLN A 25 -6.65 -3.34 -8.94
CA GLN A 25 -5.44 -3.01 -9.69
C GLN A 25 -4.83 -1.71 -9.19
N ILE A 26 -3.62 -1.81 -8.65
CA ILE A 26 -2.92 -0.64 -8.13
C ILE A 26 -2.77 0.44 -9.20
N GLY A 27 -3.45 1.56 -8.99
CA GLY A 27 -3.38 2.65 -9.95
C GLY A 27 -2.00 3.25 -10.05
N LEU A 28 -1.94 4.56 -10.24
CA LEU A 28 -0.65 5.26 -10.35
C LEU A 28 -0.50 6.28 -9.23
N THR A 29 0.74 6.72 -9.01
CA THR A 29 1.03 7.70 -7.97
C THR A 29 0.76 9.12 -8.46
N VAL A 30 0.81 10.08 -7.55
CA VAL A 30 0.56 11.47 -7.88
C VAL A 30 1.30 11.86 -9.16
N GLU A 31 2.53 11.40 -9.29
CA GLU A 31 3.35 11.70 -10.46
C GLU A 31 2.86 10.90 -11.68
N GLY A 32 2.73 9.59 -11.49
CA GLY A 32 2.28 8.73 -12.58
C GLY A 32 2.85 7.33 -12.49
N ASP A 33 3.98 7.21 -11.82
CA ASP A 33 4.63 5.91 -11.66
C ASP A 33 3.73 4.94 -10.90
N LEU A 34 4.03 3.64 -11.01
CA LEU A 34 3.25 2.61 -10.34
C LEU A 34 3.38 2.73 -8.82
N PHE A 35 2.24 2.80 -8.15
CA PHE A 35 2.22 2.92 -6.69
C PHE A 35 2.77 1.66 -6.04
N VAL A 36 4.09 1.61 -5.87
CA VAL A 36 4.73 0.45 -5.26
C VAL A 36 4.73 0.56 -3.74
N ALA A 37 3.60 0.22 -3.13
CA ALA A 37 3.46 0.28 -1.68
C ALA A 37 4.78 -0.08 -0.99
N CYS A 38 5.16 -1.34 -1.10
CA CYS A 38 6.40 -1.82 -0.48
C CYS A 38 7.37 -2.34 -1.54
N ASN A 39 8.64 -1.95 -1.41
CA ASN A 39 9.67 -2.38 -2.35
C ASN A 39 10.65 -3.34 -1.69
N GLU A 40 10.83 -3.18 -0.39
CA GLU A 40 11.74 -4.03 0.37
C GLU A 40 11.47 -5.51 0.08
N CYS A 41 10.21 -5.90 0.23
CA CYS A 41 9.80 -7.28 0.00
C CYS A 41 9.05 -7.42 -1.32
N GLY A 42 8.44 -6.31 -1.77
CA GLY A 42 7.70 -6.33 -3.01
C GLY A 42 6.20 -6.40 -2.80
N PHE A 43 5.80 -7.00 -1.69
CA PHE A 43 4.38 -7.15 -1.36
C PHE A 43 3.58 -5.98 -1.93
N PRO A 44 2.69 -6.28 -2.89
CA PRO A 44 1.84 -5.27 -3.52
C PRO A 44 0.79 -4.71 -2.57
N ALA A 45 0.36 -3.48 -2.83
CA ALA A 45 -0.65 -2.82 -2.00
C ALA A 45 -1.14 -1.53 -2.65
N CYS A 46 -2.43 -1.48 -2.93
CA CYS A 46 -3.03 -0.31 -3.56
C CYS A 46 -2.94 0.90 -2.63
N ARG A 47 -3.53 2.02 -3.05
CA ARG A 47 -3.51 3.25 -2.26
C ARG A 47 -4.36 3.09 -1.01
N PRO A 48 -5.62 2.67 -1.20
CA PRO A 48 -6.56 2.46 -0.09
C PRO A 48 -6.19 1.26 0.78
N CYS A 49 -4.96 0.80 0.63
CA CYS A 49 -4.47 -0.34 1.40
C CYS A 49 -3.19 0.01 2.15
N TYR A 50 -2.34 0.80 1.50
CA TYR A 50 -1.08 1.21 2.10
C TYR A 50 -1.27 2.42 3.01
N GLU A 51 -2.15 3.33 2.60
CA GLU A 51 -2.43 4.53 3.37
C GLU A 51 -3.17 4.19 4.66
N TYR A 52 -4.22 3.39 4.54
CA TYR A 52 -5.01 2.99 5.70
C TYR A 52 -4.14 2.31 6.76
N GLU A 53 -3.20 1.50 6.29
CA GLU A 53 -2.30 0.79 7.19
C GLU A 53 -1.45 1.77 7.99
N ARG A 54 -1.28 2.98 7.46
CA ARG A 54 -0.48 4.00 8.12
C ARG A 54 -1.37 4.90 8.98
N ARG A 55 -2.66 4.93 8.67
CA ARG A 55 -3.61 5.74 9.42
C ARG A 55 -4.16 4.98 10.62
N GLU A 56 -4.96 3.95 10.36
CA GLU A 56 -5.55 3.15 11.42
C GLU A 56 -4.70 1.91 11.69
N GLY A 57 -4.04 1.40 10.65
CA GLY A 57 -3.21 0.23 10.80
C GLY A 57 -2.12 0.42 11.84
N THR A 58 -1.06 -0.37 11.74
CA THR A 58 0.05 -0.29 12.67
C THR A 58 1.31 0.22 11.99
N GLN A 59 1.20 0.53 10.70
CA GLN A 59 2.33 1.03 9.93
C GLN A 59 3.42 -0.02 9.82
N ASN A 60 3.02 -1.26 9.58
CA ASN A 60 3.95 -2.37 9.44
C ASN A 60 3.52 -3.32 8.35
N CYS A 61 4.36 -3.47 7.32
CA CYS A 61 4.06 -4.37 6.21
C CYS A 61 3.64 -5.74 6.71
N PRO A 62 2.45 -6.19 6.29
CA PRO A 62 1.91 -7.50 6.68
C PRO A 62 2.67 -8.65 6.04
N GLN A 63 3.73 -8.32 5.32
CA GLN A 63 4.55 -9.33 4.65
C GLN A 63 5.97 -9.33 5.19
N CYS A 64 6.52 -8.14 5.39
CA CYS A 64 7.87 -7.99 5.90
C CYS A 64 7.88 -7.20 7.22
N LYS A 65 6.78 -6.51 7.49
CA LYS A 65 6.66 -5.71 8.70
C LYS A 65 7.85 -4.77 8.86
N THR A 66 8.13 -4.00 7.82
CA THR A 66 9.24 -3.06 7.85
C THR A 66 8.74 -1.62 8.02
N ARG A 67 9.55 -0.79 8.65
CA ARG A 67 9.20 0.61 8.87
C ARG A 67 8.65 1.24 7.61
N TYR A 68 7.52 1.93 7.74
CA TYR A 68 6.89 2.59 6.59
C TYR A 68 7.62 3.89 6.23
N LYS A 69 7.18 4.52 5.15
CA LYS A 69 7.78 5.76 4.70
C LYS A 69 6.76 6.62 3.96
N ARG A 70 6.91 7.93 4.06
CA ARG A 70 6.01 8.87 3.40
C ARG A 70 6.01 8.65 1.89
N LEU A 71 4.83 8.48 1.31
CA LEU A 71 4.70 8.27 -0.12
C LEU A 71 4.05 9.47 -0.79
N ARG A 72 3.78 9.34 -2.09
CA ARG A 72 3.15 10.42 -2.85
C ARG A 72 1.75 10.71 -2.32
N GLY A 73 1.05 9.66 -1.90
CA GLY A 73 -0.29 9.83 -1.38
C GLY A 73 -0.36 9.65 0.13
N SER A 74 0.70 9.07 0.70
CA SER A 74 0.76 8.83 2.13
C SER A 74 1.58 9.92 2.83
N PRO A 75 0.88 10.84 3.52
CA PRO A 75 1.51 11.94 4.24
C PRO A 75 2.29 11.47 5.46
N ARG A 76 2.66 12.41 6.32
CA ARG A 76 3.41 12.09 7.54
C ARG A 76 2.46 11.66 8.66
N VAL A 77 2.74 10.50 9.23
CA VAL A 77 1.93 9.97 10.33
C VAL A 77 2.75 9.75 11.59
N GLU A 78 2.09 9.29 12.64
CA GLU A 78 2.77 9.04 13.91
C GLU A 78 4.06 8.26 13.69
N GLY A 79 5.09 8.60 14.46
CA GLY A 79 6.36 7.91 14.33
C GLY A 79 7.37 8.71 13.51
N ASP A 80 6.88 9.40 12.48
CA ASP A 80 7.74 10.20 11.63
C ASP A 80 8.19 11.48 12.33
N GLU A 81 9.49 11.60 12.56
CA GLU A 81 10.04 12.77 13.23
C GLU A 81 9.24 13.10 14.49
N ASP A 82 8.60 12.09 15.07
CA ASP A 82 7.81 12.27 16.27
C ASP A 82 8.27 11.32 17.38
N GLU A 83 7.85 11.60 18.61
CA GLU A 83 8.22 10.76 19.74
C GLU A 83 7.61 9.37 19.63
N GLU A 84 8.41 8.36 19.91
CA GLU A 84 7.95 6.97 19.83
C GLU A 84 7.15 6.60 21.06
N ASP A 85 7.62 7.03 22.22
CA ASP A 85 6.95 6.74 23.49
C ASP A 85 5.87 7.78 23.78
N ILE A 86 4.62 7.36 23.70
CA ILE A 86 3.49 8.25 23.96
C ILE A 86 3.37 8.57 25.45
N ASP A 87 2.51 9.53 25.78
CA ASP A 87 2.30 9.92 27.16
C ASP A 87 0.80 9.98 27.49
N SER A 88 0.49 9.98 28.78
CA SER A 88 -0.89 10.02 29.23
C SER A 88 -1.72 10.96 28.36
N GLY A 89 -1.30 12.22 28.30
CA GLY A 89 -2.00 13.21 27.50
C GLY A 89 -3.31 13.64 28.14
N PRO A 90 -3.37 14.92 28.58
CA PRO A 90 -4.55 15.48 29.21
C PRO A 90 -5.71 15.65 28.24
N SER A 91 -5.44 15.38 26.96
CA SER A 91 -6.47 15.51 25.93
C SER A 91 -7.72 14.72 26.30
N SER A 92 -7.56 13.41 26.47
CA SER A 92 -8.68 12.55 26.82
C SER A 92 -8.50 11.97 28.22
N GLY A 93 -9.61 11.79 28.94
CA GLY A 93 -9.55 11.24 30.28
C GLY A 93 -8.89 9.88 30.32
ZN ZN B . -5.63 -3.31 -2.00
ZN ZN C . 7.07 -5.23 2.70
N GLY A 1 -27.49 -30.49 -8.92
CA GLY A 1 -26.49 -30.87 -9.89
C GLY A 1 -25.77 -29.68 -10.48
N SER A 2 -24.69 -29.93 -11.22
CA SER A 2 -23.91 -28.87 -11.84
C SER A 2 -22.88 -29.44 -12.80
N SER A 3 -22.31 -28.57 -13.63
CA SER A 3 -21.31 -28.99 -14.61
C SER A 3 -20.54 -27.79 -15.15
N GLY A 4 -19.46 -28.05 -15.85
CA GLY A 4 -18.65 -26.99 -16.41
C GLY A 4 -18.14 -27.31 -17.80
N SER A 5 -17.82 -26.27 -18.58
CA SER A 5 -17.33 -26.46 -19.93
C SER A 5 -16.39 -25.32 -20.33
N SER A 6 -15.43 -25.62 -21.20
CA SER A 6 -14.47 -24.63 -21.66
C SER A 6 -14.89 -24.05 -23.00
N GLY A 7 -14.21 -22.98 -23.42
CA GLY A 7 -14.52 -22.35 -24.69
C GLY A 7 -13.56 -21.23 -25.03
N PRO A 8 -14.07 -20.21 -25.74
CA PRO A 8 -13.26 -19.05 -26.15
C PRO A 8 -12.89 -18.16 -24.97
N LYS A 9 -13.28 -18.58 -23.77
CA LYS A 9 -12.98 -17.83 -22.56
C LYS A 9 -11.63 -17.13 -22.68
N PRO A 10 -11.60 -15.84 -22.31
CA PRO A 10 -10.39 -15.03 -22.35
C PRO A 10 -9.36 -15.45 -21.31
N LEU A 11 -8.19 -14.83 -21.35
CA LEU A 11 -7.13 -15.15 -20.40
C LEU A 11 -6.88 -13.98 -19.45
N LYS A 12 -6.33 -14.29 -18.27
CA LYS A 12 -6.04 -13.26 -17.27
C LYS A 12 -4.54 -13.10 -17.08
N ASN A 13 -4.08 -11.86 -17.03
CA ASN A 13 -2.66 -11.57 -16.84
C ASN A 13 -2.33 -11.38 -15.36
N LEU A 14 -1.67 -12.37 -14.78
CA LEU A 14 -1.30 -12.30 -13.37
C LEU A 14 0.06 -11.61 -13.19
N ASP A 15 0.29 -10.57 -13.98
CA ASP A 15 1.54 -9.82 -13.90
C ASP A 15 1.99 -9.65 -12.45
N GLY A 16 1.16 -8.97 -11.66
CA GLY A 16 1.49 -8.74 -10.27
C GLY A 16 1.00 -7.40 -9.76
N GLN A 17 1.13 -6.38 -10.60
CA GLN A 17 0.68 -5.04 -10.22
C GLN A 17 -0.59 -5.09 -9.39
N PHE A 18 -1.40 -6.12 -9.61
CA PHE A 18 -2.65 -6.28 -8.89
C PHE A 18 -2.38 -6.52 -7.40
N CYS A 19 -2.94 -5.66 -6.56
CA CYS A 19 -2.76 -5.77 -5.12
C CYS A 19 -3.01 -7.21 -4.65
N GLU A 20 -2.39 -7.58 -3.53
CA GLU A 20 -2.56 -8.92 -2.98
C GLU A 20 -3.48 -8.89 -1.77
N ILE A 21 -3.36 -7.84 -0.95
CA ILE A 21 -4.18 -7.71 0.24
C ILE A 21 -5.66 -7.91 -0.09
N CYS A 22 -6.20 -7.04 -0.93
CA CYS A 22 -7.60 -7.12 -1.32
C CYS A 22 -7.75 -7.78 -2.69
N GLY A 23 -6.93 -7.33 -3.64
CA GLY A 23 -6.98 -7.89 -4.98
C GLY A 23 -7.06 -6.82 -6.05
N ASP A 24 -7.87 -5.79 -5.80
CA ASP A 24 -8.04 -4.70 -6.74
C ASP A 24 -6.74 -4.41 -7.48
N GLN A 25 -6.84 -4.02 -8.75
CA GLN A 25 -5.67 -3.72 -9.56
C GLN A 25 -5.06 -2.38 -9.14
N ILE A 26 -3.87 -2.43 -8.56
CA ILE A 26 -3.18 -1.22 -8.12
C ILE A 26 -3.08 -0.21 -9.25
N GLY A 27 -3.70 0.95 -9.06
CA GLY A 27 -3.66 1.99 -10.07
C GLY A 27 -2.28 2.58 -10.25
N LEU A 28 -2.23 3.86 -10.62
CA LEU A 28 -0.95 4.53 -10.82
C LEU A 28 -0.73 5.62 -9.77
N THR A 29 0.50 6.12 -9.69
CA THR A 29 0.84 7.16 -8.73
C THR A 29 0.52 8.54 -9.28
N VAL A 30 0.60 9.55 -8.43
CA VAL A 30 0.33 10.93 -8.83
C VAL A 30 0.98 11.24 -10.17
N GLU A 31 2.21 10.77 -10.35
CA GLU A 31 2.94 11.00 -11.59
C GLU A 31 2.50 10.03 -12.68
N GLY A 32 2.40 8.76 -12.32
CA GLY A 32 1.99 7.74 -13.28
C GLY A 32 2.62 6.39 -13.01
N ASP A 33 3.81 6.40 -12.44
CA ASP A 33 4.53 5.16 -12.12
C ASP A 33 3.66 4.25 -11.26
N LEU A 34 3.99 2.96 -11.27
CA LEU A 34 3.25 1.98 -10.48
C LEU A 34 3.35 2.27 -9.00
N PHE A 35 2.21 2.40 -8.34
CA PHE A 35 2.18 2.68 -6.91
C PHE A 35 2.80 1.53 -6.11
N VAL A 36 4.10 1.63 -5.86
CA VAL A 36 4.83 0.61 -5.12
C VAL A 36 4.69 0.82 -3.62
N ALA A 37 3.64 0.22 -3.03
CA ALA A 37 3.40 0.35 -1.61
C ALA A 37 4.62 -0.08 -0.80
N CYS A 38 5.20 -1.21 -1.17
CA CYS A 38 6.38 -1.73 -0.48
C CYS A 38 7.48 -2.07 -1.47
N ASN A 39 8.73 -1.93 -1.03
CA ASN A 39 9.88 -2.23 -1.88
C ASN A 39 10.79 -3.26 -1.23
N GLU A 40 11.01 -3.12 0.07
CA GLU A 40 11.86 -4.04 0.81
C GLU A 40 11.57 -5.48 0.42
N CYS A 41 10.33 -5.92 0.62
CA CYS A 41 9.92 -7.27 0.28
C CYS A 41 9.28 -7.31 -1.11
N GLY A 42 8.51 -6.29 -1.43
CA GLY A 42 7.85 -6.22 -2.72
C GLY A 42 6.40 -6.66 -2.65
N PHE A 43 5.73 -6.31 -1.57
CA PHE A 43 4.33 -6.68 -1.38
C PHE A 43 3.41 -5.68 -2.09
N PRO A 44 2.62 -6.19 -3.05
CA PRO A 44 1.69 -5.36 -3.82
C PRO A 44 0.51 -4.88 -2.98
N ALA A 45 0.50 -3.61 -2.66
CA ALA A 45 -0.58 -3.02 -1.86
C ALA A 45 -1.10 -1.74 -2.49
N CYS A 46 -2.36 -1.76 -2.92
CA CYS A 46 -2.97 -0.60 -3.54
C CYS A 46 -2.88 0.62 -2.63
N ARG A 47 -3.44 1.74 -3.09
CA ARG A 47 -3.43 2.97 -2.31
C ARG A 47 -4.27 2.84 -1.04
N PRO A 48 -5.52 2.40 -1.22
CA PRO A 48 -6.45 2.20 -0.09
C PRO A 48 -6.05 1.04 0.80
N CYS A 49 -4.83 0.55 0.62
CA CYS A 49 -4.33 -0.57 1.41
C CYS A 49 -3.09 -0.17 2.20
N TYR A 50 -2.20 0.58 1.54
CA TYR A 50 -0.97 1.02 2.18
C TYR A 50 -1.23 2.19 3.12
N GLU A 51 -1.95 3.19 2.62
CA GLU A 51 -2.28 4.37 3.42
C GLU A 51 -2.95 3.98 4.73
N TYR A 52 -4.01 3.18 4.62
CA TYR A 52 -4.75 2.73 5.80
C TYR A 52 -3.80 2.17 6.86
N GLU A 53 -2.73 1.51 6.39
CA GLU A 53 -1.75 0.92 7.29
C GLU A 53 -1.19 1.97 8.24
N ARG A 54 -0.88 3.16 7.70
CA ARG A 54 -0.33 4.25 8.49
C ARG A 54 -1.43 4.97 9.26
N ARG A 55 -2.61 5.01 8.67
CA ARG A 55 -3.76 5.67 9.30
C ARG A 55 -4.20 4.93 10.55
N GLU A 56 -4.77 3.74 10.36
CA GLU A 56 -5.23 2.92 11.48
C GLU A 56 -4.28 1.75 11.73
N GLY A 57 -3.72 1.22 10.66
CA GLY A 57 -2.80 0.10 10.79
C GLY A 57 -1.68 0.39 11.77
N THR A 58 -0.65 -0.47 11.77
CA THR A 58 0.48 -0.30 12.67
C THR A 58 1.74 0.08 11.89
N GLN A 59 1.56 0.74 10.75
CA GLN A 59 2.67 1.16 9.92
C GLN A 59 3.67 0.02 9.74
N ASN A 60 3.15 -1.19 9.57
CA ASN A 60 4.00 -2.36 9.39
C ASN A 60 3.48 -3.25 8.26
N CYS A 61 4.28 -3.42 7.22
CA CYS A 61 3.90 -4.24 6.07
C CYS A 61 3.41 -5.61 6.53
N PRO A 62 2.23 -6.02 6.00
CA PRO A 62 1.64 -7.31 6.34
C PRO A 62 2.41 -8.49 5.77
N GLN A 63 3.55 -8.18 5.14
CA GLN A 63 4.39 -9.22 4.56
C GLN A 63 5.78 -9.23 5.19
N CYS A 64 6.31 -8.03 5.45
CA CYS A 64 7.63 -7.90 6.06
C CYS A 64 7.55 -7.08 7.34
N LYS A 65 6.46 -6.34 7.49
CA LYS A 65 6.27 -5.50 8.67
C LYS A 65 7.42 -4.52 8.84
N THR A 66 7.76 -3.83 7.76
CA THR A 66 8.85 -2.85 7.79
C THR A 66 8.31 -1.44 7.96
N ARG A 67 9.06 -0.61 8.68
CA ARG A 67 8.66 0.77 8.92
C ARG A 67 8.21 1.44 7.63
N TYR A 68 7.03 2.06 7.68
CA TYR A 68 6.47 2.74 6.50
C TYR A 68 7.12 4.11 6.32
N LYS A 69 6.73 4.79 5.24
CA LYS A 69 7.25 6.12 4.95
C LYS A 69 6.20 6.99 4.29
N ARG A 70 6.14 8.25 4.69
CA ARG A 70 5.17 9.19 4.14
C ARG A 70 5.21 9.18 2.61
N LEU A 71 4.11 8.76 2.00
CA LEU A 71 4.02 8.69 0.54
C LEU A 71 3.26 9.89 -0.01
N ARG A 72 3.07 9.92 -1.32
CA ARG A 72 2.36 11.01 -1.98
C ARG A 72 0.99 11.22 -1.33
N GLY A 73 0.24 10.13 -1.16
CA GLY A 73 -1.08 10.21 -0.56
C GLY A 73 -1.03 10.15 0.96
N SER A 74 -0.66 8.99 1.49
CA SER A 74 -0.58 8.80 2.93
C SER A 74 -0.07 10.07 3.62
N PRO A 75 -0.98 10.83 4.21
CA PRO A 75 -0.65 12.08 4.91
C PRO A 75 0.12 11.83 6.21
N ARG A 76 0.46 12.90 6.91
CA ARG A 76 1.20 12.79 8.16
C ARG A 76 0.43 11.97 9.18
N VAL A 77 1.15 11.25 10.03
CA VAL A 77 0.54 10.41 11.06
C VAL A 77 1.40 10.36 12.31
N GLU A 78 0.95 9.59 13.30
CA GLU A 78 1.68 9.45 14.55
C GLU A 78 2.82 8.46 14.41
N GLY A 79 3.58 8.57 13.32
CA GLY A 79 4.68 7.67 13.09
C GLY A 79 5.61 8.15 11.99
N ASP A 80 5.86 9.47 11.96
CA ASP A 80 6.73 10.06 10.96
C ASP A 80 7.70 11.04 11.59
N GLU A 81 8.68 11.50 10.80
CA GLU A 81 9.67 12.44 11.28
C GLU A 81 9.50 13.80 10.61
N ASP A 82 8.28 14.10 10.20
CA ASP A 82 7.99 15.38 9.54
C ASP A 82 7.09 16.25 10.42
N GLU A 83 7.34 17.55 10.39
CA GLU A 83 6.57 18.49 11.18
C GLU A 83 5.81 19.46 10.28
N GLU A 84 4.57 19.77 10.65
CA GLU A 84 3.74 20.69 9.88
C GLU A 84 2.61 21.25 10.73
N ASP A 85 2.31 22.53 10.52
CA ASP A 85 1.24 23.20 11.28
C ASP A 85 -0.12 22.61 10.91
N ILE A 86 -0.83 22.11 11.91
CA ILE A 86 -2.15 21.52 11.70
C ILE A 86 -3.21 22.61 11.54
N ASP A 87 -4.43 22.19 11.22
CA ASP A 87 -5.53 23.13 11.04
C ASP A 87 -6.11 23.55 12.38
N SER A 88 -5.23 23.89 13.32
CA SER A 88 -5.65 24.31 14.66
C SER A 88 -6.87 23.52 15.11
N GLY A 89 -6.85 22.21 14.85
CA GLY A 89 -7.97 21.36 15.25
C GLY A 89 -7.53 19.94 15.52
N PRO A 90 -8.13 19.32 16.55
CA PRO A 90 -7.82 17.94 16.93
C PRO A 90 -8.32 16.93 15.91
N SER A 91 -7.93 15.67 16.09
CA SER A 91 -8.34 14.60 15.18
C SER A 91 -9.39 13.70 15.83
N SER A 92 -10.65 14.02 15.61
CA SER A 92 -11.75 13.24 16.18
C SER A 92 -11.48 11.75 16.05
N GLY A 93 -12.10 10.96 16.93
CA GLY A 93 -11.92 9.52 16.90
C GLY A 93 -13.23 8.77 16.95
ZN ZN B . -5.47 -3.65 -1.94
ZN ZN C . 6.86 -5.47 2.62
N GLY A 1 -25.75 -24.48 -12.17
CA GLY A 1 -24.38 -24.52 -11.70
C GLY A 1 -23.75 -25.89 -11.89
N SER A 2 -22.43 -25.96 -11.76
CA SER A 2 -21.70 -27.21 -11.94
C SER A 2 -20.54 -27.30 -10.96
N SER A 3 -20.44 -28.42 -10.26
CA SER A 3 -19.37 -28.63 -9.28
C SER A 3 -18.15 -29.25 -9.95
N GLY A 4 -16.97 -28.80 -9.53
CA GLY A 4 -15.73 -29.32 -10.09
C GLY A 4 -15.76 -29.35 -11.61
N SER A 5 -15.56 -28.18 -12.22
CA SER A 5 -15.56 -28.07 -13.68
C SER A 5 -14.97 -26.73 -14.12
N SER A 6 -13.94 -26.81 -14.95
CA SER A 6 -13.27 -25.61 -15.45
C SER A 6 -13.48 -25.46 -16.95
N GLY A 7 -13.31 -24.23 -17.44
CA GLY A 7 -13.48 -23.97 -18.87
C GLY A 7 -12.24 -23.37 -19.50
N PRO A 8 -12.42 -22.69 -20.64
CA PRO A 8 -11.33 -22.06 -21.36
C PRO A 8 -10.75 -20.86 -20.62
N LYS A 9 -9.74 -21.11 -19.79
CA LYS A 9 -9.11 -20.05 -19.02
C LYS A 9 -8.93 -18.79 -19.87
N PRO A 10 -9.16 -17.62 -19.25
CA PRO A 10 -9.02 -16.33 -19.92
C PRO A 10 -7.57 -15.99 -20.25
N LEU A 11 -7.36 -14.83 -20.87
CA LEU A 11 -6.02 -14.39 -21.23
C LEU A 11 -5.54 -13.27 -20.31
N LYS A 12 -5.97 -13.33 -19.05
CA LYS A 12 -5.60 -12.32 -18.07
C LYS A 12 -4.07 -12.25 -17.92
N ASN A 13 -3.60 -11.24 -17.22
CA ASN A 13 -2.17 -11.06 -17.00
C ASN A 13 -1.85 -10.96 -15.51
N LEU A 14 -1.21 -11.99 -14.97
CA LEU A 14 -0.85 -12.02 -13.56
C LEU A 14 0.55 -11.47 -13.35
N ASP A 15 0.78 -10.24 -13.78
CA ASP A 15 2.09 -9.60 -13.64
C ASP A 15 2.48 -9.50 -12.17
N GLY A 16 1.59 -8.90 -11.37
CA GLY A 16 1.87 -8.76 -9.95
C GLY A 16 1.37 -7.43 -9.40
N GLN A 17 1.50 -6.38 -10.21
CA GLN A 17 1.07 -5.05 -9.80
C GLN A 17 -0.25 -5.12 -9.02
N PHE A 18 -1.07 -6.10 -9.35
CA PHE A 18 -2.35 -6.27 -8.69
C PHE A 18 -2.16 -6.50 -7.18
N CYS A 19 -2.82 -5.68 -6.38
CA CYS A 19 -2.72 -5.77 -4.93
C CYS A 19 -3.05 -7.20 -4.47
N GLU A 20 -2.44 -7.60 -3.35
CA GLU A 20 -2.68 -8.94 -2.81
C GLU A 20 -3.65 -8.87 -1.64
N ILE A 21 -3.47 -7.87 -0.78
CA ILE A 21 -4.35 -7.71 0.39
C ILE A 21 -5.82 -7.85 0.00
N CYS A 22 -6.28 -6.94 -0.84
CA CYS A 22 -7.68 -6.95 -1.30
C CYS A 22 -7.79 -7.65 -2.65
N GLY A 23 -6.90 -7.30 -3.57
CA GLY A 23 -6.92 -7.90 -4.89
C GLY A 23 -6.96 -6.86 -5.99
N ASP A 24 -7.74 -5.81 -5.79
CA ASP A 24 -7.86 -4.75 -6.78
C ASP A 24 -6.54 -4.53 -7.50
N GLN A 25 -6.61 -4.09 -8.76
CA GLN A 25 -5.43 -3.84 -9.55
C GLN A 25 -4.80 -2.49 -9.19
N ILE A 26 -3.62 -2.53 -8.59
CA ILE A 26 -2.91 -1.32 -8.19
C ILE A 26 -2.81 -0.34 -9.36
N GLY A 27 -3.42 0.83 -9.20
CA GLY A 27 -3.38 1.83 -10.25
C GLY A 27 -2.04 2.54 -10.31
N LEU A 28 -2.08 3.84 -10.60
CA LEU A 28 -0.87 4.63 -10.70
C LEU A 28 -0.74 5.59 -9.51
N THR A 29 0.41 6.24 -9.39
CA THR A 29 0.65 7.17 -8.30
C THR A 29 0.11 8.56 -8.63
N VAL A 30 0.14 9.45 -7.65
CA VAL A 30 -0.36 10.80 -7.83
C VAL A 30 0.19 11.43 -9.11
N GLU A 31 1.43 11.07 -9.44
CA GLU A 31 2.08 11.59 -10.65
C GLU A 31 1.81 10.69 -11.85
N GLY A 32 2.01 9.39 -11.67
CA GLY A 32 1.79 8.44 -12.74
C GLY A 32 2.53 7.14 -12.53
N ASP A 33 3.72 7.23 -11.96
CA ASP A 33 4.55 6.05 -11.71
C ASP A 33 3.73 4.95 -11.05
N LEU A 34 4.25 3.73 -11.07
CA LEU A 34 3.56 2.58 -10.47
C LEU A 34 3.53 2.70 -8.95
N PHE A 35 2.34 2.57 -8.38
CA PHE A 35 2.18 2.65 -6.94
C PHE A 35 2.59 1.35 -6.26
N VAL A 36 3.83 1.31 -5.77
CA VAL A 36 4.36 0.13 -5.10
C VAL A 36 4.54 0.37 -3.61
N ALA A 37 3.44 0.25 -2.86
CA ALA A 37 3.47 0.46 -1.42
C ALA A 37 4.82 0.04 -0.84
N CYS A 38 5.10 -1.26 -0.86
CA CYS A 38 6.35 -1.79 -0.34
C CYS A 38 7.29 -2.18 -1.47
N ASN A 39 8.56 -1.81 -1.34
CA ASN A 39 9.55 -2.12 -2.35
C ASN A 39 10.59 -3.10 -1.81
N GLU A 40 10.95 -2.94 -0.54
CA GLU A 40 11.93 -3.82 0.09
C GLU A 40 11.61 -5.29 -0.21
N CYS A 41 10.48 -5.76 0.32
CA CYS A 41 10.07 -7.15 0.11
C CYS A 41 9.35 -7.30 -1.23
N GLY A 42 8.51 -6.33 -1.55
CA GLY A 42 7.76 -6.37 -2.80
C GLY A 42 6.31 -6.76 -2.59
N PHE A 43 5.72 -6.28 -1.49
CA PHE A 43 4.33 -6.58 -1.17
C PHE A 43 3.40 -5.64 -1.92
N PRO A 44 2.61 -6.21 -2.85
CA PRO A 44 1.65 -5.44 -3.66
C PRO A 44 0.47 -4.94 -2.84
N ALA A 45 0.45 -3.62 -2.58
CA ALA A 45 -0.62 -3.02 -1.80
C ALA A 45 -1.12 -1.73 -2.46
N CYS A 46 -2.38 -1.75 -2.90
CA CYS A 46 -2.96 -0.58 -3.55
C CYS A 46 -2.88 0.64 -2.64
N ARG A 47 -3.41 1.77 -3.12
CA ARG A 47 -3.39 3.02 -2.36
C ARG A 47 -4.30 2.90 -1.13
N PRO A 48 -5.55 2.49 -1.36
CA PRO A 48 -6.53 2.33 -0.29
C PRO A 48 -6.20 1.18 0.65
N CYS A 49 -4.97 0.69 0.57
CA CYS A 49 -4.53 -0.42 1.41
C CYS A 49 -3.30 -0.03 2.22
N TYR A 50 -2.39 0.70 1.59
CA TYR A 50 -1.16 1.14 2.25
C TYR A 50 -1.43 2.36 3.13
N GLU A 51 -1.98 3.40 2.53
CA GLU A 51 -2.29 4.63 3.26
C GLU A 51 -2.98 4.31 4.58
N TYR A 52 -4.14 3.65 4.50
CA TYR A 52 -4.89 3.30 5.69
C TYR A 52 -4.01 2.61 6.73
N GLU A 53 -3.22 1.64 6.26
CA GLU A 53 -2.33 0.91 7.15
C GLU A 53 -1.57 1.86 8.06
N ARG A 54 -1.28 3.06 7.56
CA ARG A 54 -0.56 4.07 8.33
C ARG A 54 -1.52 4.92 9.15
N ARG A 55 -2.76 5.03 8.67
CA ARG A 55 -3.77 5.83 9.36
C ARG A 55 -4.25 5.12 10.63
N GLU A 56 -4.92 3.99 10.45
CA GLU A 56 -5.43 3.22 11.58
C GLU A 56 -4.64 1.92 11.75
N GLY A 57 -4.01 1.47 10.67
CA GLY A 57 -3.23 0.25 10.71
C GLY A 57 -2.13 0.30 11.75
N THR A 58 -1.13 -0.57 11.59
CA THR A 58 0.00 -0.62 12.53
C THR A 58 1.25 -0.03 11.90
N GLN A 59 1.15 0.36 10.64
CA GLN A 59 2.28 0.94 9.92
C GLN A 59 3.39 -0.09 9.75
N ASN A 60 3.00 -1.34 9.50
CA ASN A 60 3.97 -2.42 9.32
C ASN A 60 3.51 -3.37 8.23
N CYS A 61 4.36 -3.59 7.23
CA CYS A 61 4.04 -4.49 6.12
C CYS A 61 3.69 -5.87 6.64
N PRO A 62 2.48 -6.34 6.29
CA PRO A 62 1.98 -7.66 6.71
C PRO A 62 2.72 -8.80 6.02
N GLN A 63 3.76 -8.45 5.26
CA GLN A 63 4.56 -9.44 4.54
C GLN A 63 5.99 -9.45 5.03
N CYS A 64 6.54 -8.26 5.27
CA CYS A 64 7.91 -8.13 5.76
C CYS A 64 7.96 -7.30 7.04
N LYS A 65 6.88 -6.57 7.31
CA LYS A 65 6.80 -5.74 8.51
C LYS A 65 7.99 -4.79 8.59
N THR A 66 8.22 -4.05 7.51
CA THR A 66 9.33 -3.10 7.47
C THR A 66 8.84 -1.68 7.75
N ARG A 67 9.79 -0.80 8.07
CA ARG A 67 9.45 0.59 8.36
C ARG A 67 8.84 1.27 7.15
N TYR A 68 7.67 1.88 7.34
CA TYR A 68 6.97 2.56 6.25
C TYR A 68 7.71 3.84 5.86
N LYS A 69 7.13 4.58 4.92
CA LYS A 69 7.73 5.83 4.46
C LYS A 69 6.65 6.79 3.97
N ARG A 70 6.78 8.05 4.37
CA ARG A 70 5.82 9.08 3.96
C ARG A 70 5.73 9.18 2.44
N LEU A 71 4.53 8.94 1.91
CA LEU A 71 4.31 9.01 0.47
C LEU A 71 3.53 10.25 0.09
N ARG A 72 3.25 10.40 -1.20
CA ARG A 72 2.49 11.56 -1.70
C ARG A 72 1.04 11.50 -1.23
N GLY A 73 0.43 10.33 -1.40
CA GLY A 73 -0.96 10.17 -0.99
C GLY A 73 -1.10 9.77 0.46
N SER A 74 0.03 9.48 1.11
CA SER A 74 0.02 9.07 2.50
C SER A 74 0.55 10.18 3.41
N PRO A 75 -0.36 10.82 4.15
CA PRO A 75 -0.02 11.91 5.06
C PRO A 75 0.78 11.44 6.27
N ARG A 76 1.32 12.39 7.02
CA ARG A 76 2.10 12.05 8.21
C ARG A 76 1.21 11.51 9.31
N VAL A 77 1.76 10.61 10.12
CA VAL A 77 1.01 10.00 11.22
C VAL A 77 1.84 9.97 12.50
N GLU A 78 1.27 9.41 13.56
CA GLU A 78 1.96 9.31 14.84
C GLU A 78 2.95 8.15 14.85
N GLY A 79 3.77 8.08 13.80
CA GLY A 79 4.75 7.01 13.70
C GLY A 79 5.87 7.34 12.74
N ASP A 80 6.27 8.61 12.70
CA ASP A 80 7.34 9.04 11.82
C ASP A 80 8.52 9.59 12.61
N GLU A 81 8.65 9.14 13.86
CA GLU A 81 9.73 9.59 14.72
C GLU A 81 9.92 8.63 15.89
N ASP A 82 11.16 8.15 16.07
CA ASP A 82 11.47 7.24 17.16
C ASP A 82 11.59 7.98 18.48
N GLU A 83 11.27 7.29 19.56
CA GLU A 83 11.35 7.89 20.90
C GLU A 83 11.09 6.84 21.98
N GLU A 84 11.68 7.04 23.15
CA GLU A 84 11.51 6.12 24.27
C GLU A 84 11.26 6.88 25.57
N ASP A 85 10.04 6.77 26.09
CA ASP A 85 9.67 7.45 27.32
C ASP A 85 9.72 6.48 28.50
N ILE A 86 10.83 5.76 28.63
CA ILE A 86 11.00 4.81 29.71
C ILE A 86 11.71 5.44 30.90
N ASP A 87 11.40 4.96 32.10
CA ASP A 87 12.01 5.47 33.32
C ASP A 87 12.67 4.35 34.11
N SER A 88 11.90 3.34 34.49
CA SER A 88 12.40 2.22 35.25
C SER A 88 11.65 0.94 34.91
N GLY A 89 12.30 0.04 34.19
CA GLY A 89 11.67 -1.21 33.81
C GLY A 89 12.03 -1.64 32.40
N PRO A 90 11.43 -2.75 31.94
CA PRO A 90 11.67 -3.28 30.60
C PRO A 90 11.08 -2.40 29.51
N SER A 91 11.17 -2.86 28.26
CA SER A 91 10.65 -2.11 27.13
C SER A 91 9.27 -2.62 26.73
N SER A 92 8.23 -2.07 27.36
CA SER A 92 6.86 -2.46 27.07
C SER A 92 5.92 -1.28 27.20
N GLY A 93 4.90 -1.24 26.35
CA GLY A 93 3.94 -0.16 26.37
C GLY A 93 2.51 -0.64 26.16
ZN ZN B . -5.52 -3.55 -1.90
ZN ZN C . 6.90 -5.49 2.51
N GLY A 1 12.20 -41.79 -27.29
CA GLY A 1 11.38 -40.92 -26.47
C GLY A 1 10.41 -40.09 -27.30
N SER A 2 9.54 -39.35 -26.62
CA SER A 2 8.55 -38.53 -27.30
C SER A 2 7.81 -37.62 -26.30
N SER A 3 7.61 -36.37 -26.69
CA SER A 3 6.92 -35.42 -25.83
C SER A 3 6.54 -34.17 -26.62
N GLY A 4 5.85 -33.24 -25.94
CA GLY A 4 5.43 -32.01 -26.60
C GLY A 4 4.39 -31.26 -25.78
N SER A 5 4.23 -29.97 -26.09
CA SER A 5 3.28 -29.13 -25.37
C SER A 5 3.00 -27.85 -26.15
N SER A 6 1.72 -27.52 -26.30
CA SER A 6 1.32 -26.31 -27.03
C SER A 6 -0.17 -26.05 -26.85
N GLY A 7 -0.50 -24.85 -26.39
CA GLY A 7 -1.89 -24.49 -26.18
C GLY A 7 -2.13 -22.99 -26.32
N PRO A 8 -3.34 -22.55 -25.97
CA PRO A 8 -3.72 -21.14 -26.05
C PRO A 8 -3.01 -20.28 -25.00
N LYS A 9 -3.28 -18.98 -25.01
CA LYS A 9 -2.67 -18.06 -24.06
C LYS A 9 -3.02 -18.45 -22.63
N PRO A 10 -1.98 -18.60 -21.80
CA PRO A 10 -2.14 -18.98 -20.38
C PRO A 10 -2.78 -17.86 -19.56
N LEU A 11 -2.97 -18.11 -18.27
CA LEU A 11 -3.58 -17.14 -17.38
C LEU A 11 -3.00 -15.75 -17.62
N LYS A 12 -3.88 -14.76 -17.75
CA LYS A 12 -3.47 -13.39 -18.00
C LYS A 12 -2.15 -13.09 -17.30
N ASN A 13 -1.27 -12.36 -17.98
CA ASN A 13 0.03 -12.00 -17.43
C ASN A 13 -0.05 -11.81 -15.92
N LEU A 14 0.66 -12.65 -15.19
CA LEU A 14 0.66 -12.57 -13.73
C LEU A 14 1.69 -11.54 -13.24
N ASP A 15 1.78 -10.42 -13.95
CA ASP A 15 2.71 -9.36 -13.59
C ASP A 15 2.88 -9.27 -12.07
N GLY A 16 1.77 -9.00 -11.38
CA GLY A 16 1.82 -8.88 -9.93
C GLY A 16 1.30 -7.55 -9.43
N GLN A 17 1.47 -6.51 -10.25
CA GLN A 17 1.02 -5.17 -9.89
C GLN A 17 -0.30 -5.23 -9.13
N PHE A 18 -1.10 -6.25 -9.42
CA PHE A 18 -2.39 -6.42 -8.76
C PHE A 18 -2.21 -6.61 -7.25
N CYS A 19 -2.81 -5.72 -6.47
CA CYS A 19 -2.72 -5.79 -5.02
C CYS A 19 -3.03 -7.20 -4.52
N GLU A 20 -2.49 -7.55 -3.36
CA GLU A 20 -2.72 -8.87 -2.78
C GLU A 20 -3.68 -8.78 -1.61
N ILE A 21 -3.53 -7.75 -0.78
CA ILE A 21 -4.38 -7.55 0.38
C ILE A 21 -5.85 -7.72 0.00
N CYS A 22 -6.34 -6.86 -0.88
CA CYS A 22 -7.73 -6.92 -1.32
C CYS A 22 -7.84 -7.62 -2.67
N GLY A 23 -6.97 -7.25 -3.60
CA GLY A 23 -6.99 -7.85 -4.92
C GLY A 23 -7.03 -6.83 -6.03
N ASP A 24 -7.83 -5.78 -5.84
CA ASP A 24 -7.96 -4.71 -6.84
C ASP A 24 -6.61 -4.42 -7.49
N GLN A 25 -6.63 -4.14 -8.78
CA GLN A 25 -5.41 -3.83 -9.52
C GLN A 25 -4.84 -2.49 -9.09
N ILE A 26 -3.65 -2.54 -8.49
CA ILE A 26 -2.99 -1.31 -8.04
C ILE A 26 -2.83 -0.31 -9.18
N GLY A 27 -3.55 0.81 -9.07
CA GLY A 27 -3.47 1.83 -10.09
C GLY A 27 -2.07 2.41 -10.23
N LEU A 28 -2.00 3.69 -10.56
CA LEU A 28 -0.72 4.37 -10.73
C LEU A 28 -0.55 5.49 -9.71
N THR A 29 0.65 6.07 -9.66
CA THR A 29 0.94 7.14 -8.72
C THR A 29 0.48 8.49 -9.29
N VAL A 30 0.61 9.54 -8.48
CA VAL A 30 0.21 10.88 -8.89
C VAL A 30 0.87 11.26 -10.21
N GLU A 31 2.12 10.82 -10.39
CA GLU A 31 2.86 11.12 -11.62
C GLU A 31 2.50 10.12 -12.73
N GLY A 32 2.58 8.84 -12.41
CA GLY A 32 2.26 7.82 -13.39
C GLY A 32 2.88 6.48 -13.06
N ASP A 33 4.04 6.52 -12.40
CA ASP A 33 4.74 5.29 -12.02
C ASP A 33 3.85 4.39 -11.17
N LEU A 34 4.19 3.10 -11.13
CA LEU A 34 3.41 2.14 -10.36
C LEU A 34 3.53 2.41 -8.86
N PHE A 35 2.39 2.55 -8.19
CA PHE A 35 2.38 2.81 -6.76
C PHE A 35 2.98 1.64 -5.98
N VAL A 36 4.29 1.69 -5.78
CA VAL A 36 4.99 0.63 -5.04
C VAL A 36 4.82 0.80 -3.54
N ALA A 37 3.65 0.40 -3.04
CA ALA A 37 3.37 0.50 -1.62
C ALA A 37 4.61 0.20 -0.78
N CYS A 38 5.07 -1.04 -0.83
CA CYS A 38 6.24 -1.45 -0.08
C CYS A 38 7.45 -1.59 -1.00
N ASN A 39 8.48 -0.78 -0.74
CA ASN A 39 9.69 -0.80 -1.53
C ASN A 39 10.81 -1.52 -0.80
N GLU A 40 10.44 -2.53 -0.02
CA GLU A 40 11.42 -3.31 0.73
C GLU A 40 11.40 -4.78 0.30
N CYS A 41 10.27 -5.44 0.53
CA CYS A 41 10.11 -6.84 0.16
C CYS A 41 9.43 -6.98 -1.19
N GLY A 42 8.47 -6.10 -1.45
CA GLY A 42 7.75 -6.14 -2.72
C GLY A 42 6.29 -6.54 -2.54
N PHE A 43 5.72 -6.18 -1.39
CA PHE A 43 4.33 -6.50 -1.10
C PHE A 43 3.39 -5.59 -1.87
N PRO A 44 2.60 -6.18 -2.79
CA PRO A 44 1.65 -5.43 -3.61
C PRO A 44 0.47 -4.91 -2.80
N ALA A 45 0.44 -3.61 -2.56
CA ALA A 45 -0.64 -2.99 -1.81
C ALA A 45 -1.12 -1.70 -2.47
N CYS A 46 -2.37 -1.71 -2.92
CA CYS A 46 -2.95 -0.54 -3.58
C CYS A 46 -2.88 0.68 -2.68
N ARG A 47 -3.44 1.79 -3.15
CA ARG A 47 -3.44 3.03 -2.38
C ARG A 47 -4.33 2.89 -1.15
N PRO A 48 -5.58 2.48 -1.35
CA PRO A 48 -6.54 2.30 -0.26
C PRO A 48 -6.19 1.12 0.64
N CYS A 49 -4.96 0.64 0.51
CA CYS A 49 -4.50 -0.49 1.32
C CYS A 49 -3.26 -0.11 2.13
N TYR A 50 -2.37 0.66 1.51
CA TYR A 50 -1.15 1.09 2.18
C TYR A 50 -1.41 2.31 3.07
N GLU A 51 -2.06 3.32 2.49
CA GLU A 51 -2.38 4.54 3.23
C GLU A 51 -3.05 4.21 4.56
N TYR A 52 -4.23 3.59 4.48
CA TYR A 52 -4.98 3.23 5.68
C TYR A 52 -4.07 2.54 6.71
N GLU A 53 -3.14 1.73 6.21
CA GLU A 53 -2.21 1.02 7.09
C GLU A 53 -1.52 1.99 8.04
N ARG A 54 -1.00 3.08 7.50
CA ARG A 54 -0.31 4.08 8.31
C ARG A 54 -1.30 4.95 9.07
N ARG A 55 -2.56 4.91 8.64
CA ARG A 55 -3.61 5.70 9.28
C ARG A 55 -4.09 5.02 10.56
N GLU A 56 -4.89 3.98 10.41
CA GLU A 56 -5.41 3.24 11.55
C GLU A 56 -4.78 1.86 11.66
N GLY A 57 -4.12 1.44 10.58
CA GLY A 57 -3.48 0.14 10.57
C GLY A 57 -2.43 0.00 11.66
N THR A 58 -1.41 -0.81 11.39
CA THR A 58 -0.34 -1.04 12.35
C THR A 58 0.94 -0.33 11.92
N GLN A 59 0.93 0.21 10.71
CA GLN A 59 2.09 0.92 10.17
C GLN A 59 3.25 -0.05 9.93
N ASN A 60 2.92 -1.27 9.50
CA ASN A 60 3.93 -2.28 9.23
C ASN A 60 3.46 -3.23 8.14
N CYS A 61 4.37 -3.56 7.21
CA CYS A 61 4.05 -4.46 6.11
C CYS A 61 3.68 -5.84 6.64
N PRO A 62 2.46 -6.31 6.28
CA PRO A 62 1.96 -7.61 6.71
C PRO A 62 2.71 -8.77 6.04
N GLN A 63 3.72 -8.43 5.26
CA GLN A 63 4.52 -9.44 4.56
C GLN A 63 5.94 -9.49 5.11
N CYS A 64 6.54 -8.31 5.29
CA CYS A 64 7.90 -8.23 5.82
C CYS A 64 7.92 -7.46 7.13
N LYS A 65 6.86 -6.71 7.39
CA LYS A 65 6.76 -5.93 8.63
C LYS A 65 7.96 -5.01 8.78
N THR A 66 8.27 -4.25 7.73
CA THR A 66 9.40 -3.32 7.76
C THR A 66 8.92 -1.88 7.82
N ARG A 67 9.57 -1.08 8.66
CA ARG A 67 9.21 0.33 8.80
C ARG A 67 8.74 0.91 7.48
N TYR A 68 7.62 1.63 7.51
CA TYR A 68 7.06 2.23 6.31
C TYR A 68 7.84 3.48 5.93
N LYS A 69 7.35 4.20 4.91
CA LYS A 69 8.01 5.41 4.45
C LYS A 69 6.97 6.40 3.91
N ARG A 70 7.09 7.66 4.32
CA ARG A 70 6.17 8.70 3.88
C ARG A 70 5.98 8.65 2.36
N LEU A 71 4.73 8.49 1.94
CA LEU A 71 4.41 8.42 0.52
C LEU A 71 3.67 9.69 0.07
N ARG A 72 3.25 9.69 -1.19
CA ARG A 72 2.53 10.83 -1.75
C ARG A 72 1.10 10.89 -1.21
N GLY A 73 0.44 9.74 -1.19
CA GLY A 73 -0.93 9.68 -0.71
C GLY A 73 -1.00 9.58 0.80
N SER A 74 -0.26 8.65 1.37
CA SER A 74 -0.26 8.45 2.82
C SER A 74 0.48 9.59 3.51
N PRO A 75 -0.29 10.40 4.26
CA PRO A 75 0.26 11.54 5.00
C PRO A 75 1.14 11.11 6.18
N ARG A 76 1.92 12.06 6.69
CA ARG A 76 2.80 11.77 7.82
C ARG A 76 2.00 11.26 9.02
N VAL A 77 2.56 10.28 9.72
CA VAL A 77 1.91 9.70 10.89
C VAL A 77 2.91 9.40 11.99
N GLU A 78 2.45 8.77 13.06
CA GLU A 78 3.31 8.42 14.18
C GLU A 78 4.51 7.61 13.71
N GLY A 79 5.68 8.23 13.76
CA GLY A 79 6.90 7.55 13.33
C GLY A 79 7.92 8.51 12.76
N ASP A 80 7.46 9.45 11.95
CA ASP A 80 8.35 10.43 11.34
C ASP A 80 9.22 11.11 12.40
N GLU A 81 10.53 11.05 12.21
CA GLU A 81 11.47 11.66 13.15
C GLU A 81 10.90 12.96 13.72
N ASP A 82 10.94 13.09 15.04
CA ASP A 82 10.43 14.28 15.71
C ASP A 82 11.08 15.54 15.14
N GLU A 83 10.53 16.69 15.49
CA GLU A 83 11.05 17.97 15.01
C GLU A 83 10.31 19.13 15.66
N GLU A 84 10.99 20.27 15.74
CA GLU A 84 10.40 21.47 16.34
C GLU A 84 8.96 21.65 15.87
N ASP A 85 8.01 21.24 16.72
CA ASP A 85 6.59 21.36 16.40
C ASP A 85 5.77 21.64 17.65
N ILE A 86 4.49 21.90 17.47
CA ILE A 86 3.59 22.17 18.58
C ILE A 86 3.26 20.90 19.36
N ASP A 87 3.49 20.93 20.66
CA ASP A 87 3.22 19.78 21.51
C ASP A 87 2.92 20.22 22.94
N SER A 88 1.66 20.08 23.35
CA SER A 88 1.24 20.48 24.69
C SER A 88 2.17 19.87 25.75
N GLY A 89 2.51 18.60 25.56
CA GLY A 89 3.38 17.92 26.50
C GLY A 89 4.05 16.70 25.90
N PRO A 90 4.72 15.91 26.74
CA PRO A 90 5.42 14.70 26.31
C PRO A 90 4.45 13.59 25.90
N SER A 91 5.00 12.41 25.60
CA SER A 91 4.18 11.28 25.19
C SER A 91 4.84 9.96 25.60
N SER A 92 4.07 8.88 25.52
CA SER A 92 4.58 7.56 25.88
C SER A 92 3.99 6.48 24.98
N GLY A 93 4.84 5.63 24.44
CA GLY A 93 4.38 4.56 23.57
C GLY A 93 4.69 3.18 24.12
ZN ZN B . -5.58 -3.54 -2.06
ZN ZN C . 7.01 -5.48 2.59
N GLY A 1 -12.94 -46.81 -16.67
CA GLY A 1 -11.68 -46.19 -16.31
C GLY A 1 -11.77 -44.68 -16.26
N SER A 2 -10.96 -44.07 -15.40
CA SER A 2 -10.94 -42.61 -15.27
C SER A 2 -9.52 -42.07 -15.31
N SER A 3 -9.30 -41.07 -16.15
CA SER A 3 -7.98 -40.47 -16.29
C SER A 3 -8.09 -38.98 -16.61
N GLY A 4 -7.05 -38.23 -16.27
CA GLY A 4 -7.05 -36.80 -16.53
C GLY A 4 -7.24 -36.49 -18.00
N SER A 5 -7.67 -35.26 -18.30
CA SER A 5 -7.90 -34.83 -19.68
C SER A 5 -7.15 -33.53 -19.97
N SER A 6 -6.23 -33.59 -20.93
CA SER A 6 -5.45 -32.43 -21.30
C SER A 6 -6.35 -31.21 -21.51
N GLY A 7 -5.73 -30.04 -21.70
CA GLY A 7 -6.50 -28.83 -21.90
C GLY A 7 -5.69 -27.58 -21.61
N PRO A 8 -4.83 -27.18 -22.56
CA PRO A 8 -3.98 -26.00 -22.42
C PRO A 8 -4.78 -24.70 -22.47
N LYS A 9 -4.43 -23.77 -21.59
CA LYS A 9 -5.11 -22.48 -21.53
C LYS A 9 -4.19 -21.36 -21.99
N PRO A 10 -4.80 -20.27 -22.51
CA PRO A 10 -4.05 -19.12 -23.00
C PRO A 10 -3.40 -18.32 -21.86
N LEU A 11 -2.60 -17.33 -22.22
CA LEU A 11 -1.92 -16.50 -21.24
C LEU A 11 -2.92 -15.66 -20.45
N LYS A 12 -2.60 -15.41 -19.18
CA LYS A 12 -3.47 -14.61 -18.32
C LYS A 12 -2.81 -13.29 -17.96
N ASN A 13 -3.61 -12.35 -17.46
CA ASN A 13 -3.10 -11.03 -17.07
C ASN A 13 -2.66 -11.04 -15.60
N LEU A 14 -1.97 -12.09 -15.20
CA LEU A 14 -1.49 -12.22 -13.82
C LEU A 14 -0.02 -11.82 -13.72
N ASP A 15 0.24 -10.52 -13.82
CA ASP A 15 1.60 -10.01 -13.73
C ASP A 15 2.04 -9.89 -12.28
N GLY A 16 1.28 -9.14 -11.49
CA GLY A 16 1.61 -8.96 -10.09
C GLY A 16 1.17 -7.61 -9.56
N GLN A 17 1.34 -6.57 -10.37
CA GLN A 17 0.95 -5.22 -9.97
C GLN A 17 -0.34 -5.24 -9.16
N PHE A 18 -1.17 -6.23 -9.42
CA PHE A 18 -2.45 -6.37 -8.72
C PHE A 18 -2.23 -6.57 -7.23
N CYS A 19 -2.87 -5.72 -6.43
CA CYS A 19 -2.73 -5.80 -4.98
C CYS A 19 -3.03 -7.20 -4.48
N GLU A 20 -2.40 -7.59 -3.38
CA GLU A 20 -2.61 -8.92 -2.80
C GLU A 20 -3.57 -8.86 -1.62
N ILE A 21 -3.39 -7.84 -0.78
CA ILE A 21 -4.25 -7.67 0.40
C ILE A 21 -5.71 -7.88 0.04
N CYS A 22 -6.23 -7.02 -0.83
CA CYS A 22 -7.63 -7.11 -1.26
C CYS A 22 -7.75 -7.89 -2.57
N GLY A 23 -6.90 -7.54 -3.53
CA GLY A 23 -6.92 -8.20 -4.82
C GLY A 23 -7.01 -7.23 -5.98
N ASP A 24 -7.78 -6.15 -5.79
CA ASP A 24 -7.95 -5.15 -6.83
C ASP A 24 -6.63 -4.85 -7.52
N GLN A 25 -6.71 -4.22 -8.68
CA GLN A 25 -5.51 -3.88 -9.45
C GLN A 25 -4.94 -2.53 -9.01
N ILE A 26 -3.72 -2.54 -8.51
CA ILE A 26 -3.06 -1.31 -8.06
C ILE A 26 -2.97 -0.30 -9.19
N GLY A 27 -3.69 0.81 -9.04
CA GLY A 27 -3.67 1.85 -10.04
C GLY A 27 -2.32 2.53 -10.16
N LEU A 28 -2.34 3.84 -10.39
CA LEU A 28 -1.10 4.61 -10.53
C LEU A 28 -0.98 5.65 -9.42
N THR A 29 0.21 6.24 -9.28
CA THR A 29 0.45 7.25 -8.27
C THR A 29 -0.08 8.60 -8.71
N VAL A 30 -0.15 9.55 -7.77
CA VAL A 30 -0.63 10.89 -8.07
C VAL A 30 -0.01 11.44 -9.35
N GLU A 31 1.27 11.12 -9.56
CA GLU A 31 1.98 11.58 -10.74
C GLU A 31 1.66 10.69 -11.95
N GLY A 32 1.85 9.39 -11.77
CA GLY A 32 1.59 8.45 -12.84
C GLY A 32 2.33 7.14 -12.67
N ASP A 33 3.49 7.19 -12.04
CA ASP A 33 4.30 6.00 -11.81
C ASP A 33 3.51 4.95 -11.02
N LEU A 34 3.96 3.71 -11.09
CA LEU A 34 3.29 2.62 -10.40
C LEU A 34 3.38 2.81 -8.89
N PHE A 35 2.25 2.65 -8.21
CA PHE A 35 2.20 2.80 -6.77
C PHE A 35 2.93 1.65 -6.07
N VAL A 36 4.20 1.88 -5.75
CA VAL A 36 5.01 0.87 -5.07
C VAL A 36 4.87 0.97 -3.57
N ALA A 37 3.79 0.39 -3.03
CA ALA A 37 3.54 0.41 -1.60
C ALA A 37 4.80 0.08 -0.81
N CYS A 38 5.27 -1.16 -0.94
CA CYS A 38 6.47 -1.60 -0.25
C CYS A 38 7.62 -1.84 -1.24
N ASN A 39 8.83 -1.55 -0.79
CA ASN A 39 10.01 -1.73 -1.63
C ASN A 39 10.94 -2.79 -1.04
N GLU A 40 11.08 -2.79 0.27
CA GLU A 40 11.92 -3.75 0.95
C GLU A 40 11.70 -5.16 0.42
N CYS A 41 10.47 -5.66 0.58
CA CYS A 41 10.12 -6.99 0.11
C CYS A 41 9.42 -6.93 -1.24
N GLY A 42 8.57 -5.92 -1.40
CA GLY A 42 7.83 -5.77 -2.66
C GLY A 42 6.40 -6.22 -2.54
N PHE A 43 5.82 -6.06 -1.36
CA PHE A 43 4.43 -6.47 -1.12
C PHE A 43 3.47 -5.55 -1.87
N PRO A 44 2.68 -6.13 -2.78
CA PRO A 44 1.70 -5.40 -3.58
C PRO A 44 0.52 -4.90 -2.74
N ALA A 45 0.44 -3.59 -2.57
CA ALA A 45 -0.63 -2.98 -1.79
C ALA A 45 -1.13 -1.70 -2.45
N CYS A 46 -2.39 -1.71 -2.89
CA CYS A 46 -2.97 -0.54 -3.53
C CYS A 46 -2.91 0.68 -2.61
N ARG A 47 -3.48 1.79 -3.08
CA ARG A 47 -3.48 3.02 -2.31
C ARG A 47 -4.36 2.88 -1.06
N PRO A 48 -5.62 2.46 -1.27
CA PRO A 48 -6.58 2.27 -0.18
C PRO A 48 -6.22 1.09 0.72
N CYS A 49 -4.98 0.62 0.61
CA CYS A 49 -4.52 -0.49 1.41
C CYS A 49 -3.27 -0.12 2.20
N TYR A 50 -2.40 0.66 1.58
CA TYR A 50 -1.17 1.10 2.22
C TYR A 50 -1.41 2.32 3.12
N GLU A 51 -2.10 3.31 2.57
CA GLU A 51 -2.41 4.53 3.31
C GLU A 51 -3.07 4.20 4.64
N TYR A 52 -4.20 3.50 4.58
CA TYR A 52 -4.94 3.13 5.79
C TYR A 52 -4.01 2.49 6.82
N GLU A 53 -3.11 1.63 6.35
CA GLU A 53 -2.16 0.95 7.23
C GLU A 53 -1.43 1.95 8.11
N ARG A 54 -1.19 3.14 7.57
CA ARG A 54 -0.50 4.19 8.30
C ARG A 54 -1.49 5.08 9.05
N ARG A 55 -2.70 5.17 8.52
CA ARG A 55 -3.74 6.00 9.13
C ARG A 55 -4.21 5.39 10.46
N GLU A 56 -4.61 4.12 10.41
CA GLU A 56 -5.09 3.44 11.61
C GLU A 56 -4.32 2.13 11.82
N GLY A 57 -3.78 1.59 10.73
CA GLY A 57 -3.03 0.35 10.82
C GLY A 57 -1.88 0.43 11.80
N THR A 58 -0.94 -0.49 11.67
CA THR A 58 0.22 -0.52 12.56
C THR A 58 1.46 0.03 11.86
N GLN A 59 1.30 0.44 10.61
CA GLN A 59 2.40 0.99 9.84
C GLN A 59 3.51 -0.04 9.65
N ASN A 60 3.11 -1.29 9.38
CA ASN A 60 4.07 -2.37 9.18
C ASN A 60 3.58 -3.33 8.10
N CYS A 61 4.44 -3.59 7.12
CA CYS A 61 4.08 -4.49 6.03
C CYS A 61 3.66 -5.84 6.56
N PRO A 62 2.44 -6.28 6.18
CA PRO A 62 1.90 -7.57 6.60
C PRO A 62 2.62 -8.75 5.97
N GLN A 63 3.68 -8.46 5.21
CA GLN A 63 4.46 -9.50 4.55
C GLN A 63 5.88 -9.53 5.09
N CYS A 64 6.47 -8.34 5.26
CA CYS A 64 7.83 -8.24 5.76
C CYS A 64 7.87 -7.44 7.06
N LYS A 65 6.81 -6.70 7.33
CA LYS A 65 6.72 -5.89 8.53
C LYS A 65 7.89 -4.92 8.63
N THR A 66 8.08 -4.12 7.58
CA THR A 66 9.16 -3.14 7.54
C THR A 66 8.63 -1.73 7.73
N ARG A 67 9.49 -0.84 8.20
CA ARG A 67 9.11 0.56 8.43
C ARG A 67 8.57 1.18 7.14
N TYR A 68 7.44 1.88 7.26
CA TYR A 68 6.83 2.53 6.12
C TYR A 68 7.50 3.86 5.80
N LYS A 69 7.02 4.55 4.77
CA LYS A 69 7.57 5.83 4.38
C LYS A 69 6.50 6.71 3.74
N ARG A 70 6.55 8.00 4.05
CA ARG A 70 5.58 8.95 3.50
C ARG A 70 5.48 8.81 1.99
N LEU A 71 4.27 8.58 1.49
CA LEU A 71 4.04 8.43 0.07
C LEU A 71 3.24 9.60 -0.48
N ARG A 72 3.23 9.74 -1.81
CA ARG A 72 2.50 10.82 -2.46
C ARG A 72 1.03 10.84 -2.01
N GLY A 73 0.51 9.65 -1.70
CA GLY A 73 -0.88 9.55 -1.26
C GLY A 73 -1.00 9.50 0.25
N SER A 74 -0.23 8.62 0.88
CA SER A 74 -0.27 8.47 2.33
C SER A 74 0.16 9.76 3.02
N PRO A 75 -0.81 10.42 3.67
CA PRO A 75 -0.57 11.68 4.39
C PRO A 75 0.28 11.47 5.64
N ARG A 76 0.93 12.54 6.09
CA ARG A 76 1.77 12.48 7.28
C ARG A 76 1.00 11.92 8.46
N VAL A 77 1.70 11.23 9.35
CA VAL A 77 1.09 10.63 10.53
C VAL A 77 2.03 10.69 11.73
N GLU A 78 1.49 10.40 12.91
CA GLU A 78 2.28 10.41 14.14
C GLU A 78 3.44 9.43 14.04
N GLY A 79 4.65 9.96 13.85
CA GLY A 79 5.83 9.12 13.75
C GLY A 79 6.87 9.70 12.82
N ASP A 80 6.43 10.22 11.68
CA ASP A 80 7.33 10.80 10.71
C ASP A 80 8.35 11.72 11.38
N GLU A 81 9.42 12.04 10.66
CA GLU A 81 10.46 12.91 11.21
C GLU A 81 10.06 14.38 11.10
N ASP A 82 8.84 14.62 10.62
CA ASP A 82 8.33 15.97 10.46
C ASP A 82 8.23 16.66 11.82
N GLU A 83 8.39 17.98 11.81
CA GLU A 83 8.32 18.77 13.05
C GLU A 83 7.06 18.42 13.84
N GLU A 84 7.25 18.13 15.13
CA GLU A 84 6.13 17.78 15.99
C GLU A 84 6.39 18.22 17.42
N ASP A 85 5.41 18.02 18.29
CA ASP A 85 5.53 18.39 19.70
C ASP A 85 6.92 18.05 20.22
N ILE A 86 7.66 19.08 20.63
CA ILE A 86 9.01 18.88 21.15
C ILE A 86 9.01 17.87 22.28
N ASP A 87 7.91 17.79 23.02
CA ASP A 87 7.79 16.86 24.13
C ASP A 87 7.56 15.44 23.62
N SER A 88 8.59 14.61 23.71
CA SER A 88 8.50 13.23 23.24
C SER A 88 8.67 12.25 24.41
N GLY A 89 8.20 11.03 24.23
CA GLY A 89 8.32 10.02 25.26
C GLY A 89 9.74 9.55 25.47
N PRO A 90 10.04 9.03 26.67
CA PRO A 90 11.37 8.54 27.01
C PRO A 90 11.73 7.26 26.28
N SER A 91 10.76 6.73 25.54
CA SER A 91 10.96 5.49 24.78
C SER A 91 10.54 5.67 23.33
N SER A 92 11.30 5.07 22.42
CA SER A 92 11.00 5.16 20.99
C SER A 92 10.26 3.92 20.51
N GLY A 93 8.93 3.96 20.62
CA GLY A 93 8.12 2.83 20.19
C GLY A 93 7.26 3.17 18.99
ZN ZN B . -5.54 -3.56 -1.95
ZN ZN C . 6.99 -5.53 2.45
N GLY A 1 -33.89 1.51 -4.44
CA GLY A 1 -33.67 0.25 -5.11
C GLY A 1 -32.28 0.13 -5.70
N SER A 2 -31.86 -1.09 -6.01
CA SER A 2 -30.54 -1.33 -6.57
C SER A 2 -30.50 -2.69 -7.29
N SER A 3 -29.39 -2.94 -7.99
CA SER A 3 -29.23 -4.19 -8.72
C SER A 3 -27.79 -4.34 -9.20
N GLY A 4 -27.49 -5.49 -9.79
CA GLY A 4 -26.15 -5.74 -10.29
C GLY A 4 -26.10 -6.91 -11.27
N SER A 5 -24.90 -7.45 -11.48
CA SER A 5 -24.73 -8.57 -12.40
C SER A 5 -23.96 -9.70 -11.73
N SER A 6 -24.08 -10.90 -12.29
CA SER A 6 -23.40 -12.07 -11.75
C SER A 6 -22.87 -12.97 -12.88
N GLY A 7 -21.55 -13.00 -13.03
CA GLY A 7 -20.96 -13.83 -14.06
C GLY A 7 -19.45 -13.93 -13.91
N PRO A 8 -18.79 -14.43 -14.96
CA PRO A 8 -17.33 -14.60 -14.97
C PRO A 8 -16.59 -13.26 -15.01
N LYS A 9 -15.26 -13.33 -14.89
CA LYS A 9 -14.45 -12.12 -14.91
C LYS A 9 -13.38 -12.21 -16.00
N PRO A 10 -12.95 -11.05 -16.52
CA PRO A 10 -11.92 -10.97 -17.56
C PRO A 10 -10.55 -11.36 -17.05
N LEU A 11 -9.96 -12.40 -17.65
CA LEU A 11 -8.64 -12.87 -17.25
C LEU A 11 -7.55 -11.95 -17.81
N LYS A 12 -6.66 -11.51 -16.93
CA LYS A 12 -5.57 -10.63 -17.34
C LYS A 12 -4.24 -11.10 -16.75
N ASN A 13 -3.16 -10.89 -17.49
CA ASN A 13 -1.83 -11.29 -17.03
C ASN A 13 -1.71 -11.15 -15.52
N LEU A 14 -0.92 -12.03 -14.92
CA LEU A 14 -0.71 -12.01 -13.47
C LEU A 14 0.65 -11.40 -13.13
N ASP A 15 1.00 -10.31 -13.81
CA ASP A 15 2.27 -9.64 -13.58
C ASP A 15 2.57 -9.57 -12.09
N GLY A 16 1.57 -9.20 -11.29
CA GLY A 16 1.76 -9.10 -9.86
C GLY A 16 1.31 -7.77 -9.31
N GLN A 17 1.54 -6.71 -10.08
CA GLN A 17 1.17 -5.37 -9.66
C GLN A 17 -0.17 -5.38 -8.93
N PHE A 18 -1.02 -6.34 -9.27
CA PHE A 18 -2.33 -6.48 -8.65
C PHE A 18 -2.21 -6.66 -7.14
N CYS A 19 -2.79 -5.75 -6.38
CA CYS A 19 -2.75 -5.82 -4.92
C CYS A 19 -3.08 -7.22 -4.43
N GLU A 20 -2.56 -7.58 -3.27
CA GLU A 20 -2.81 -8.89 -2.68
C GLU A 20 -3.80 -8.80 -1.53
N ILE A 21 -3.65 -7.76 -0.71
CA ILE A 21 -4.54 -7.56 0.43
C ILE A 21 -6.00 -7.73 0.03
N CYS A 22 -6.47 -6.84 -0.84
CA CYS A 22 -7.85 -6.89 -1.31
C CYS A 22 -7.95 -7.60 -2.66
N GLY A 23 -7.00 -7.29 -3.55
CA GLY A 23 -7.00 -7.91 -4.86
C GLY A 23 -6.99 -6.89 -5.99
N ASP A 24 -7.80 -5.84 -5.84
CA ASP A 24 -7.88 -4.79 -6.84
C ASP A 24 -6.53 -4.56 -7.50
N GLN A 25 -6.55 -4.18 -8.77
CA GLN A 25 -5.32 -3.93 -9.52
C GLN A 25 -4.70 -2.60 -9.11
N ILE A 26 -3.50 -2.66 -8.56
CA ILE A 26 -2.80 -1.46 -8.12
C ILE A 26 -2.67 -0.45 -9.25
N GLY A 27 -3.31 0.70 -9.09
CA GLY A 27 -3.27 1.74 -10.12
C GLY A 27 -1.92 2.42 -10.18
N LEU A 28 -1.93 3.70 -10.56
CA LEU A 28 -0.69 4.46 -10.66
C LEU A 28 -0.64 5.57 -9.61
N THR A 29 0.57 6.04 -9.31
CA THR A 29 0.75 7.10 -8.32
C THR A 29 0.25 8.43 -8.85
N VAL A 30 0.06 9.40 -7.95
CA VAL A 30 -0.41 10.72 -8.33
C VAL A 30 0.34 11.25 -9.55
N GLU A 31 1.61 10.86 -9.68
CA GLU A 31 2.43 11.30 -10.79
C GLU A 31 2.08 10.51 -12.06
N GLY A 32 2.19 9.19 -11.97
CA GLY A 32 1.88 8.35 -13.12
C GLY A 32 2.61 7.02 -13.07
N ASP A 33 3.63 6.93 -12.23
CA ASP A 33 4.40 5.71 -12.09
C ASP A 33 3.59 4.63 -11.38
N LEU A 34 4.17 3.44 -11.26
CA LEU A 34 3.51 2.32 -10.60
C LEU A 34 3.53 2.49 -9.09
N PHE A 35 2.37 2.42 -8.47
CA PHE A 35 2.25 2.56 -7.02
C PHE A 35 2.69 1.28 -6.32
N VAL A 36 3.90 1.30 -5.75
CA VAL A 36 4.44 0.14 -5.05
C VAL A 36 4.65 0.46 -3.56
N ALA A 37 3.59 0.32 -2.78
CA ALA A 37 3.66 0.58 -1.35
C ALA A 37 4.98 0.10 -0.76
N CYS A 38 5.26 -1.20 -0.92
CA CYS A 38 6.50 -1.78 -0.42
C CYS A 38 7.41 -2.22 -1.57
N ASN A 39 8.70 -1.99 -1.40
CA ASN A 39 9.68 -2.36 -2.43
C ASN A 39 10.69 -3.37 -1.87
N GLU A 40 11.12 -3.15 -0.64
CA GLU A 40 12.08 -4.04 0.00
C GLU A 40 11.73 -5.49 -0.25
N CYS A 41 10.55 -5.90 0.19
CA CYS A 41 10.10 -7.27 0.02
C CYS A 41 9.32 -7.43 -1.30
N GLY A 42 8.54 -6.40 -1.64
CA GLY A 42 7.76 -6.44 -2.86
C GLY A 42 6.31 -6.83 -2.62
N PHE A 43 5.75 -6.33 -1.52
CA PHE A 43 4.36 -6.63 -1.17
C PHE A 43 3.40 -5.72 -1.94
N PRO A 44 2.59 -6.33 -2.81
CA PRO A 44 1.60 -5.60 -3.62
C PRO A 44 0.46 -5.03 -2.78
N ALA A 45 0.44 -3.71 -2.63
CA ALA A 45 -0.59 -3.04 -1.86
C ALA A 45 -1.05 -1.76 -2.54
N CYS A 46 -2.33 -1.72 -2.92
CA CYS A 46 -2.89 -0.56 -3.58
C CYS A 46 -2.82 0.67 -2.69
N ARG A 47 -3.36 1.79 -3.17
CA ARG A 47 -3.36 3.02 -2.41
C ARG A 47 -4.28 2.92 -1.19
N PRO A 48 -5.54 2.52 -1.43
CA PRO A 48 -6.53 2.37 -0.36
C PRO A 48 -6.23 1.19 0.55
N CYS A 49 -4.99 0.72 0.52
CA CYS A 49 -4.56 -0.40 1.34
C CYS A 49 -3.35 -0.04 2.18
N TYR A 50 -2.48 0.80 1.61
CA TYR A 50 -1.27 1.22 2.32
C TYR A 50 -1.56 2.42 3.20
N GLU A 51 -2.25 3.41 2.65
CA GLU A 51 -2.59 4.61 3.40
C GLU A 51 -3.24 4.26 4.74
N TYR A 52 -4.26 3.43 4.69
CA TYR A 52 -4.97 3.02 5.89
C TYR A 52 -4.01 2.40 6.90
N GLU A 53 -3.06 1.61 6.41
CA GLU A 53 -2.09 0.96 7.26
C GLU A 53 -1.37 1.97 8.14
N ARG A 54 -1.19 3.18 7.62
CA ARG A 54 -0.52 4.25 8.36
C ARG A 54 -1.53 5.12 9.10
N ARG A 55 -2.75 5.16 8.57
CA ARG A 55 -3.82 5.96 9.19
C ARG A 55 -4.25 5.35 10.51
N GLU A 56 -4.64 4.07 10.47
CA GLU A 56 -5.08 3.37 11.67
C GLU A 56 -4.30 2.08 11.88
N GLY A 57 -3.76 1.54 10.79
CA GLY A 57 -2.99 0.31 10.86
C GLY A 57 -1.84 0.41 11.84
N THR A 58 -0.87 -0.48 11.69
CA THR A 58 0.29 -0.50 12.57
C THR A 58 1.52 0.06 11.87
N GLN A 59 1.34 0.53 10.64
CA GLN A 59 2.44 1.09 9.86
C GLN A 59 3.52 0.05 9.63
N ASN A 60 3.11 -1.20 9.45
CA ASN A 60 4.06 -2.29 9.21
C ASN A 60 3.55 -3.22 8.11
N CYS A 61 4.44 -3.59 7.20
CA CYS A 61 4.09 -4.48 6.10
C CYS A 61 3.68 -5.85 6.62
N PRO A 62 2.47 -6.29 6.25
CA PRO A 62 1.94 -7.59 6.66
C PRO A 62 2.66 -8.76 6.01
N GLN A 63 3.70 -8.44 5.24
CA GLN A 63 4.48 -9.46 4.55
C GLN A 63 5.91 -9.49 5.07
N CYS A 64 6.52 -8.32 5.21
CA CYS A 64 7.89 -8.21 5.70
C CYS A 64 7.94 -7.39 6.99
N LYS A 65 6.87 -6.66 7.27
CA LYS A 65 6.79 -5.84 8.47
C LYS A 65 7.95 -4.84 8.51
N THR A 66 8.16 -4.13 7.42
CA THR A 66 9.23 -3.14 7.34
C THR A 66 8.69 -1.73 7.56
N ARG A 67 9.50 -0.90 8.21
CA ARG A 67 9.11 0.48 8.50
C ARG A 67 8.56 1.16 7.24
N TYR A 68 7.42 1.83 7.38
CA TYR A 68 6.79 2.51 6.27
C TYR A 68 7.45 3.86 6.01
N LYS A 69 6.92 4.61 5.05
CA LYS A 69 7.45 5.91 4.70
C LYS A 69 6.35 6.82 4.16
N ARG A 70 6.42 8.10 4.50
CA ARG A 70 5.44 9.08 4.04
C ARG A 70 5.39 9.12 2.52
N LEU A 71 4.27 8.67 1.96
CA LEU A 71 4.09 8.65 0.51
C LEU A 71 3.35 9.91 0.04
N ARG A 72 3.13 9.99 -1.27
CA ARG A 72 2.43 11.14 -1.85
C ARG A 72 0.95 11.11 -1.48
N GLY A 73 0.35 9.93 -1.54
CA GLY A 73 -1.06 9.80 -1.23
C GLY A 73 -1.31 9.78 0.28
N SER A 74 -0.58 8.92 0.99
CA SER A 74 -0.74 8.81 2.43
C SER A 74 -0.20 10.05 3.14
N PRO A 75 -1.10 10.78 3.80
CA PRO A 75 -0.75 12.01 4.52
C PRO A 75 0.08 11.72 5.77
N ARG A 76 0.18 12.71 6.65
CA ARG A 76 0.95 12.57 7.88
C ARG A 76 0.13 11.87 8.96
N VAL A 77 0.79 11.03 9.75
CA VAL A 77 0.12 10.29 10.81
C VAL A 77 0.87 10.43 12.14
N GLU A 78 0.36 9.78 13.18
CA GLU A 78 0.98 9.83 14.49
C GLU A 78 1.34 11.26 14.87
N GLY A 79 0.36 12.15 14.79
CA GLY A 79 0.60 13.55 15.13
C GLY A 79 0.02 14.49 14.09
N ASP A 80 -0.84 13.97 13.22
CA ASP A 80 -1.46 14.78 12.18
C ASP A 80 -2.77 14.15 11.71
N GLU A 81 -3.72 14.99 11.33
CA GLU A 81 -5.02 14.52 10.87
C GLU A 81 -5.62 15.49 9.85
N ASP A 82 -6.59 15.01 9.08
CA ASP A 82 -7.24 15.83 8.08
C ASP A 82 -8.63 16.26 8.54
N GLU A 83 -9.40 15.30 9.05
CA GLU A 83 -10.75 15.58 9.54
C GLU A 83 -10.84 15.35 11.05
N GLU A 84 -10.97 16.45 11.79
CA GLU A 84 -11.06 16.37 13.25
C GLU A 84 -12.49 16.06 13.68
N ASP A 85 -13.13 15.13 12.98
CA ASP A 85 -14.50 14.75 13.28
C ASP A 85 -14.53 13.43 14.06
N ILE A 86 -15.73 13.01 14.46
CA ILE A 86 -15.90 11.77 15.20
C ILE A 86 -16.25 10.61 14.27
N ASP A 87 -15.63 9.47 14.50
CA ASP A 87 -15.88 8.29 13.69
C ASP A 87 -17.38 8.07 13.49
N SER A 88 -17.73 7.34 12.44
CA SER A 88 -19.13 7.07 12.14
C SER A 88 -19.34 5.60 11.77
N GLY A 89 -20.40 5.01 12.28
CA GLY A 89 -20.69 3.62 11.99
C GLY A 89 -20.35 3.23 10.56
N PRO A 90 -19.88 1.99 10.37
CA PRO A 90 -19.50 1.49 9.05
C PRO A 90 -20.71 1.27 8.15
N SER A 91 -20.45 1.08 6.86
CA SER A 91 -21.52 0.86 5.88
C SER A 91 -21.02 0.00 4.72
N SER A 92 -21.54 -1.23 4.65
CA SER A 92 -21.15 -2.15 3.60
C SER A 92 -20.90 -1.41 2.29
N GLY A 93 -21.83 -0.50 1.95
CA GLY A 93 -21.70 0.26 0.72
C GLY A 93 -21.79 1.76 0.97
ZN ZN B . -5.62 -3.47 -2.06
ZN ZN C . 6.96 -5.47 2.50
N GLY A 1 -30.84 -20.24 -6.70
CA GLY A 1 -29.60 -19.76 -7.28
C GLY A 1 -28.61 -20.87 -7.55
N SER A 2 -28.20 -21.57 -6.50
CA SER A 2 -27.24 -22.67 -6.63
C SER A 2 -26.11 -22.29 -7.56
N SER A 3 -25.61 -21.06 -7.42
CA SER A 3 -24.53 -20.57 -8.25
C SER A 3 -23.26 -21.39 -8.03
N GLY A 4 -22.22 -21.11 -8.82
CA GLY A 4 -20.97 -21.83 -8.69
C GLY A 4 -19.77 -20.92 -8.78
N SER A 5 -18.65 -21.45 -9.27
CA SER A 5 -17.43 -20.68 -9.40
C SER A 5 -16.59 -21.18 -10.58
N SER A 6 -15.46 -20.53 -10.81
CA SER A 6 -14.58 -20.89 -11.92
C SER A 6 -13.12 -20.88 -11.47
N GLY A 7 -12.35 -21.84 -11.96
CA GLY A 7 -10.94 -21.93 -11.60
C GLY A 7 -10.04 -21.27 -12.62
N PRO A 8 -9.54 -20.08 -12.29
CA PRO A 8 -8.64 -19.32 -13.18
C PRO A 8 -7.27 -19.97 -13.31
N LYS A 9 -6.88 -20.26 -14.56
CA LYS A 9 -5.60 -20.87 -14.82
C LYS A 9 -4.48 -19.83 -14.89
N PRO A 10 -3.25 -20.25 -14.60
CA PRO A 10 -2.08 -19.36 -14.62
C PRO A 10 -1.71 -18.93 -16.03
N LEU A 11 -2.17 -17.73 -16.41
CA LEU A 11 -1.89 -17.20 -17.74
C LEU A 11 -1.09 -15.90 -17.64
N LYS A 12 -0.58 -15.44 -18.78
CA LYS A 12 0.20 -14.21 -18.82
C LYS A 12 -0.30 -13.21 -17.79
N ASN A 13 -1.59 -12.92 -17.83
CA ASN A 13 -2.19 -11.98 -16.89
C ASN A 13 -1.83 -12.34 -15.45
N LEU A 14 -2.35 -11.57 -14.50
CA LEU A 14 -2.07 -11.80 -13.09
C LEU A 14 -0.57 -11.75 -12.81
N ASP A 15 0.10 -10.75 -13.36
CA ASP A 15 1.53 -10.59 -13.17
C ASP A 15 1.88 -10.50 -11.69
N GLY A 16 1.08 -9.74 -10.95
CA GLY A 16 1.31 -9.59 -9.52
C GLY A 16 0.88 -8.23 -9.01
N GLN A 17 1.12 -7.19 -9.81
CA GLN A 17 0.76 -5.84 -9.42
C GLN A 17 -0.55 -5.82 -8.64
N PHE A 18 -1.47 -6.71 -9.03
CA PHE A 18 -2.76 -6.80 -8.36
C PHE A 18 -2.60 -6.90 -6.84
N CYS A 19 -3.13 -5.91 -6.13
CA CYS A 19 -3.05 -5.89 -4.68
C CYS A 19 -3.42 -7.24 -4.09
N GLU A 20 -2.84 -7.57 -2.94
CA GLU A 20 -3.12 -8.84 -2.28
C GLU A 20 -4.06 -8.63 -1.10
N ILE A 21 -3.85 -7.55 -0.36
CA ILE A 21 -4.68 -7.24 0.81
C ILE A 21 -6.16 -7.39 0.47
N CYS A 22 -6.64 -6.59 -0.47
CA CYS A 22 -8.04 -6.62 -0.89
C CYS A 22 -8.20 -7.43 -2.17
N GLY A 23 -7.31 -7.19 -3.13
CA GLY A 23 -7.38 -7.90 -4.39
C GLY A 23 -7.37 -6.96 -5.59
N ASP A 24 -8.12 -5.87 -5.48
CA ASP A 24 -8.19 -4.89 -6.56
C ASP A 24 -6.85 -4.73 -7.25
N GLN A 25 -6.88 -4.32 -8.52
CA GLN A 25 -5.66 -4.13 -9.29
C GLN A 25 -5.01 -2.80 -8.96
N ILE A 26 -3.79 -2.85 -8.42
CA ILE A 26 -3.06 -1.65 -8.05
C ILE A 26 -2.90 -0.73 -9.25
N GLY A 27 -3.74 0.30 -9.33
CA GLY A 27 -3.67 1.24 -10.43
C GLY A 27 -2.31 1.92 -10.53
N LEU A 28 -2.29 3.12 -11.08
CA LEU A 28 -1.06 3.87 -11.24
C LEU A 28 -0.98 5.02 -10.24
N THR A 29 0.24 5.45 -9.93
CA THR A 29 0.45 6.54 -8.97
C THR A 29 -0.09 7.85 -9.52
N VAL A 30 -0.23 8.84 -8.64
CA VAL A 30 -0.74 10.14 -9.04
C VAL A 30 -0.14 10.58 -10.37
N GLU A 31 1.13 10.28 -10.57
CA GLU A 31 1.81 10.64 -11.80
C GLU A 31 1.50 9.64 -12.91
N GLY A 32 1.72 8.36 -12.62
CA GLY A 32 1.47 7.32 -13.60
C GLY A 32 2.29 6.07 -13.35
N ASP A 33 3.39 6.22 -12.63
CA ASP A 33 4.27 5.10 -12.32
C ASP A 33 3.58 4.12 -11.39
N LEU A 34 3.98 2.85 -11.46
CA LEU A 34 3.40 1.81 -10.63
C LEU A 34 3.49 2.19 -9.15
N PHE A 35 2.35 2.12 -8.46
CA PHE A 35 2.30 2.45 -7.04
C PHE A 35 2.94 1.36 -6.20
N VAL A 36 4.25 1.45 -6.00
CA VAL A 36 4.98 0.46 -5.22
C VAL A 36 4.89 0.77 -3.73
N ALA A 37 3.91 0.15 -3.07
CA ALA A 37 3.71 0.37 -1.64
C ALA A 37 4.93 -0.09 -0.84
N CYS A 38 5.49 -1.24 -1.21
CA CYS A 38 6.66 -1.78 -0.54
C CYS A 38 7.74 -2.15 -1.55
N ASN A 39 8.99 -1.97 -1.15
CA ASN A 39 10.13 -2.28 -2.01
C ASN A 39 11.01 -3.36 -1.39
N GLU A 40 11.23 -3.25 -0.09
CA GLU A 40 12.07 -4.22 0.63
C GLU A 40 11.74 -5.65 0.20
N CYS A 41 10.48 -6.05 0.41
CA CYS A 41 10.05 -7.38 0.04
C CYS A 41 9.27 -7.36 -1.27
N GLY A 42 8.49 -6.30 -1.48
CA GLY A 42 7.71 -6.18 -2.69
C GLY A 42 6.29 -6.69 -2.53
N PHE A 43 5.64 -6.29 -1.45
CA PHE A 43 4.27 -6.71 -1.17
C PHE A 43 3.28 -5.83 -1.91
N PRO A 44 2.39 -6.46 -2.69
CA PRO A 44 1.37 -5.75 -3.47
C PRO A 44 0.29 -5.14 -2.58
N ALA A 45 0.17 -3.82 -2.64
CA ALA A 45 -0.82 -3.10 -1.84
C ALA A 45 -1.24 -1.80 -2.53
N CYS A 46 -2.49 -1.75 -2.97
CA CYS A 46 -3.02 -0.57 -3.64
C CYS A 46 -2.84 0.67 -2.78
N ARG A 47 -3.33 1.80 -3.27
CA ARG A 47 -3.21 3.07 -2.54
C ARG A 47 -4.10 3.05 -1.30
N PRO A 48 -5.38 2.71 -1.49
CA PRO A 48 -6.36 2.66 -0.39
C PRO A 48 -6.09 1.50 0.55
N CYS A 49 -4.89 0.94 0.48
CA CYS A 49 -4.51 -0.18 1.34
C CYS A 49 -3.27 0.15 2.15
N TYR A 50 -2.31 0.82 1.51
CA TYR A 50 -1.07 1.21 2.18
C TYR A 50 -1.30 2.37 3.13
N GLU A 51 -2.11 3.33 2.69
CA GLU A 51 -2.41 4.51 3.50
C GLU A 51 -3.06 4.11 4.82
N TYR A 52 -4.20 3.43 4.72
CA TYR A 52 -4.93 2.98 5.91
C TYR A 52 -4.00 2.28 6.89
N GLU A 53 -3.25 1.30 6.38
CA GLU A 53 -2.31 0.54 7.20
C GLU A 53 -1.57 1.46 8.17
N ARG A 54 -1.28 2.67 7.72
CA ARG A 54 -0.57 3.65 8.55
C ARG A 54 -1.56 4.49 9.35
N ARG A 55 -2.70 4.79 8.74
CA ARG A 55 -3.73 5.59 9.39
C ARG A 55 -4.14 4.98 10.73
N GLU A 56 -4.81 3.85 10.66
CA GLU A 56 -5.26 3.16 11.87
C GLU A 56 -4.65 1.76 11.96
N GLY A 57 -4.08 1.30 10.86
CA GLY A 57 -3.47 -0.02 10.84
C GLY A 57 -2.33 -0.14 11.83
N THR A 58 -1.31 -0.91 11.47
CA THR A 58 -0.16 -1.12 12.35
C THR A 58 1.04 -0.31 11.87
N GLN A 59 0.96 0.20 10.65
CA GLN A 59 2.04 1.00 10.08
C GLN A 59 3.26 0.13 9.79
N ASN A 60 3.02 -1.08 9.30
CA ASN A 60 4.09 -2.00 8.98
C ASN A 60 3.63 -3.07 7.99
N CYS A 61 4.37 -3.21 6.89
CA CYS A 61 4.03 -4.19 5.87
C CYS A 61 3.63 -5.52 6.49
N PRO A 62 2.42 -5.99 6.15
CA PRO A 62 1.89 -7.26 6.67
C PRO A 62 2.63 -8.47 6.11
N GLN A 63 3.67 -8.21 5.31
CA GLN A 63 4.46 -9.28 4.71
C GLN A 63 5.88 -9.27 5.25
N CYS A 64 6.47 -8.07 5.35
CA CYS A 64 7.83 -7.92 5.84
C CYS A 64 7.85 -7.08 7.11
N LYS A 65 6.81 -6.29 7.31
CA LYS A 65 6.72 -5.44 8.48
C LYS A 65 7.92 -4.51 8.60
N THR A 66 8.31 -3.92 7.46
CA THR A 66 9.45 -3.01 7.42
C THR A 66 9.00 -1.57 7.58
N ARG A 67 9.90 -0.72 8.06
CA ARG A 67 9.60 0.69 8.25
C ARG A 67 8.97 1.29 6.99
N TYR A 68 7.86 2.00 7.16
CA TYR A 68 7.17 2.61 6.04
C TYR A 68 7.72 4.01 5.77
N LYS A 69 7.10 4.70 4.81
CA LYS A 69 7.52 6.06 4.45
C LYS A 69 6.33 6.90 4.04
N ARG A 70 6.35 8.17 4.44
CA ARG A 70 5.27 9.10 4.11
C ARG A 70 5.20 9.34 2.60
N LEU A 71 4.14 8.83 1.98
CA LEU A 71 3.95 9.00 0.54
C LEU A 71 3.25 10.31 0.23
N ARG A 72 2.94 10.53 -1.05
CA ARG A 72 2.27 11.74 -1.48
C ARG A 72 0.88 11.85 -0.85
N GLY A 73 0.19 10.71 -0.75
CA GLY A 73 -1.13 10.69 -0.18
C GLY A 73 -1.13 10.28 1.28
N SER A 74 -0.47 9.17 1.57
CA SER A 74 -0.39 8.66 2.94
C SER A 74 -0.12 9.79 3.93
N PRO A 75 -1.17 10.19 4.67
CA PRO A 75 -1.06 11.26 5.66
C PRO A 75 -0.22 10.86 6.87
N ARG A 76 0.43 11.84 7.49
CA ARG A 76 1.26 11.58 8.65
C ARG A 76 0.47 10.85 9.74
N VAL A 77 1.15 9.98 10.48
CA VAL A 77 0.51 9.23 11.55
C VAL A 77 1.35 9.24 12.82
N GLU A 78 0.91 8.50 13.83
CA GLU A 78 1.62 8.44 15.10
C GLU A 78 2.79 7.45 15.01
N GLY A 79 3.50 7.47 13.89
CA GLY A 79 4.62 6.58 13.70
C GLY A 79 5.82 7.26 13.07
N ASP A 80 5.54 8.22 12.19
CA ASP A 80 6.62 8.96 11.52
C ASP A 80 7.40 9.79 12.52
N GLU A 81 6.69 10.43 13.44
CA GLU A 81 7.34 11.27 14.45
C GLU A 81 6.42 11.46 15.65
N ASP A 82 6.97 11.25 16.84
CA ASP A 82 6.20 11.40 18.08
C ASP A 82 6.08 12.87 18.46
N GLU A 83 5.10 13.18 19.32
CA GLU A 83 4.89 14.55 19.77
C GLU A 83 4.64 14.60 21.27
N GLU A 84 4.53 15.80 21.80
CA GLU A 84 4.30 15.99 23.23
C GLU A 84 2.86 16.39 23.50
N ASP A 85 2.04 15.43 23.88
CA ASP A 85 0.63 15.68 24.15
C ASP A 85 0.18 14.95 25.42
N ILE A 86 -1.02 15.24 25.87
CA ILE A 86 -1.57 14.61 27.06
C ILE A 86 -2.75 13.70 26.73
N ASP A 87 -3.65 14.20 25.89
CA ASP A 87 -4.82 13.44 25.49
C ASP A 87 -4.43 12.05 25.00
N SER A 88 -5.27 11.06 25.30
CA SER A 88 -5.00 9.69 24.91
C SER A 88 -6.26 8.84 25.03
N GLY A 89 -6.40 7.86 24.13
CA GLY A 89 -7.56 6.99 24.16
C GLY A 89 -7.36 5.73 23.34
N PRO A 90 -6.40 4.90 23.75
CA PRO A 90 -6.08 3.64 23.05
C PRO A 90 -7.19 2.60 23.22
N SER A 91 -8.13 2.61 22.28
CA SER A 91 -9.24 1.66 22.31
C SER A 91 -10.04 1.71 21.02
N SER A 92 -10.59 0.57 20.63
CA SER A 92 -11.38 0.47 19.40
C SER A 92 -12.82 0.09 19.71
N GLY A 93 -12.99 -1.05 20.38
CA GLY A 93 -14.31 -1.53 20.72
C GLY A 93 -15.27 -1.48 19.55
ZN ZN B . -5.82 -3.31 -1.91
ZN ZN C . 7.01 -5.60 2.49
#